data_9CP6
# 
_entry.id   9CP6 
# 
_audit_conform.dict_name       mmcif_pdbx.dic 
_audit_conform.dict_version    5.403 
_audit_conform.dict_location   http://mmcif.pdb.org/dictionaries/ascii/mmcif_pdbx.dic 
# 
loop_
_database_2.database_id 
_database_2.database_code 
_database_2.pdbx_database_accession 
_database_2.pdbx_DOI 
PDB   9CP6         pdb_00009cp6 10.2210/pdb9cp6/pdb 
WWPDB D_1000286036 ?            ?                   
# 
loop_
_pdbx_audit_revision_history.ordinal 
_pdbx_audit_revision_history.data_content_type 
_pdbx_audit_revision_history.major_revision 
_pdbx_audit_revision_history.minor_revision 
_pdbx_audit_revision_history.revision_date 
_pdbx_audit_revision_history.part_number 
1 'Structure model' 1 0 2025-03-12 ? 
2 'Structure model' 1 1 2025-04-09 ? 
# 
_pdbx_audit_revision_details.ordinal             1 
_pdbx_audit_revision_details.revision_ordinal    1 
_pdbx_audit_revision_details.data_content_type   'Structure model' 
_pdbx_audit_revision_details.provider            repository 
_pdbx_audit_revision_details.type                'Initial release' 
_pdbx_audit_revision_details.description         ? 
_pdbx_audit_revision_details.details             ? 
# 
_pdbx_audit_revision_group.ordinal             1 
_pdbx_audit_revision_group.revision_ordinal    2 
_pdbx_audit_revision_group.data_content_type   'Structure model' 
_pdbx_audit_revision_group.group               'Database references' 
# 
loop_
_pdbx_audit_revision_category.ordinal 
_pdbx_audit_revision_category.revision_ordinal 
_pdbx_audit_revision_category.data_content_type 
_pdbx_audit_revision_category.category 
1 2 'Structure model' citation        
2 2 'Structure model' citation_author 
# 
loop_
_pdbx_audit_revision_item.ordinal 
_pdbx_audit_revision_item.revision_ordinal 
_pdbx_audit_revision_item.data_content_type 
_pdbx_audit_revision_item.item 
1 2 'Structure model' '_citation.journal_volume'          
2 2 'Structure model' '_citation.pdbx_database_id_DOI'    
3 2 'Structure model' '_citation.pdbx_database_id_PubMed' 
4 2 'Structure model' '_citation.title'                   
5 2 'Structure model' '_citation_author.identifier_ORCID' 
# 
_pdbx_database_status.status_code                     REL 
_pdbx_database_status.status_code_sf                  REL 
_pdbx_database_status.status_code_mr                  ? 
_pdbx_database_status.entry_id                        9CP6 
_pdbx_database_status.recvd_initial_deposition_date   2024-07-17 
_pdbx_database_status.SG_entry                        N 
_pdbx_database_status.deposit_site                    RCSB 
_pdbx_database_status.process_site                    RCSB 
_pdbx_database_status.status_code_cs                  ? 
_pdbx_database_status.status_code_nmr_data            ? 
_pdbx_database_status.methods_development_category    ? 
_pdbx_database_status.pdb_format_compatible           Y 
# 
_pdbx_contact_author.id                 2 
_pdbx_contact_author.email              ovts222@uky.edu 
_pdbx_contact_author.name_first         Oleg 
_pdbx_contact_author.name_last          Tsodikov 
_pdbx_contact_author.name_mi            V. 
_pdbx_contact_author.role               'principal investigator/group leader' 
_pdbx_contact_author.identifier_ORCID   0000-0001-7094-4216 
# 
loop_
_audit_author.name 
_audit_author.pdbx_ordinal 
_audit_author.identifier_ORCID 
'Hou, C.'        1 ? 
'Tsodikov, O.V.' 2 ? 
# 
_citation.abstract                  ? 
_citation.abstract_id_CAS           ? 
_citation.book_id_ISBN              ? 
_citation.book_publisher            ? 
_citation.book_publisher_city       ? 
_citation.book_title                ? 
_citation.coordinate_linkage        ? 
_citation.country                   UK 
_citation.database_id_Medline       ? 
_citation.details                   ? 
_citation.id                        primary 
_citation.journal_abbrev            'Nucleic Acids Res.' 
_citation.journal_id_ASTM           NARHAD 
_citation.journal_id_CSD            0389 
_citation.journal_id_ISSN           1362-4962 
_citation.journal_full              ? 
_citation.journal_issue             ? 
_citation.journal_volume            53 
_citation.language                  ? 
_citation.page_first                ? 
_citation.page_last                 ? 
_citation.title                     'Structure and cooperative formation of a FLI1 filament on contiguous GGAA DNA sites.' 
_citation.year                      2025 
_citation.database_id_CSD           ? 
_citation.pdbx_database_id_DOI      10.1093/nar/gkaf205 
_citation.pdbx_database_id_PubMed   40131773 
_citation.pdbx_database_id_patent   ? 
_citation.unpublished_flag          ? 
# 
loop_
_citation_author.citation_id 
_citation_author.name 
_citation_author.ordinal 
_citation_author.identifier_ORCID 
primary 'Hou, C.'        1 ?                   
primary 'Tsodikov, O.V.' 2 0000-0001-7094-4216 
# 
loop_
_entity.id 
_entity.type 
_entity.src_method 
_entity.pdbx_description 
_entity.formula_weight 
_entity.pdbx_number_of_molecules 
_entity.pdbx_ec 
_entity.pdbx_mutation 
_entity.pdbx_fragment 
_entity.details 
1 polymer     man 'Friend leukemia integration 1 transcription factor' 13473.199 1  ? ? ? 'human FLI1 (residues 259-371)' 
2 non-polymer syn 'SODIUM ION'                                         22.990    1  ? ? ? ?                               
3 water       nat water                                                18.015    62 ? ? ? ?                               
# 
_entity_name_com.entity_id   1 
_entity_name_com.name        'Proto-oncogene Fli-1,Transcription factor ERGB' 
# 
_entity_poly.entity_id                      1 
_entity_poly.type                           'polypeptide(L)' 
_entity_poly.nstd_linkage                   no 
_entity_poly.nstd_monomer                   no 
_entity_poly.pdbx_seq_one_letter_code       
;GPHMQPDPYQILGPTSSRLANPGSGQIQLWQFLLELLSDSANASCITWEGTNGEFKMTDPDEVARRWGERKSKPNMNYDK
LSRALRYYYDKNIMTKVHGKRYAYKFDFHGIAQALQP
;
_entity_poly.pdbx_seq_one_letter_code_can   
;GPHMQPDPYQILGPTSSRLANPGSGQIQLWQFLLELLSDSANASCITWEGTNGEFKMTDPDEVARRWGERKSKPNMNYDK
LSRALRYYYDKNIMTKVHGKRYAYKFDFHGIAQALQP
;
_entity_poly.pdbx_strand_id                 A 
_entity_poly.pdbx_target_identifier         ? 
# 
loop_
_pdbx_entity_nonpoly.entity_id 
_pdbx_entity_nonpoly.name 
_pdbx_entity_nonpoly.comp_id 
2 'SODIUM ION' NA  
3 water        HOH 
# 
loop_
_entity_poly_seq.entity_id 
_entity_poly_seq.num 
_entity_poly_seq.mon_id 
_entity_poly_seq.hetero 
1 1   GLY n 
1 2   PRO n 
1 3   HIS n 
1 4   MET n 
1 5   GLN n 
1 6   PRO n 
1 7   ASP n 
1 8   PRO n 
1 9   TYR n 
1 10  GLN n 
1 11  ILE n 
1 12  LEU n 
1 13  GLY n 
1 14  PRO n 
1 15  THR n 
1 16  SER n 
1 17  SER n 
1 18  ARG n 
1 19  LEU n 
1 20  ALA n 
1 21  ASN n 
1 22  PRO n 
1 23  GLY n 
1 24  SER n 
1 25  GLY n 
1 26  GLN n 
1 27  ILE n 
1 28  GLN n 
1 29  LEU n 
1 30  TRP n 
1 31  GLN n 
1 32  PHE n 
1 33  LEU n 
1 34  LEU n 
1 35  GLU n 
1 36  LEU n 
1 37  LEU n 
1 38  SER n 
1 39  ASP n 
1 40  SER n 
1 41  ALA n 
1 42  ASN n 
1 43  ALA n 
1 44  SER n 
1 45  CYS n 
1 46  ILE n 
1 47  THR n 
1 48  TRP n 
1 49  GLU n 
1 50  GLY n 
1 51  THR n 
1 52  ASN n 
1 53  GLY n 
1 54  GLU n 
1 55  PHE n 
1 56  LYS n 
1 57  MET n 
1 58  THR n 
1 59  ASP n 
1 60  PRO n 
1 61  ASP n 
1 62  GLU n 
1 63  VAL n 
1 64  ALA n 
1 65  ARG n 
1 66  ARG n 
1 67  TRP n 
1 68  GLY n 
1 69  GLU n 
1 70  ARG n 
1 71  LYS n 
1 72  SER n 
1 73  LYS n 
1 74  PRO n 
1 75  ASN n 
1 76  MET n 
1 77  ASN n 
1 78  TYR n 
1 79  ASP n 
1 80  LYS n 
1 81  LEU n 
1 82  SER n 
1 83  ARG n 
1 84  ALA n 
1 85  LEU n 
1 86  ARG n 
1 87  TYR n 
1 88  TYR n 
1 89  TYR n 
1 90  ASP n 
1 91  LYS n 
1 92  ASN n 
1 93  ILE n 
1 94  MET n 
1 95  THR n 
1 96  LYS n 
1 97  VAL n 
1 98  HIS n 
1 99  GLY n 
1 100 LYS n 
1 101 ARG n 
1 102 TYR n 
1 103 ALA n 
1 104 TYR n 
1 105 LYS n 
1 106 PHE n 
1 107 ASP n 
1 108 PHE n 
1 109 HIS n 
1 110 GLY n 
1 111 ILE n 
1 112 ALA n 
1 113 GLN n 
1 114 ALA n 
1 115 LEU n 
1 116 GLN n 
1 117 PRO n 
# 
_entity_src_gen.entity_id                          1 
_entity_src_gen.pdbx_src_id                        1 
_entity_src_gen.pdbx_alt_source_flag               sample 
_entity_src_gen.pdbx_seq_type                      'Biological sequence' 
_entity_src_gen.pdbx_beg_seq_num                   1 
_entity_src_gen.pdbx_end_seq_num                   117 
_entity_src_gen.gene_src_common_name               human 
_entity_src_gen.gene_src_genus                     ? 
_entity_src_gen.pdbx_gene_src_gene                 FLI1 
_entity_src_gen.gene_src_species                   ? 
_entity_src_gen.gene_src_strain                    ? 
_entity_src_gen.gene_src_tissue                    ? 
_entity_src_gen.gene_src_tissue_fraction           ? 
_entity_src_gen.gene_src_details                   ? 
_entity_src_gen.pdbx_gene_src_fragment             ? 
_entity_src_gen.pdbx_gene_src_scientific_name      'Homo sapiens' 
_entity_src_gen.pdbx_gene_src_ncbi_taxonomy_id     9606 
_entity_src_gen.pdbx_gene_src_variant              ? 
_entity_src_gen.pdbx_gene_src_cell_line            ? 
_entity_src_gen.pdbx_gene_src_atcc                 ? 
_entity_src_gen.pdbx_gene_src_organ                ? 
_entity_src_gen.pdbx_gene_src_organelle            ? 
_entity_src_gen.pdbx_gene_src_cell                 ? 
_entity_src_gen.pdbx_gene_src_cellular_location    ? 
_entity_src_gen.host_org_common_name               ? 
_entity_src_gen.pdbx_host_org_scientific_name      'Escherichia coli BL21(DE3)' 
_entity_src_gen.pdbx_host_org_ncbi_taxonomy_id     469008 
_entity_src_gen.host_org_genus                     ? 
_entity_src_gen.pdbx_host_org_gene                 ? 
_entity_src_gen.pdbx_host_org_organ                ? 
_entity_src_gen.host_org_species                   ? 
_entity_src_gen.pdbx_host_org_tissue               ? 
_entity_src_gen.pdbx_host_org_tissue_fraction      ? 
_entity_src_gen.pdbx_host_org_strain               ? 
_entity_src_gen.pdbx_host_org_variant              ? 
_entity_src_gen.pdbx_host_org_cell_line            ? 
_entity_src_gen.pdbx_host_org_atcc                 ? 
_entity_src_gen.pdbx_host_org_culture_collection   ? 
_entity_src_gen.pdbx_host_org_cell                 ? 
_entity_src_gen.pdbx_host_org_organelle            ? 
_entity_src_gen.pdbx_host_org_cellular_location    ? 
_entity_src_gen.pdbx_host_org_vector_type          ? 
_entity_src_gen.pdbx_host_org_vector               ? 
_entity_src_gen.host_org_details                   ? 
_entity_src_gen.expression_system_id               ? 
_entity_src_gen.plasmid_name                       ? 
_entity_src_gen.plasmid_details                    ? 
_entity_src_gen.pdbx_description                   ? 
# 
loop_
_chem_comp.id 
_chem_comp.type 
_chem_comp.mon_nstd_flag 
_chem_comp.name 
_chem_comp.pdbx_synonyms 
_chem_comp.formula 
_chem_comp.formula_weight 
ALA 'L-peptide linking' y ALANINE         ? 'C3 H7 N O2'     89.093  
ARG 'L-peptide linking' y ARGININE        ? 'C6 H15 N4 O2 1' 175.209 
ASN 'L-peptide linking' y ASPARAGINE      ? 'C4 H8 N2 O3'    132.118 
ASP 'L-peptide linking' y 'ASPARTIC ACID' ? 'C4 H7 N O4'     133.103 
CYS 'L-peptide linking' y CYSTEINE        ? 'C3 H7 N O2 S'   121.158 
GLN 'L-peptide linking' y GLUTAMINE       ? 'C5 H10 N2 O3'   146.144 
GLU 'L-peptide linking' y 'GLUTAMIC ACID' ? 'C5 H9 N O4'     147.129 
GLY 'peptide linking'   y GLYCINE         ? 'C2 H5 N O2'     75.067  
HIS 'L-peptide linking' y HISTIDINE       ? 'C6 H10 N3 O2 1' 156.162 
HOH non-polymer         . WATER           ? 'H2 O'           18.015  
ILE 'L-peptide linking' y ISOLEUCINE      ? 'C6 H13 N O2'    131.173 
LEU 'L-peptide linking' y LEUCINE         ? 'C6 H13 N O2'    131.173 
LYS 'L-peptide linking' y LYSINE          ? 'C6 H15 N2 O2 1' 147.195 
MET 'L-peptide linking' y METHIONINE      ? 'C5 H11 N O2 S'  149.211 
NA  non-polymer         . 'SODIUM ION'    ? 'Na 1'           22.990  
PHE 'L-peptide linking' y PHENYLALANINE   ? 'C9 H11 N O2'    165.189 
PRO 'L-peptide linking' y PROLINE         ? 'C5 H9 N O2'     115.130 
SER 'L-peptide linking' y SERINE          ? 'C3 H7 N O3'     105.093 
THR 'L-peptide linking' y THREONINE       ? 'C4 H9 N O3'     119.119 
TRP 'L-peptide linking' y TRYPTOPHAN      ? 'C11 H12 N2 O2'  204.225 
TYR 'L-peptide linking' y TYROSINE        ? 'C9 H11 N O3'    181.189 
VAL 'L-peptide linking' y VALINE          ? 'C5 H11 N O2'    117.146 
# 
loop_
_pdbx_poly_seq_scheme.asym_id 
_pdbx_poly_seq_scheme.entity_id 
_pdbx_poly_seq_scheme.seq_id 
_pdbx_poly_seq_scheme.mon_id 
_pdbx_poly_seq_scheme.ndb_seq_num 
_pdbx_poly_seq_scheme.pdb_seq_num 
_pdbx_poly_seq_scheme.auth_seq_num 
_pdbx_poly_seq_scheme.pdb_mon_id 
_pdbx_poly_seq_scheme.auth_mon_id 
_pdbx_poly_seq_scheme.pdb_strand_id 
_pdbx_poly_seq_scheme.pdb_ins_code 
_pdbx_poly_seq_scheme.hetero 
A 1 1   GLY 1   255 ?   ?   ?   A . n 
A 1 2   PRO 2   256 ?   ?   ?   A . n 
A 1 3   HIS 3   257 ?   ?   ?   A . n 
A 1 4   MET 4   258 ?   ?   ?   A . n 
A 1 5   GLN 5   259 ?   ?   ?   A . n 
A 1 6   PRO 6   260 ?   ?   ?   A . n 
A 1 7   ASP 7   261 ?   ?   ?   A . n 
A 1 8   PRO 8   262 ?   ?   ?   A . n 
A 1 9   TYR 9   263 ?   ?   ?   A . n 
A 1 10  GLN 10  264 ?   ?   ?   A . n 
A 1 11  ILE 11  265 ?   ?   ?   A . n 
A 1 12  LEU 12  266 ?   ?   ?   A . n 
A 1 13  GLY 13  267 ?   ?   ?   A . n 
A 1 14  PRO 14  268 ?   ?   ?   A . n 
A 1 15  THR 15  269 ?   ?   ?   A . n 
A 1 16  SER 16  270 ?   ?   ?   A . n 
A 1 17  SER 17  271 ?   ?   ?   A . n 
A 1 18  ARG 18  272 272 ARG ARG A . n 
A 1 19  LEU 19  273 273 LEU LEU A . n 
A 1 20  ALA 20  274 274 ALA ALA A . n 
A 1 21  ASN 21  275 275 ASN ASN A . n 
A 1 22  PRO 22  276 276 PRO PRO A . n 
A 1 23  GLY 23  277 277 GLY GLY A . n 
A 1 24  SER 24  278 278 SER SER A . n 
A 1 25  GLY 25  279 279 GLY GLY A . n 
A 1 26  GLN 26  280 280 GLN GLN A . n 
A 1 27  ILE 27  281 281 ILE ILE A . n 
A 1 28  GLN 28  282 282 GLN GLN A . n 
A 1 29  LEU 29  283 283 LEU LEU A . n 
A 1 30  TRP 30  284 284 TRP TRP A . n 
A 1 31  GLN 31  285 285 GLN GLN A . n 
A 1 32  PHE 32  286 286 PHE PHE A . n 
A 1 33  LEU 33  287 287 LEU LEU A . n 
A 1 34  LEU 34  288 288 LEU LEU A . n 
A 1 35  GLU 35  289 289 GLU GLU A . n 
A 1 36  LEU 36  290 290 LEU LEU A . n 
A 1 37  LEU 37  291 291 LEU LEU A . n 
A 1 38  SER 38  292 292 SER SER A . n 
A 1 39  ASP 39  293 293 ASP ASP A . n 
A 1 40  SER 40  294 294 SER SER A . n 
A 1 41  ALA 41  295 295 ALA ALA A . n 
A 1 42  ASN 42  296 296 ASN ASN A . n 
A 1 43  ALA 43  297 297 ALA ALA A . n 
A 1 44  SER 44  298 298 SER SER A . n 
A 1 45  CYS 45  299 299 CYS CYS A . n 
A 1 46  ILE 46  300 300 ILE ILE A . n 
A 1 47  THR 47  301 301 THR THR A . n 
A 1 48  TRP 48  302 302 TRP TRP A . n 
A 1 49  GLU 49  303 303 GLU GLU A . n 
A 1 50  GLY 50  304 304 GLY GLY A . n 
A 1 51  THR 51  305 305 THR THR A . n 
A 1 52  ASN 52  306 306 ASN ASN A . n 
A 1 53  GLY 53  307 307 GLY GLY A . n 
A 1 54  GLU 54  308 308 GLU GLU A . n 
A 1 55  PHE 55  309 309 PHE PHE A . n 
A 1 56  LYS 56  310 310 LYS LYS A . n 
A 1 57  MET 57  311 311 MET MET A . n 
A 1 58  THR 58  312 312 THR THR A . n 
A 1 59  ASP 59  313 313 ASP ASP A . n 
A 1 60  PRO 60  314 314 PRO PRO A . n 
A 1 61  ASP 61  315 315 ASP ASP A . n 
A 1 62  GLU 62  316 316 GLU GLU A . n 
A 1 63  VAL 63  317 317 VAL VAL A . n 
A 1 64  ALA 64  318 318 ALA ALA A . n 
A 1 65  ARG 65  319 319 ARG ARG A . n 
A 1 66  ARG 66  320 320 ARG ARG A . n 
A 1 67  TRP 67  321 321 TRP TRP A . n 
A 1 68  GLY 68  322 322 GLY GLY A . n 
A 1 69  GLU 69  323 323 GLU GLU A . n 
A 1 70  ARG 70  324 324 ARG ARG A . n 
A 1 71  LYS 71  325 325 LYS LYS A . n 
A 1 72  SER 72  326 326 SER SER A . n 
A 1 73  LYS 73  327 327 LYS LYS A . n 
A 1 74  PRO 74  328 328 PRO PRO A . n 
A 1 75  ASN 75  329 329 ASN ASN A . n 
A 1 76  MET 76  330 330 MET MET A . n 
A 1 77  ASN 77  331 331 ASN ASN A . n 
A 1 78  TYR 78  332 332 TYR TYR A . n 
A 1 79  ASP 79  333 333 ASP ASP A . n 
A 1 80  LYS 80  334 334 LYS LYS A . n 
A 1 81  LEU 81  335 335 LEU LEU A . n 
A 1 82  SER 82  336 336 SER SER A . n 
A 1 83  ARG 83  337 337 ARG ARG A . n 
A 1 84  ALA 84  338 338 ALA ALA A . n 
A 1 85  LEU 85  339 339 LEU LEU A . n 
A 1 86  ARG 86  340 340 ARG ARG A . n 
A 1 87  TYR 87  341 341 TYR TYR A . n 
A 1 88  TYR 88  342 342 TYR TYR A . n 
A 1 89  TYR 89  343 343 TYR TYR A . n 
A 1 90  ASP 90  344 344 ASP ASP A . n 
A 1 91  LYS 91  345 345 LYS LYS A . n 
A 1 92  ASN 92  346 346 ASN ASN A . n 
A 1 93  ILE 93  347 347 ILE ILE A . n 
A 1 94  MET 94  348 348 MET MET A . n 
A 1 95  THR 95  349 349 THR THR A . n 
A 1 96  LYS 96  350 350 LYS LYS A . n 
A 1 97  VAL 97  351 351 VAL VAL A . n 
A 1 98  HIS 98  352 352 HIS HIS A . n 
A 1 99  GLY 99  353 353 GLY GLY A . n 
A 1 100 LYS 100 354 354 LYS LYS A . n 
A 1 101 ARG 101 355 355 ARG ARG A . n 
A 1 102 TYR 102 356 356 TYR TYR A . n 
A 1 103 ALA 103 357 357 ALA ALA A . n 
A 1 104 TYR 104 358 358 TYR TYR A . n 
A 1 105 LYS 105 359 359 LYS LYS A . n 
A 1 106 PHE 106 360 360 PHE PHE A . n 
A 1 107 ASP 107 361 361 ASP ASP A . n 
A 1 108 PHE 108 362 362 PHE PHE A . n 
A 1 109 HIS 109 363 363 HIS HIS A . n 
A 1 110 GLY 110 364 364 GLY GLY A . n 
A 1 111 ILE 111 365 365 ILE ILE A . n 
A 1 112 ALA 112 366 366 ALA ALA A . n 
A 1 113 GLN 113 367 367 GLN GLN A . n 
A 1 114 ALA 114 368 368 ALA ALA A . n 
A 1 115 LEU 115 369 369 LEU LEU A . n 
A 1 116 GLN 116 370 370 GLN GLN A . n 
A 1 117 PRO 117 371 ?   ?   ?   A . n 
# 
loop_
_pdbx_nonpoly_scheme.asym_id 
_pdbx_nonpoly_scheme.entity_id 
_pdbx_nonpoly_scheme.mon_id 
_pdbx_nonpoly_scheme.ndb_seq_num 
_pdbx_nonpoly_scheme.pdb_seq_num 
_pdbx_nonpoly_scheme.auth_seq_num 
_pdbx_nonpoly_scheme.pdb_mon_id 
_pdbx_nonpoly_scheme.auth_mon_id 
_pdbx_nonpoly_scheme.pdb_strand_id 
_pdbx_nonpoly_scheme.pdb_ins_code 
B 2 NA  1  401 1  NA  NA  A . 
C 3 HOH 1  501 11 HOH HOH A . 
C 3 HOH 2  502 70 HOH HOH A . 
C 3 HOH 3  503 43 HOH HOH A . 
C 3 HOH 4  504 66 HOH HOH A . 
C 3 HOH 5  505 78 HOH HOH A . 
C 3 HOH 6  506 15 HOH HOH A . 
C 3 HOH 7  507 3  HOH HOH A . 
C 3 HOH 8  508 29 HOH HOH A . 
C 3 HOH 9  509 76 HOH HOH A . 
C 3 HOH 10 510 22 HOH HOH A . 
C 3 HOH 11 511 69 HOH HOH A . 
C 3 HOH 12 512 34 HOH HOH A . 
C 3 HOH 13 513 48 HOH HOH A . 
C 3 HOH 14 514 21 HOH HOH A . 
C 3 HOH 15 515 1  HOH HOH A . 
C 3 HOH 16 516 9  HOH HOH A . 
C 3 HOH 17 517 24 HOH HOH A . 
C 3 HOH 18 518 17 HOH HOH A . 
C 3 HOH 19 519 75 HOH HOH A . 
C 3 HOH 20 520 52 HOH HOH A . 
C 3 HOH 21 521 80 HOH HOH A . 
C 3 HOH 22 522 20 HOH HOH A . 
C 3 HOH 23 523 2  HOH HOH A . 
C 3 HOH 24 524 4  HOH HOH A . 
C 3 HOH 25 525 74 HOH HOH A . 
C 3 HOH 26 526 54 HOH HOH A . 
C 3 HOH 27 527 68 HOH HOH A . 
C 3 HOH 28 528 14 HOH HOH A . 
C 3 HOH 29 529 39 HOH HOH A . 
C 3 HOH 30 530 30 HOH HOH A . 
C 3 HOH 31 531 49 HOH HOH A . 
C 3 HOH 32 532 72 HOH HOH A . 
C 3 HOH 33 533 7  HOH HOH A . 
C 3 HOH 34 534 42 HOH HOH A . 
C 3 HOH 35 535 67 HOH HOH A . 
C 3 HOH 36 536 71 HOH HOH A . 
C 3 HOH 37 537 40 HOH HOH A . 
C 3 HOH 38 538 58 HOH HOH A . 
C 3 HOH 39 539 8  HOH HOH A . 
C 3 HOH 40 540 77 HOH HOH A . 
C 3 HOH 41 541 79 HOH HOH A . 
C 3 HOH 42 542 6  HOH HOH A . 
C 3 HOH 43 543 46 HOH HOH A . 
C 3 HOH 44 544 18 HOH HOH A . 
C 3 HOH 45 545 31 HOH HOH A . 
C 3 HOH 46 546 13 HOH HOH A . 
C 3 HOH 47 547 38 HOH HOH A . 
C 3 HOH 48 548 27 HOH HOH A . 
C 3 HOH 49 549 64 HOH HOH A . 
C 3 HOH 50 550 26 HOH HOH A . 
C 3 HOH 51 551 10 HOH HOH A . 
C 3 HOH 52 552 63 HOH HOH A . 
C 3 HOH 53 553 12 HOH HOH A . 
C 3 HOH 54 554 65 HOH HOH A . 
C 3 HOH 55 555 35 HOH HOH A . 
C 3 HOH 56 556 33 HOH HOH A . 
C 3 HOH 57 557 19 HOH HOH A . 
C 3 HOH 58 558 51 HOH HOH A . 
C 3 HOH 59 559 16 HOH HOH A . 
C 3 HOH 60 560 5  HOH HOH A . 
C 3 HOH 61 561 62 HOH HOH A . 
C 3 HOH 62 562 28 HOH HOH A . 
# 
loop_
_pdbx_unobs_or_zero_occ_atoms.id 
_pdbx_unobs_or_zero_occ_atoms.PDB_model_num 
_pdbx_unobs_or_zero_occ_atoms.polymer_flag 
_pdbx_unobs_or_zero_occ_atoms.occupancy_flag 
_pdbx_unobs_or_zero_occ_atoms.auth_asym_id 
_pdbx_unobs_or_zero_occ_atoms.auth_comp_id 
_pdbx_unobs_or_zero_occ_atoms.auth_seq_id 
_pdbx_unobs_or_zero_occ_atoms.PDB_ins_code 
_pdbx_unobs_or_zero_occ_atoms.auth_atom_id 
_pdbx_unobs_or_zero_occ_atoms.label_alt_id 
_pdbx_unobs_or_zero_occ_atoms.label_asym_id 
_pdbx_unobs_or_zero_occ_atoms.label_comp_id 
_pdbx_unobs_or_zero_occ_atoms.label_seq_id 
_pdbx_unobs_or_zero_occ_atoms.label_atom_id 
1  1 Y 1 A ARG 272 ? CB  ? A ARG 18 CB  
2  1 Y 1 A ARG 272 ? CG  ? A ARG 18 CG  
3  1 Y 1 A ARG 272 ? CD  ? A ARG 18 CD  
4  1 Y 1 A ARG 272 ? NE  ? A ARG 18 NE  
5  1 Y 1 A ARG 272 ? CZ  ? A ARG 18 CZ  
6  1 Y 1 A ARG 272 ? NH1 ? A ARG 18 NH1 
7  1 Y 1 A ARG 272 ? NH2 ? A ARG 18 NH2 
8  1 Y 1 A GLU 303 ? CD  ? A GLU 49 CD  
9  1 Y 1 A GLU 303 ? OE1 ? A GLU 49 OE1 
10 1 Y 1 A GLU 303 ? OE2 ? A GLU 49 OE2 
11 1 Y 1 A ASN 306 ? CG  ? A ASN 52 CG  
12 1 Y 1 A ASN 306 ? OD1 ? A ASN 52 OD1 
13 1 Y 1 A ASN 306 ? ND2 ? A ASN 52 ND2 
# 
loop_
_software.citation_id 
_software.classification 
_software.compiler_name 
_software.compiler_version 
_software.contact_author 
_software.contact_author_email 
_software.date 
_software.description 
_software.dependencies 
_software.hardware 
_software.language 
_software.location 
_software.mods 
_software.name 
_software.os 
_software.os_version 
_software.type 
_software.version 
_software.pdbx_ordinal 
? refinement       ? ? ? ? ? ? ? ? ? ? ? REFMAC   ? ? ? 5.8.0267 1 
? 'data reduction' ? ? ? ? ? ? ? ? ? ? ? HKL-2000 ? ? ? .        2 
? 'data scaling'   ? ? ? ? ? ? ? ? ? ? ? HKL-2000 ? ? ? .        3 
? phasing          ? ? ? ? ? ? ? ? ? ? ? PHASER   ? ? ? .        4 
# 
_cell.angle_alpha                  90.00 
_cell.angle_alpha_esd              ? 
_cell.angle_beta                   90.00 
_cell.angle_beta_esd               ? 
_cell.angle_gamma                  120.00 
_cell.angle_gamma_esd              ? 
_cell.entry_id                     9CP6 
_cell.details                      ? 
_cell.formula_units_Z              ? 
_cell.length_a                     44.584 
_cell.length_a_esd                 ? 
_cell.length_b                     44.584 
_cell.length_b_esd                 ? 
_cell.length_c                     175.704 
_cell.length_c_esd                 ? 
_cell.volume                       ? 
_cell.volume_esd                   ? 
_cell.Z_PDB                        12 
_cell.reciprocal_angle_alpha       ? 
_cell.reciprocal_angle_beta        ? 
_cell.reciprocal_angle_gamma       ? 
_cell.reciprocal_angle_alpha_esd   ? 
_cell.reciprocal_angle_beta_esd    ? 
_cell.reciprocal_angle_gamma_esd   ? 
_cell.reciprocal_length_a          ? 
_cell.reciprocal_length_b          ? 
_cell.reciprocal_length_c          ? 
_cell.reciprocal_length_a_esd      ? 
_cell.reciprocal_length_b_esd      ? 
_cell.reciprocal_length_c_esd      ? 
_cell.pdbx_unique_axis             ? 
_cell.pdbx_esd_method              ? 
# 
_symmetry.entry_id                         9CP6 
_symmetry.cell_setting                     ? 
_symmetry.Int_Tables_number                179 
_symmetry.space_group_name_Hall            ? 
_symmetry.space_group_name_H-M             'P 65 2 2' 
_symmetry.pdbx_full_space_group_name_H-M   ? 
# 
_exptl.absorpt_coefficient_mu     ? 
_exptl.absorpt_correction_T_max   ? 
_exptl.absorpt_correction_T_min   ? 
_exptl.absorpt_correction_type    ? 
_exptl.absorpt_process_details    ? 
_exptl.entry_id                   9CP6 
_exptl.crystals_number            1 
_exptl.details                    ? 
_exptl.method                     'X-RAY DIFFRACTION' 
_exptl.method_details             ? 
# 
_exptl_crystal.colour                       ? 
_exptl_crystal.density_diffrn               ? 
_exptl_crystal.density_Matthews             1.87 
_exptl_crystal.density_method               ? 
_exptl_crystal.density_percent_sol          34.25 
_exptl_crystal.description                  ? 
_exptl_crystal.F_000                        ? 
_exptl_crystal.id                           1 
_exptl_crystal.preparation                  ? 
_exptl_crystal.size_max                     ? 
_exptl_crystal.size_mid                     ? 
_exptl_crystal.size_min                     ? 
_exptl_crystal.size_rad                     ? 
_exptl_crystal.colour_lustre                ? 
_exptl_crystal.colour_modifier              ? 
_exptl_crystal.colour_primary               ? 
_exptl_crystal.density_meas                 ? 
_exptl_crystal.density_meas_esd             ? 
_exptl_crystal.density_meas_gt              ? 
_exptl_crystal.density_meas_lt              ? 
_exptl_crystal.density_meas_temp            ? 
_exptl_crystal.density_meas_temp_esd        ? 
_exptl_crystal.density_meas_temp_gt         ? 
_exptl_crystal.density_meas_temp_lt         ? 
_exptl_crystal.pdbx_crystal_image_url       ? 
_exptl_crystal.pdbx_crystal_image_format    ? 
_exptl_crystal.pdbx_mosaicity               ? 
_exptl_crystal.pdbx_mosaicity_esd           ? 
_exptl_crystal.pdbx_mosaic_method           ? 
_exptl_crystal.pdbx_mosaic_block_size       ? 
_exptl_crystal.pdbx_mosaic_block_size_esd   ? 
# 
_exptl_crystal_grow.apparatus       ? 
_exptl_crystal_grow.atmosphere      ? 
_exptl_crystal_grow.crystal_id      1 
_exptl_crystal_grow.details         ? 
_exptl_crystal_grow.method          'VAPOR DIFFUSION, HANGING DROP' 
_exptl_crystal_grow.method_ref      ? 
_exptl_crystal_grow.pH              6.5 
_exptl_crystal_grow.pressure        ? 
_exptl_crystal_grow.pressure_esd    ? 
_exptl_crystal_grow.seeding         ? 
_exptl_crystal_grow.seeding_ref     ? 
_exptl_crystal_grow.temp_details    ? 
_exptl_crystal_grow.temp_esd        ? 
_exptl_crystal_grow.time            ? 
_exptl_crystal_grow.pdbx_details    '0.1 M Hepes, pH 6.5, 1 M Na citrate' 
_exptl_crystal_grow.pdbx_pH_range   ? 
_exptl_crystal_grow.temp            294 
# 
_diffrn.ambient_environment              ? 
_diffrn.ambient_temp                     100 
_diffrn.ambient_temp_details             ? 
_diffrn.ambient_temp_esd                 ? 
_diffrn.crystal_id                       1 
_diffrn.crystal_support                  ? 
_diffrn.crystal_treatment                ? 
_diffrn.details                          ? 
_diffrn.id                               1 
_diffrn.ambient_pressure                 ? 
_diffrn.ambient_pressure_esd             ? 
_diffrn.ambient_pressure_gt              ? 
_diffrn.ambient_pressure_lt              ? 
_diffrn.ambient_temp_gt                  ? 
_diffrn.ambient_temp_lt                  ? 
_diffrn.pdbx_serial_crystal_experiment   N 
# 
_diffrn_detector.details                      ? 
_diffrn_detector.detector                     PIXEL 
_diffrn_detector.diffrn_id                    1 
_diffrn_detector.type                         'DECTRIS EIGER2 XE 9M' 
_diffrn_detector.area_resol_mean              ? 
_diffrn_detector.dtime                        ? 
_diffrn_detector.pdbx_frames_total            ? 
_diffrn_detector.pdbx_collection_time_total   ? 
_diffrn_detector.pdbx_collection_date         2024-06-12 
_diffrn_detector.pdbx_frequency               ? 
_diffrn_detector.id                           ? 
_diffrn_detector.number_of_axes               ? 
# 
_diffrn_radiation.collimation                      ? 
_diffrn_radiation.diffrn_id                        1 
_diffrn_radiation.filter_edge                      ? 
_diffrn_radiation.inhomogeneity                    ? 
_diffrn_radiation.monochromator                    ? 
_diffrn_radiation.polarisn_norm                    ? 
_diffrn_radiation.polarisn_ratio                   ? 
_diffrn_radiation.probe                            ? 
_diffrn_radiation.type                             ? 
_diffrn_radiation.xray_symbol                      ? 
_diffrn_radiation.wavelength_id                    1 
_diffrn_radiation.pdbx_monochromatic_or_laue_m_l   M 
_diffrn_radiation.pdbx_wavelength_list             ? 
_diffrn_radiation.pdbx_wavelength                  ? 
_diffrn_radiation.pdbx_diffrn_protocol             'SINGLE WAVELENGTH' 
_diffrn_radiation.pdbx_analyzer                    ? 
_diffrn_radiation.pdbx_scattering_type             x-ray 
# 
_diffrn_radiation_wavelength.id           1 
_diffrn_radiation_wavelength.wavelength   0.97940 
_diffrn_radiation_wavelength.wt           1.0 
# 
_diffrn_source.current                     ? 
_diffrn_source.details                     ? 
_diffrn_source.diffrn_id                   1 
_diffrn_source.power                       ? 
_diffrn_source.size                        ? 
_diffrn_source.source                      SYNCHROTRON 
_diffrn_source.target                      ? 
_diffrn_source.type                        'NSLS-II BEAMLINE 19-ID' 
_diffrn_source.voltage                     ? 
_diffrn_source.take-off_angle              ? 
_diffrn_source.pdbx_wavelength_list        0.97940 
_diffrn_source.pdbx_wavelength             ? 
_diffrn_source.pdbx_synchrotron_beamline   19-ID 
_diffrn_source.pdbx_synchrotron_site       NSLS-II 
# 
_reflns.B_iso_Wilson_estimate                          ? 
_reflns.entry_id                                       9CP6 
_reflns.data_reduction_details                         ? 
_reflns.data_reduction_method                          ? 
_reflns.d_resolution_high                              1.66 
_reflns.d_resolution_low                               50.00 
_reflns.details                                        ? 
_reflns.limit_h_max                                    ? 
_reflns.limit_h_min                                    ? 
_reflns.limit_k_max                                    ? 
_reflns.limit_k_min                                    ? 
_reflns.limit_l_max                                    ? 
_reflns.limit_l_min                                    ? 
_reflns.number_all                                     ? 
_reflns.number_obs                                     13210 
_reflns.observed_criterion                             ? 
_reflns.observed_criterion_F_max                       ? 
_reflns.observed_criterion_F_min                       ? 
_reflns.observed_criterion_I_max                       ? 
_reflns.observed_criterion_I_min                       ? 
_reflns.observed_criterion_sigma_F                     ? 
_reflns.observed_criterion_sigma_I                     ? 
_reflns.percent_possible_obs                           100 
_reflns.R_free_details                                 ? 
_reflns.Rmerge_F_all                                   ? 
_reflns.Rmerge_F_obs                                   ? 
_reflns.Friedel_coverage                               ? 
_reflns.number_gt                                      ? 
_reflns.threshold_expression                           ? 
_reflns.pdbx_redundancy                                11.6 
_reflns.pdbx_netI_over_av_sigmaI                       ? 
_reflns.pdbx_netI_over_sigmaI                          48 
_reflns.pdbx_res_netI_over_av_sigmaI_2                 ? 
_reflns.pdbx_res_netI_over_sigmaI_2                    ? 
_reflns.pdbx_chi_squared                               ? 
_reflns.pdbx_scaling_rejects                           ? 
_reflns.pdbx_d_res_high_opt                            ? 
_reflns.pdbx_d_res_low_opt                             ? 
_reflns.pdbx_d_res_opt_method                          ? 
_reflns.phase_calculation_details                      ? 
_reflns.pdbx_Rrim_I_all                                ? 
_reflns.pdbx_Rpim_I_all                                ? 
_reflns.pdbx_d_opt                                     ? 
_reflns.pdbx_number_measured_all                       ? 
_reflns.pdbx_diffrn_id                                 1 
_reflns.pdbx_ordinal                                   1 
_reflns.pdbx_CC_half                                   0.998 
_reflns.pdbx_CC_star                                   ? 
_reflns.pdbx_R_split                                   ? 
_reflns.pdbx_Rmerge_I_obs                              0.073 
_reflns.pdbx_Rmerge_I_all                              ? 
_reflns.pdbx_Rsym_value                                ? 
_reflns.pdbx_CC_split_method                           ? 
_reflns.pdbx_aniso_diffraction_limit_axis_1_ortho[1]   ? 
_reflns.pdbx_aniso_diffraction_limit_axis_1_ortho[2]   ? 
_reflns.pdbx_aniso_diffraction_limit_axis_1_ortho[3]   ? 
_reflns.pdbx_aniso_diffraction_limit_axis_2_ortho[1]   ? 
_reflns.pdbx_aniso_diffraction_limit_axis_2_ortho[2]   ? 
_reflns.pdbx_aniso_diffraction_limit_axis_2_ortho[3]   ? 
_reflns.pdbx_aniso_diffraction_limit_axis_3_ortho[1]   ? 
_reflns.pdbx_aniso_diffraction_limit_axis_3_ortho[2]   ? 
_reflns.pdbx_aniso_diffraction_limit_axis_3_ortho[3]   ? 
_reflns.pdbx_aniso_diffraction_limit_1                 ? 
_reflns.pdbx_aniso_diffraction_limit_2                 ? 
_reflns.pdbx_aniso_diffraction_limit_3                 ? 
_reflns.pdbx_aniso_B_tensor_eigenvector_1_ortho[1]     ? 
_reflns.pdbx_aniso_B_tensor_eigenvector_1_ortho[2]     ? 
_reflns.pdbx_aniso_B_tensor_eigenvector_1_ortho[3]     ? 
_reflns.pdbx_aniso_B_tensor_eigenvector_2_ortho[1]     ? 
_reflns.pdbx_aniso_B_tensor_eigenvector_2_ortho[2]     ? 
_reflns.pdbx_aniso_B_tensor_eigenvector_2_ortho[3]     ? 
_reflns.pdbx_aniso_B_tensor_eigenvector_3_ortho[1]     ? 
_reflns.pdbx_aniso_B_tensor_eigenvector_3_ortho[2]     ? 
_reflns.pdbx_aniso_B_tensor_eigenvector_3_ortho[3]     ? 
_reflns.pdbx_aniso_B_tensor_eigenvalue_1               ? 
_reflns.pdbx_aniso_B_tensor_eigenvalue_2               ? 
_reflns.pdbx_aniso_B_tensor_eigenvalue_3               ? 
_reflns.pdbx_orthogonalization_convention              ? 
_reflns.pdbx_percent_possible_ellipsoidal              ? 
_reflns.pdbx_percent_possible_spherical                ? 
_reflns.pdbx_percent_possible_ellipsoidal_anomalous    ? 
_reflns.pdbx_percent_possible_spherical_anomalous      ? 
_reflns.pdbx_redundancy_anomalous                      ? 
_reflns.pdbx_CC_half_anomalous                         ? 
_reflns.pdbx_absDiff_over_sigma_anomalous              ? 
_reflns.pdbx_percent_possible_anomalous                ? 
_reflns.pdbx_observed_signal_threshold                 ? 
_reflns.pdbx_signal_type                               ? 
_reflns.pdbx_signal_details                            ? 
_reflns.pdbx_signal_software_id                        ? 
# 
_reflns_shell.d_res_high                                    1.66 
_reflns_shell.d_res_low                                     1.69 
_reflns_shell.meanI_over_sigI_all                           ? 
_reflns_shell.meanI_over_sigI_obs                           ? 
_reflns_shell.number_measured_all                           ? 
_reflns_shell.number_measured_obs                           ? 
_reflns_shell.number_possible                               ? 
_reflns_shell.number_unique_all                             ? 
_reflns_shell.number_unique_obs                             632 
_reflns_shell.percent_possible_obs                          ? 
_reflns_shell.Rmerge_F_all                                  ? 
_reflns_shell.Rmerge_F_obs                                  ? 
_reflns_shell.meanI_over_sigI_gt                            ? 
_reflns_shell.meanI_over_uI_all                             ? 
_reflns_shell.meanI_over_uI_gt                              ? 
_reflns_shell.number_measured_gt                            ? 
_reflns_shell.number_unique_gt                              ? 
_reflns_shell.percent_possible_gt                           ? 
_reflns_shell.Rmerge_F_gt                                   ? 
_reflns_shell.Rmerge_I_gt                                   ? 
_reflns_shell.pdbx_redundancy                               10.9 
_reflns_shell.pdbx_chi_squared                              ? 
_reflns_shell.pdbx_netI_over_sigmaI_all                     ? 
_reflns_shell.pdbx_netI_over_sigmaI_obs                     ? 
_reflns_shell.pdbx_Rrim_I_all                               ? 
_reflns_shell.pdbx_Rpim_I_all                               ? 
_reflns_shell.pdbx_rejects                                  ? 
_reflns_shell.pdbx_ordinal                                  1 
_reflns_shell.pdbx_diffrn_id                                1 
_reflns_shell.pdbx_CC_half                                  0.939 
_reflns_shell.pdbx_CC_star                                  ? 
_reflns_shell.pdbx_R_split                                  ? 
_reflns_shell.percent_possible_all                          ? 
_reflns_shell.Rmerge_I_all                                  ? 
_reflns_shell.Rmerge_I_obs                                  ? 
_reflns_shell.pdbx_Rsym_value                               ? 
_reflns_shell.pdbx_percent_possible_ellipsoidal             ? 
_reflns_shell.pdbx_percent_possible_spherical               ? 
_reflns_shell.pdbx_percent_possible_ellipsoidal_anomalous   ? 
_reflns_shell.pdbx_percent_possible_spherical_anomalous     ? 
_reflns_shell.pdbx_redundancy_anomalous                     ? 
_reflns_shell.pdbx_CC_half_anomalous                        ? 
_reflns_shell.pdbx_absDiff_over_sigma_anomalous             ? 
_reflns_shell.pdbx_percent_possible_anomalous               ? 
# 
_refine.aniso_B[1][1]                            0.12 
_refine.aniso_B[1][2]                            0.06 
_refine.aniso_B[1][3]                            -0.00 
_refine.aniso_B[2][2]                            0.12 
_refine.aniso_B[2][3]                            -0.00 
_refine.aniso_B[3][3]                            -0.40 
_refine.B_iso_max                                ? 
_refine.B_iso_mean                               22.441 
_refine.B_iso_min                                ? 
_refine.correlation_coeff_Fo_to_Fc               0.950 
_refine.correlation_coeff_Fo_to_Fc_free          0.936 
_refine.details                                  'HYDROGENS HAVE BEEN ADDED IN THE RIDING POSITIONS' 
_refine.diff_density_max                         ? 
_refine.diff_density_max_esd                     ? 
_refine.diff_density_min                         ? 
_refine.diff_density_min_esd                     ? 
_refine.diff_density_rms                         ? 
_refine.diff_density_rms_esd                     ? 
_refine.entry_id                                 9CP6 
_refine.pdbx_refine_id                           'X-RAY DIFFRACTION' 
_refine.ls_abs_structure_details                 ? 
_refine.ls_abs_structure_Flack                   ? 
_refine.ls_abs_structure_Flack_esd               ? 
_refine.ls_abs_structure_Rogers                  ? 
_refine.ls_abs_structure_Rogers_esd              ? 
_refine.ls_d_res_high                            1.66 
_refine.ls_d_res_low                             35.00 
_refine.ls_extinction_coef                       ? 
_refine.ls_extinction_coef_esd                   ? 
_refine.ls_extinction_expression                 ? 
_refine.ls_extinction_method                     ? 
_refine.ls_goodness_of_fit_all                   ? 
_refine.ls_goodness_of_fit_all_esd               ? 
_refine.ls_goodness_of_fit_obs                   ? 
_refine.ls_goodness_of_fit_obs_esd               ? 
_refine.ls_hydrogen_treatment                    ? 
_refine.ls_matrix_type                           ? 
_refine.ls_number_constraints                    ? 
_refine.ls_number_parameters                     ? 
_refine.ls_number_reflns_all                     ? 
_refine.ls_number_reflns_obs                     12396 
_refine.ls_number_reflns_R_free                  691 
_refine.ls_number_reflns_R_work                  ? 
_refine.ls_number_restraints                     ? 
_refine.ls_percent_reflns_obs                    99.81 
_refine.ls_percent_reflns_R_free                 5.3 
_refine.ls_R_factor_all                          ? 
_refine.ls_R_factor_obs                          0.20410 
_refine.ls_R_factor_R_free                       0.23542 
_refine.ls_R_factor_R_free_error                 ? 
_refine.ls_R_factor_R_free_error_details         ? 
_refine.ls_R_factor_R_work                       0.20240 
_refine.ls_R_Fsqd_factor_obs                     ? 
_refine.ls_R_I_factor_obs                        ? 
_refine.ls_redundancy_reflns_all                 ? 
_refine.ls_redundancy_reflns_obs                 ? 
_refine.ls_restrained_S_all                      ? 
_refine.ls_restrained_S_obs                      ? 
_refine.ls_shift_over_esd_max                    ? 
_refine.ls_shift_over_esd_mean                   ? 
_refine.ls_structure_factor_coef                 ? 
_refine.ls_weighting_details                     ? 
_refine.ls_weighting_scheme                      ? 
_refine.ls_wR_factor_all                         ? 
_refine.ls_wR_factor_obs                         ? 
_refine.ls_wR_factor_R_free                      ? 
_refine.ls_wR_factor_R_work                      ? 
_refine.occupancy_max                            ? 
_refine.occupancy_min                            ? 
_refine.solvent_model_details                    MASK 
_refine.solvent_model_param_bsol                 ? 
_refine.solvent_model_param_ksol                 ? 
_refine.pdbx_R_complete                          ? 
_refine.ls_R_factor_gt                           ? 
_refine.ls_goodness_of_fit_gt                    ? 
_refine.ls_goodness_of_fit_ref                   ? 
_refine.ls_shift_over_su_max                     ? 
_refine.ls_shift_over_su_max_lt                  ? 
_refine.ls_shift_over_su_mean                    ? 
_refine.ls_shift_over_su_mean_lt                 ? 
_refine.pdbx_ls_sigma_I                          ? 
_refine.pdbx_ls_sigma_F                          ? 
_refine.pdbx_ls_sigma_Fsqd                       ? 
_refine.pdbx_data_cutoff_high_absF               ? 
_refine.pdbx_data_cutoff_high_rms_absF           ? 
_refine.pdbx_data_cutoff_low_absF                ? 
_refine.pdbx_isotropic_thermal_model             ? 
_refine.pdbx_ls_cross_valid_method               THROUGHOUT 
_refine.pdbx_method_to_determine_struct          'MOLECULAR REPLACEMENT' 
_refine.pdbx_starting_model                      ? 
_refine.pdbx_stereochemistry_target_values       'MAXIMUM LIKELIHOOD' 
_refine.pdbx_R_Free_selection_details            RANDOM 
_refine.pdbx_stereochem_target_val_spec_case     ? 
_refine.pdbx_overall_ESU_R                       0.106 
_refine.pdbx_overall_ESU_R_Free                  0.105 
_refine.pdbx_solvent_vdw_probe_radii             1.20 
_refine.pdbx_solvent_ion_probe_radii             0.80 
_refine.pdbx_solvent_shrinkage_radii             0.80 
_refine.pdbx_real_space_R                        ? 
_refine.pdbx_density_correlation                 ? 
_refine.pdbx_pd_number_of_powder_patterns        ? 
_refine.pdbx_pd_number_of_points                 ? 
_refine.pdbx_pd_meas_number_of_points            ? 
_refine.pdbx_pd_proc_ls_prof_R_factor            ? 
_refine.pdbx_pd_proc_ls_prof_wR_factor           ? 
_refine.pdbx_pd_Marquardt_correlation_coeff      ? 
_refine.pdbx_pd_Fsqrd_R_factor                   ? 
_refine.pdbx_pd_ls_matrix_band_width             ? 
_refine.pdbx_overall_phase_error                 ? 
_refine.pdbx_overall_SU_R_free_Cruickshank_DPI   ? 
_refine.pdbx_overall_SU_R_free_Blow_DPI          ? 
_refine.pdbx_overall_SU_R_Blow_DPI               ? 
_refine.pdbx_TLS_residual_ADP_flag               ? 
_refine.pdbx_diffrn_id                           1 
_refine.overall_SU_B                             1.878 
_refine.overall_SU_ML                            0.064 
_refine.overall_SU_R_Cruickshank_DPI             ? 
_refine.overall_SU_R_free                        ? 
_refine.overall_FOM_free_R_set                   ? 
_refine.overall_FOM_work_R_set                   ? 
_refine.pdbx_average_fsc_overall                 ? 
_refine.pdbx_average_fsc_work                    ? 
_refine.pdbx_average_fsc_free                    ? 
# 
_refine_hist.pdbx_refine_id                   'X-RAY DIFFRACTION' 
_refine_hist.cycle_id                         1 
_refine_hist.details                          ? 
_refine_hist.d_res_high                       1.66 
_refine_hist.d_res_low                        35.00 
_refine_hist.number_atoms_solvent             62 
_refine_hist.number_atoms_total               864 
_refine_hist.number_reflns_all                ? 
_refine_hist.number_reflns_obs                ? 
_refine_hist.number_reflns_R_free             ? 
_refine_hist.number_reflns_R_work             ? 
_refine_hist.R_factor_all                     ? 
_refine_hist.R_factor_obs                     ? 
_refine_hist.R_factor_R_free                  ? 
_refine_hist.R_factor_R_work                  ? 
_refine_hist.pdbx_number_residues_total       ? 
_refine_hist.pdbx_B_iso_mean_ligand           ? 
_refine_hist.pdbx_B_iso_mean_solvent          ? 
_refine_hist.pdbx_number_atoms_protein        801 
_refine_hist.pdbx_number_atoms_nucleic_acid   0 
_refine_hist.pdbx_number_atoms_ligand         1 
_refine_hist.pdbx_number_atoms_lipid          ? 
_refine_hist.pdbx_number_atoms_carb           ? 
_refine_hist.pdbx_pseudo_atom_details         ? 
# 
loop_
_refine_ls_restr.pdbx_refine_id 
_refine_ls_restr.criterion 
_refine_ls_restr.dev_ideal 
_refine_ls_restr.dev_ideal_target 
_refine_ls_restr.number 
_refine_ls_restr.rejects 
_refine_ls_restr.type 
_refine_ls_restr.weight 
_refine_ls_restr.pdbx_restraint_function 
'X-RAY DIFFRACTION' ? 0.006  0.013  821  ? r_bond_refined_d             ? ? 
'X-RAY DIFFRACTION' ? 0.001  0.018  760  ? r_bond_other_d               ? ? 
'X-RAY DIFFRACTION' ? 1.368  1.646  1105 ? r_angle_refined_deg          ? ? 
'X-RAY DIFFRACTION' ? 1.376  1.594  1743 ? r_angle_other_deg            ? ? 
'X-RAY DIFFRACTION' ? 5.934  5.000  98   ? r_dihedral_angle_1_deg       ? ? 
'X-RAY DIFFRACTION' ? 34.152 21.702 47   ? r_dihedral_angle_2_deg       ? ? 
'X-RAY DIFFRACTION' ? 11.678 15.000 143  ? r_dihedral_angle_3_deg       ? ? 
'X-RAY DIFFRACTION' ? 12.289 15.000 6    ? r_dihedral_angle_4_deg       ? ? 
'X-RAY DIFFRACTION' ? 0.071  0.200  99   ? r_chiral_restr               ? ? 
'X-RAY DIFFRACTION' ? 0.006  0.020  937  ? r_gen_planes_refined         ? ? 
'X-RAY DIFFRACTION' ? 0.001  0.020  211  ? r_gen_planes_other           ? ? 
'X-RAY DIFFRACTION' ? ?      ?      ?    ? r_nbd_refined                ? ? 
'X-RAY DIFFRACTION' ? ?      ?      ?    ? r_nbd_other                  ? ? 
'X-RAY DIFFRACTION' ? ?      ?      ?    ? r_nbtor_refined              ? ? 
'X-RAY DIFFRACTION' ? ?      ?      ?    ? r_nbtor_other                ? ? 
'X-RAY DIFFRACTION' ? ?      ?      ?    ? r_xyhbond_nbd_refined        ? ? 
'X-RAY DIFFRACTION' ? ?      ?      ?    ? r_xyhbond_nbd_other          ? ? 
'X-RAY DIFFRACTION' ? ?      ?      ?    ? r_metal_ion_refined          ? ? 
'X-RAY DIFFRACTION' ? ?      ?      ?    ? r_metal_ion_other            ? ? 
'X-RAY DIFFRACTION' ? ?      ?      ?    ? r_symmetry_vdw_refined       ? ? 
'X-RAY DIFFRACTION' ? ?      ?      ?    ? r_symmetry_vdw_other         ? ? 
'X-RAY DIFFRACTION' ? ?      ?      ?    ? r_symmetry_hbond_refined     ? ? 
'X-RAY DIFFRACTION' ? ?      ?      ?    ? r_symmetry_hbond_other       ? ? 
'X-RAY DIFFRACTION' ? ?      ?      ?    ? r_symmetry_metal_ion_refined ? ? 
'X-RAY DIFFRACTION' ? ?      ?      ?    ? r_symmetry_metal_ion_other   ? ? 
'X-RAY DIFFRACTION' ? 1.615  2.095  395  ? r_mcbond_it                  ? ? 
'X-RAY DIFFRACTION' ? 1.615  2.089  394  ? r_mcbond_other               ? ? 
'X-RAY DIFFRACTION' ? 2.648  3.131  492  ? r_mcangle_it                 ? ? 
'X-RAY DIFFRACTION' ? 2.645  3.138  493  ? r_mcangle_other              ? ? 
'X-RAY DIFFRACTION' ? 2.366  2.487  425  ? r_scbond_it                  ? ? 
'X-RAY DIFFRACTION' ? 2.364  2.493  426  ? r_scbond_other               ? ? 
'X-RAY DIFFRACTION' ? ?      ?      ?    ? r_scangle_it                 ? ? 
'X-RAY DIFFRACTION' ? 3.895  3.596  613  ? r_scangle_other              ? ? 
'X-RAY DIFFRACTION' ? 6.457  25.169 983  ? r_long_range_B_refined       ? ? 
'X-RAY DIFFRACTION' ? 6.369  24.796 969  ? r_long_range_B_other         ? ? 
'X-RAY DIFFRACTION' ? ?      ?      ?    ? r_rigid_bond_restr           ? ? 
'X-RAY DIFFRACTION' ? ?      ?      ?    ? r_sphericity_free            ? ? 
'X-RAY DIFFRACTION' ? ?      ?      ?    ? r_sphericity_bonded          ? ? 
# 
_refine_ls_shell.pdbx_refine_id                   'X-RAY DIFFRACTION' 
_refine_ls_shell.d_res_high                       1.660 
_refine_ls_shell.d_res_low                        1.703 
_refine_ls_shell.number_reflns_all                ? 
_refine_ls_shell.number_reflns_obs                ? 
_refine_ls_shell.number_reflns_R_free             55 
_refine_ls_shell.number_reflns_R_work             871 
_refine_ls_shell.percent_reflns_obs               100.00 
_refine_ls_shell.percent_reflns_R_free            ? 
_refine_ls_shell.R_factor_all                     ? 
_refine_ls_shell.R_factor_obs                     ? 
_refine_ls_shell.R_factor_R_free_error            ? 
_refine_ls_shell.R_factor_R_work                  0.240 
_refine_ls_shell.redundancy_reflns_all            ? 
_refine_ls_shell.redundancy_reflns_obs            ? 
_refine_ls_shell.wR_factor_all                    ? 
_refine_ls_shell.wR_factor_obs                    ? 
_refine_ls_shell.wR_factor_R_free                 ? 
_refine_ls_shell.wR_factor_R_work                 ? 
_refine_ls_shell.pdbx_R_complete                  ? 
_refine_ls_shell.pdbx_total_number_of_bins_used   20 
_refine_ls_shell.pdbx_phase_error                 ? 
_refine_ls_shell.pdbx_fsc_work                    ? 
_refine_ls_shell.pdbx_fsc_free                    ? 
_refine_ls_shell.R_factor_R_free                  0.228 
# 
_struct.entry_id                     9CP6 
_struct.title                        'Crystal structure of the DNA binding domain of FLI1 (residues 259-371)' 
_struct.pdbx_model_details           ? 
_struct.pdbx_formula_weight          ? 
_struct.pdbx_formula_weight_method   ? 
_struct.pdbx_model_type_details      ? 
_struct.pdbx_CASP_flag               N 
# 
_struct_keywords.entry_id        9CP6 
_struct_keywords.text            'transcription factor, Ewing sarcoma, ETS family, DNA BINDING PROTEIN' 
_struct_keywords.pdbx_keywords   'DNA BINDING PROTEIN' 
# 
loop_
_struct_asym.id 
_struct_asym.pdbx_blank_PDB_chainid_flag 
_struct_asym.pdbx_modified 
_struct_asym.entity_id 
_struct_asym.details 
A N N 1 ? 
B N N 2 ? 
C N N 3 ? 
# 
_struct_ref.id                         1 
_struct_ref.db_name                    UNP 
_struct_ref.db_code                    FLI1_HUMAN 
_struct_ref.pdbx_db_accession          Q01543 
_struct_ref.pdbx_db_isoform            ? 
_struct_ref.entity_id                  1 
_struct_ref.pdbx_seq_one_letter_code   
;QPDPYQILGPTSSRLANPGSGQIQLWQFLLELLSDSANASCITWEGTNGEFKMTDPDEVARRWGERKSKPNMNYDKLSRA
LRYYYDKNIMTKVHGKRYAYKFDFHGIAQALQP
;
_struct_ref.pdbx_align_begin           259 
# 
_struct_ref_seq.align_id                      1 
_struct_ref_seq.ref_id                        1 
_struct_ref_seq.pdbx_PDB_id_code              9CP6 
_struct_ref_seq.pdbx_strand_id                A 
_struct_ref_seq.seq_align_beg                 5 
_struct_ref_seq.pdbx_seq_align_beg_ins_code   ? 
_struct_ref_seq.seq_align_end                 117 
_struct_ref_seq.pdbx_seq_align_end_ins_code   ? 
_struct_ref_seq.pdbx_db_accession             Q01543 
_struct_ref_seq.db_align_beg                  259 
_struct_ref_seq.pdbx_db_align_beg_ins_code    ? 
_struct_ref_seq.db_align_end                  371 
_struct_ref_seq.pdbx_db_align_end_ins_code    ? 
_struct_ref_seq.pdbx_auth_seq_align_beg       259 
_struct_ref_seq.pdbx_auth_seq_align_end       371 
# 
loop_
_struct_ref_seq_dif.align_id 
_struct_ref_seq_dif.pdbx_pdb_id_code 
_struct_ref_seq_dif.mon_id 
_struct_ref_seq_dif.pdbx_pdb_strand_id 
_struct_ref_seq_dif.seq_num 
_struct_ref_seq_dif.pdbx_pdb_ins_code 
_struct_ref_seq_dif.pdbx_seq_db_name 
_struct_ref_seq_dif.pdbx_seq_db_accession_code 
_struct_ref_seq_dif.db_mon_id 
_struct_ref_seq_dif.pdbx_seq_db_seq_num 
_struct_ref_seq_dif.details 
_struct_ref_seq_dif.pdbx_auth_seq_num 
_struct_ref_seq_dif.pdbx_ordinal 
1 9CP6 GLY A 1 ? UNP Q01543 ? ? 'expression tag' 255 1 
1 9CP6 PRO A 2 ? UNP Q01543 ? ? 'expression tag' 256 2 
1 9CP6 HIS A 3 ? UNP Q01543 ? ? 'expression tag' 257 3 
1 9CP6 MET A 4 ? UNP Q01543 ? ? 'expression tag' 258 4 
# 
_pdbx_struct_assembly.id                   1 
_pdbx_struct_assembly.details              author_and_software_defined_assembly 
_pdbx_struct_assembly.method_details       PISA 
_pdbx_struct_assembly.oligomeric_details   dimeric 
_pdbx_struct_assembly.oligomeric_count     2 
# 
loop_
_pdbx_struct_assembly_prop.biol_id 
_pdbx_struct_assembly_prop.type 
_pdbx_struct_assembly_prop.value 
_pdbx_struct_assembly_prop.details 
1 'ABSA (A^2)' 1950  ? 
1 MORE         -39   ? 
1 'SSA (A^2)'  10240 ? 
# 
_pdbx_struct_assembly_gen.assembly_id       1 
_pdbx_struct_assembly_gen.oper_expression   1,2 
_pdbx_struct_assembly_gen.asym_id_list      A,B,C 
# 
_pdbx_struct_assembly_auth_evidence.id                     1 
_pdbx_struct_assembly_auth_evidence.assembly_id            1 
_pdbx_struct_assembly_auth_evidence.experimental_support   'gel filtration' 
_pdbx_struct_assembly_auth_evidence.details                ? 
# 
loop_
_pdbx_struct_oper_list.id 
_pdbx_struct_oper_list.type 
_pdbx_struct_oper_list.name 
_pdbx_struct_oper_list.symmetry_operation 
_pdbx_struct_oper_list.matrix[1][1] 
_pdbx_struct_oper_list.matrix[1][2] 
_pdbx_struct_oper_list.matrix[1][3] 
_pdbx_struct_oper_list.vector[1] 
_pdbx_struct_oper_list.matrix[2][1] 
_pdbx_struct_oper_list.matrix[2][2] 
_pdbx_struct_oper_list.matrix[2][3] 
_pdbx_struct_oper_list.vector[2] 
_pdbx_struct_oper_list.matrix[3][1] 
_pdbx_struct_oper_list.matrix[3][2] 
_pdbx_struct_oper_list.matrix[3][3] 
_pdbx_struct_oper_list.vector[3] 
1 'identity operation'         1_555  x,y,z        1.0000000000 0.0000000000  0.0000000000 0.0000000000 0.0000000000  1.0000000000  0.0000000000  0.0000000000  0.0000000000 0.0000000000  1.0000000000  0.0000000000  
2 'crystal symmetry operation' 12_554 x,x-y,-z-1/6 0.7806274246 -0.5843995003 0.2215807935 8.2024618862 -0.5843995003 -0.8082008784 -0.0727225152 23.4391512595 0.2215807935 -0.0727225152 -0.9724265462 -4.0964755357 
# 
loop_
_struct_conf.conf_type_id 
_struct_conf.id 
_struct_conf.pdbx_PDB_helix_id 
_struct_conf.beg_label_comp_id 
_struct_conf.beg_label_asym_id 
_struct_conf.beg_label_seq_id 
_struct_conf.pdbx_beg_PDB_ins_code 
_struct_conf.end_label_comp_id 
_struct_conf.end_label_asym_id 
_struct_conf.end_label_seq_id 
_struct_conf.pdbx_end_PDB_ins_code 
_struct_conf.beg_auth_comp_id 
_struct_conf.beg_auth_asym_id 
_struct_conf.beg_auth_seq_id 
_struct_conf.end_auth_comp_id 
_struct_conf.end_auth_asym_id 
_struct_conf.end_auth_seq_id 
_struct_conf.pdbx_PDB_helix_class 
_struct_conf.details 
_struct_conf.pdbx_PDB_helix_length 
HELX_P HELX_P1 AA1 GLN A 28  ? SER A 38  ? GLN A 282 SER A 292 1 ? 11 
HELX_P HELX_P2 AA2 ASP A 39  ? ALA A 43  ? ASP A 293 ALA A 297 5 ? 5  
HELX_P HELX_P3 AA3 ASP A 59  ? SER A 72  ? ASP A 313 SER A 326 1 ? 14 
HELX_P HELX_P4 AA4 ASN A 77  ? TYR A 88  ? ASN A 331 TYR A 342 1 ? 12 
HELX_P HELX_P5 AA5 ASP A 107 ? LEU A 115 ? ASP A 361 LEU A 369 1 ? 9  
# 
_struct_conf_type.id          HELX_P 
_struct_conf_type.criteria    ? 
_struct_conf_type.reference   ? 
# 
loop_
_struct_conn.id 
_struct_conn.conn_type_id 
_struct_conn.pdbx_leaving_atom_flag 
_struct_conn.pdbx_PDB_id 
_struct_conn.ptnr1_label_asym_id 
_struct_conn.ptnr1_label_comp_id 
_struct_conn.ptnr1_label_seq_id 
_struct_conn.ptnr1_label_atom_id 
_struct_conn.pdbx_ptnr1_label_alt_id 
_struct_conn.pdbx_ptnr1_PDB_ins_code 
_struct_conn.pdbx_ptnr1_standard_comp_id 
_struct_conn.ptnr1_symmetry 
_struct_conn.ptnr2_label_asym_id 
_struct_conn.ptnr2_label_comp_id 
_struct_conn.ptnr2_label_seq_id 
_struct_conn.ptnr2_label_atom_id 
_struct_conn.pdbx_ptnr2_label_alt_id 
_struct_conn.pdbx_ptnr2_PDB_ins_code 
_struct_conn.ptnr1_auth_asym_id 
_struct_conn.ptnr1_auth_comp_id 
_struct_conn.ptnr1_auth_seq_id 
_struct_conn.ptnr2_auth_asym_id 
_struct_conn.ptnr2_auth_comp_id 
_struct_conn.ptnr2_auth_seq_id 
_struct_conn.ptnr2_symmetry 
_struct_conn.pdbx_ptnr3_label_atom_id 
_struct_conn.pdbx_ptnr3_label_seq_id 
_struct_conn.pdbx_ptnr3_label_comp_id 
_struct_conn.pdbx_ptnr3_label_asym_id 
_struct_conn.pdbx_ptnr3_label_alt_id 
_struct_conn.pdbx_ptnr3_PDB_ins_code 
_struct_conn.details 
_struct_conn.pdbx_dist_value 
_struct_conn.pdbx_value_order 
_struct_conn.pdbx_role 
metalc1 metalc ? ? A GLU 35 OE1 ? ? ? 1_555 B NA  . NA ? ? A GLU 289 A NA  401 1_555 ? ? ? ? ? ? ? 2.412 ? ? 
metalc2 metalc ? ? B NA  .  NA  ? ? ? 1_555 C HOH . O  ? ? A NA  401 A HOH 532 1_555 ? ? ? ? ? ? ? 2.313 ? ? 
# 
_struct_conn_type.id          metalc 
_struct_conn_type.criteria    ? 
_struct_conn_type.reference   ? 
# 
_pdbx_struct_conn_angle.id                    1 
_pdbx_struct_conn_angle.ptnr1_label_atom_id   OE1 
_pdbx_struct_conn_angle.ptnr1_label_alt_id    ? 
_pdbx_struct_conn_angle.ptnr1_label_asym_id   A 
_pdbx_struct_conn_angle.ptnr1_label_comp_id   GLU 
_pdbx_struct_conn_angle.ptnr1_label_seq_id    35 
_pdbx_struct_conn_angle.ptnr1_auth_atom_id    ? 
_pdbx_struct_conn_angle.ptnr1_auth_asym_id    A 
_pdbx_struct_conn_angle.ptnr1_auth_comp_id    GLU 
_pdbx_struct_conn_angle.ptnr1_auth_seq_id     289 
_pdbx_struct_conn_angle.ptnr1_PDB_ins_code    ? 
_pdbx_struct_conn_angle.ptnr1_symmetry        1_555 
_pdbx_struct_conn_angle.ptnr2_label_atom_id   NA 
_pdbx_struct_conn_angle.ptnr2_label_alt_id    ? 
_pdbx_struct_conn_angle.ptnr2_label_asym_id   B 
_pdbx_struct_conn_angle.ptnr2_label_comp_id   NA 
_pdbx_struct_conn_angle.ptnr2_label_seq_id    . 
_pdbx_struct_conn_angle.ptnr2_auth_atom_id    ? 
_pdbx_struct_conn_angle.ptnr2_auth_asym_id    A 
_pdbx_struct_conn_angle.ptnr2_auth_comp_id    NA 
_pdbx_struct_conn_angle.ptnr2_auth_seq_id     401 
_pdbx_struct_conn_angle.ptnr2_PDB_ins_code    ? 
_pdbx_struct_conn_angle.ptnr2_symmetry        1_555 
_pdbx_struct_conn_angle.ptnr3_label_atom_id   O 
_pdbx_struct_conn_angle.ptnr3_label_alt_id    ? 
_pdbx_struct_conn_angle.ptnr3_label_asym_id   C 
_pdbx_struct_conn_angle.ptnr3_label_comp_id   HOH 
_pdbx_struct_conn_angle.ptnr3_label_seq_id    . 
_pdbx_struct_conn_angle.ptnr3_auth_atom_id    ? 
_pdbx_struct_conn_angle.ptnr3_auth_asym_id    A 
_pdbx_struct_conn_angle.ptnr3_auth_comp_id    HOH 
_pdbx_struct_conn_angle.ptnr3_auth_seq_id     532 
_pdbx_struct_conn_angle.ptnr3_PDB_ins_code    ? 
_pdbx_struct_conn_angle.ptnr3_symmetry        1_555 
_pdbx_struct_conn_angle.value                 166.4 
_pdbx_struct_conn_angle.value_esd             ? 
# 
_struct_sheet.id               AA1 
_struct_sheet.type             ? 
_struct_sheet.number_strands   4 
_struct_sheet.details          ? 
# 
loop_
_struct_sheet_order.sheet_id 
_struct_sheet_order.range_id_1 
_struct_sheet_order.range_id_2 
_struct_sheet_order.offset 
_struct_sheet_order.sense 
AA1 1 2 ? anti-parallel 
AA1 2 3 ? anti-parallel 
AA1 3 4 ? anti-parallel 
# 
loop_
_struct_sheet_range.sheet_id 
_struct_sheet_range.id 
_struct_sheet_range.beg_label_comp_id 
_struct_sheet_range.beg_label_asym_id 
_struct_sheet_range.beg_label_seq_id 
_struct_sheet_range.pdbx_beg_PDB_ins_code 
_struct_sheet_range.end_label_comp_id 
_struct_sheet_range.end_label_asym_id 
_struct_sheet_range.end_label_seq_id 
_struct_sheet_range.pdbx_end_PDB_ins_code 
_struct_sheet_range.beg_auth_comp_id 
_struct_sheet_range.beg_auth_asym_id 
_struct_sheet_range.beg_auth_seq_id 
_struct_sheet_range.end_auth_comp_id 
_struct_sheet_range.end_auth_asym_id 
_struct_sheet_range.end_auth_seq_id 
AA1 1 THR A 47  ? TRP A 48  ? THR A 301 TRP A 302 
AA1 2 GLU A 54  ? LYS A 56  ? GLU A 308 LYS A 310 
AA1 3 ALA A 103 ? PHE A 106 ? ALA A 357 PHE A 360 
AA1 4 MET A 94  ? LYS A 96  ? MET A 348 LYS A 350 
# 
loop_
_pdbx_struct_sheet_hbond.sheet_id 
_pdbx_struct_sheet_hbond.range_id_1 
_pdbx_struct_sheet_hbond.range_id_2 
_pdbx_struct_sheet_hbond.range_1_label_atom_id 
_pdbx_struct_sheet_hbond.range_1_label_comp_id 
_pdbx_struct_sheet_hbond.range_1_label_asym_id 
_pdbx_struct_sheet_hbond.range_1_label_seq_id 
_pdbx_struct_sheet_hbond.range_1_PDB_ins_code 
_pdbx_struct_sheet_hbond.range_1_auth_atom_id 
_pdbx_struct_sheet_hbond.range_1_auth_comp_id 
_pdbx_struct_sheet_hbond.range_1_auth_asym_id 
_pdbx_struct_sheet_hbond.range_1_auth_seq_id 
_pdbx_struct_sheet_hbond.range_2_label_atom_id 
_pdbx_struct_sheet_hbond.range_2_label_comp_id 
_pdbx_struct_sheet_hbond.range_2_label_asym_id 
_pdbx_struct_sheet_hbond.range_2_label_seq_id 
_pdbx_struct_sheet_hbond.range_2_PDB_ins_code 
_pdbx_struct_sheet_hbond.range_2_auth_atom_id 
_pdbx_struct_sheet_hbond.range_2_auth_comp_id 
_pdbx_struct_sheet_hbond.range_2_auth_asym_id 
_pdbx_struct_sheet_hbond.range_2_auth_seq_id 
AA1 1 2 N THR A 47  ? N THR A 301 O LYS A 56  ? O LYS A 310 
AA1 2 3 N PHE A 55  ? N PHE A 309 O TYR A 104 ? O TYR A 358 
AA1 3 4 O LYS A 105 ? O LYS A 359 N THR A 95  ? N THR A 349 
# 
_pdbx_entry_details.entry_id                   9CP6 
_pdbx_entry_details.has_ligand_of_interest     N 
_pdbx_entry_details.compound_details           ? 
_pdbx_entry_details.source_details             ? 
_pdbx_entry_details.nonpolymer_details         ? 
_pdbx_entry_details.sequence_details           ? 
_pdbx_entry_details.has_protein_modification   N 
# 
loop_
_pdbx_struct_special_symmetry.id 
_pdbx_struct_special_symmetry.PDB_model_num 
_pdbx_struct_special_symmetry.auth_asym_id 
_pdbx_struct_special_symmetry.auth_comp_id 
_pdbx_struct_special_symmetry.auth_seq_id 
_pdbx_struct_special_symmetry.PDB_ins_code 
_pdbx_struct_special_symmetry.label_asym_id 
_pdbx_struct_special_symmetry.label_comp_id 
_pdbx_struct_special_symmetry.label_seq_id 
1 1 A HOH 541 ? C HOH . 
2 1 A HOH 549 ? C HOH . 
# 
loop_
_pdbx_unobs_or_zero_occ_residues.id 
_pdbx_unobs_or_zero_occ_residues.PDB_model_num 
_pdbx_unobs_or_zero_occ_residues.polymer_flag 
_pdbx_unobs_or_zero_occ_residues.occupancy_flag 
_pdbx_unobs_or_zero_occ_residues.auth_asym_id 
_pdbx_unobs_or_zero_occ_residues.auth_comp_id 
_pdbx_unobs_or_zero_occ_residues.auth_seq_id 
_pdbx_unobs_or_zero_occ_residues.PDB_ins_code 
_pdbx_unobs_or_zero_occ_residues.label_asym_id 
_pdbx_unobs_or_zero_occ_residues.label_comp_id 
_pdbx_unobs_or_zero_occ_residues.label_seq_id 
1  1 Y 1 A GLY 255 ? A GLY 1   
2  1 Y 1 A PRO 256 ? A PRO 2   
3  1 Y 1 A HIS 257 ? A HIS 3   
4  1 Y 1 A MET 258 ? A MET 4   
5  1 Y 1 A GLN 259 ? A GLN 5   
6  1 Y 1 A PRO 260 ? A PRO 6   
7  1 Y 1 A ASP 261 ? A ASP 7   
8  1 Y 1 A PRO 262 ? A PRO 8   
9  1 Y 1 A TYR 263 ? A TYR 9   
10 1 Y 1 A GLN 264 ? A GLN 10  
11 1 Y 1 A ILE 265 ? A ILE 11  
12 1 Y 1 A LEU 266 ? A LEU 12  
13 1 Y 1 A GLY 267 ? A GLY 13  
14 1 Y 1 A PRO 268 ? A PRO 14  
15 1 Y 1 A THR 269 ? A THR 15  
16 1 Y 1 A SER 270 ? A SER 16  
17 1 Y 1 A SER 271 ? A SER 17  
18 1 Y 1 A PRO 371 ? A PRO 117 
# 
loop_
_chem_comp_atom.comp_id 
_chem_comp_atom.atom_id 
_chem_comp_atom.type_symbol 
_chem_comp_atom.pdbx_aromatic_flag 
_chem_comp_atom.pdbx_stereo_config 
_chem_comp_atom.pdbx_ordinal 
ALA N    N  N N 1   
ALA CA   C  N S 2   
ALA C    C  N N 3   
ALA O    O  N N 4   
ALA CB   C  N N 5   
ALA OXT  O  N N 6   
ALA H    H  N N 7   
ALA H2   H  N N 8   
ALA HA   H  N N 9   
ALA HB1  H  N N 10  
ALA HB2  H  N N 11  
ALA HB3  H  N N 12  
ALA HXT  H  N N 13  
ARG N    N  N N 14  
ARG CA   C  N S 15  
ARG C    C  N N 16  
ARG O    O  N N 17  
ARG CB   C  N N 18  
ARG CG   C  N N 19  
ARG CD   C  N N 20  
ARG NE   N  N N 21  
ARG CZ   C  N N 22  
ARG NH1  N  N N 23  
ARG NH2  N  N N 24  
ARG OXT  O  N N 25  
ARG H    H  N N 26  
ARG H2   H  N N 27  
ARG HA   H  N N 28  
ARG HB2  H  N N 29  
ARG HB3  H  N N 30  
ARG HG2  H  N N 31  
ARG HG3  H  N N 32  
ARG HD2  H  N N 33  
ARG HD3  H  N N 34  
ARG HE   H  N N 35  
ARG HH11 H  N N 36  
ARG HH12 H  N N 37  
ARG HH21 H  N N 38  
ARG HH22 H  N N 39  
ARG HXT  H  N N 40  
ASN N    N  N N 41  
ASN CA   C  N S 42  
ASN C    C  N N 43  
ASN O    O  N N 44  
ASN CB   C  N N 45  
ASN CG   C  N N 46  
ASN OD1  O  N N 47  
ASN ND2  N  N N 48  
ASN OXT  O  N N 49  
ASN H    H  N N 50  
ASN H2   H  N N 51  
ASN HA   H  N N 52  
ASN HB2  H  N N 53  
ASN HB3  H  N N 54  
ASN HD21 H  N N 55  
ASN HD22 H  N N 56  
ASN HXT  H  N N 57  
ASP N    N  N N 58  
ASP CA   C  N S 59  
ASP C    C  N N 60  
ASP O    O  N N 61  
ASP CB   C  N N 62  
ASP CG   C  N N 63  
ASP OD1  O  N N 64  
ASP OD2  O  N N 65  
ASP OXT  O  N N 66  
ASP H    H  N N 67  
ASP H2   H  N N 68  
ASP HA   H  N N 69  
ASP HB2  H  N N 70  
ASP HB3  H  N N 71  
ASP HD2  H  N N 72  
ASP HXT  H  N N 73  
CYS N    N  N N 74  
CYS CA   C  N R 75  
CYS C    C  N N 76  
CYS O    O  N N 77  
CYS CB   C  N N 78  
CYS SG   S  N N 79  
CYS OXT  O  N N 80  
CYS H    H  N N 81  
CYS H2   H  N N 82  
CYS HA   H  N N 83  
CYS HB2  H  N N 84  
CYS HB3  H  N N 85  
CYS HG   H  N N 86  
CYS HXT  H  N N 87  
GLN N    N  N N 88  
GLN CA   C  N S 89  
GLN C    C  N N 90  
GLN O    O  N N 91  
GLN CB   C  N N 92  
GLN CG   C  N N 93  
GLN CD   C  N N 94  
GLN OE1  O  N N 95  
GLN NE2  N  N N 96  
GLN OXT  O  N N 97  
GLN H    H  N N 98  
GLN H2   H  N N 99  
GLN HA   H  N N 100 
GLN HB2  H  N N 101 
GLN HB3  H  N N 102 
GLN HG2  H  N N 103 
GLN HG3  H  N N 104 
GLN HE21 H  N N 105 
GLN HE22 H  N N 106 
GLN HXT  H  N N 107 
GLU N    N  N N 108 
GLU CA   C  N S 109 
GLU C    C  N N 110 
GLU O    O  N N 111 
GLU CB   C  N N 112 
GLU CG   C  N N 113 
GLU CD   C  N N 114 
GLU OE1  O  N N 115 
GLU OE2  O  N N 116 
GLU OXT  O  N N 117 
GLU H    H  N N 118 
GLU H2   H  N N 119 
GLU HA   H  N N 120 
GLU HB2  H  N N 121 
GLU HB3  H  N N 122 
GLU HG2  H  N N 123 
GLU HG3  H  N N 124 
GLU HE2  H  N N 125 
GLU HXT  H  N N 126 
GLY N    N  N N 127 
GLY CA   C  N N 128 
GLY C    C  N N 129 
GLY O    O  N N 130 
GLY OXT  O  N N 131 
GLY H    H  N N 132 
GLY H2   H  N N 133 
GLY HA2  H  N N 134 
GLY HA3  H  N N 135 
GLY HXT  H  N N 136 
HIS N    N  N N 137 
HIS CA   C  N S 138 
HIS C    C  N N 139 
HIS O    O  N N 140 
HIS CB   C  N N 141 
HIS CG   C  Y N 142 
HIS ND1  N  Y N 143 
HIS CD2  C  Y N 144 
HIS CE1  C  Y N 145 
HIS NE2  N  Y N 146 
HIS OXT  O  N N 147 
HIS H    H  N N 148 
HIS H2   H  N N 149 
HIS HA   H  N N 150 
HIS HB2  H  N N 151 
HIS HB3  H  N N 152 
HIS HD1  H  N N 153 
HIS HD2  H  N N 154 
HIS HE1  H  N N 155 
HIS HE2  H  N N 156 
HIS HXT  H  N N 157 
HOH O    O  N N 158 
HOH H1   H  N N 159 
HOH H2   H  N N 160 
ILE N    N  N N 161 
ILE CA   C  N S 162 
ILE C    C  N N 163 
ILE O    O  N N 164 
ILE CB   C  N S 165 
ILE CG1  C  N N 166 
ILE CG2  C  N N 167 
ILE CD1  C  N N 168 
ILE OXT  O  N N 169 
ILE H    H  N N 170 
ILE H2   H  N N 171 
ILE HA   H  N N 172 
ILE HB   H  N N 173 
ILE HG12 H  N N 174 
ILE HG13 H  N N 175 
ILE HG21 H  N N 176 
ILE HG22 H  N N 177 
ILE HG23 H  N N 178 
ILE HD11 H  N N 179 
ILE HD12 H  N N 180 
ILE HD13 H  N N 181 
ILE HXT  H  N N 182 
LEU N    N  N N 183 
LEU CA   C  N S 184 
LEU C    C  N N 185 
LEU O    O  N N 186 
LEU CB   C  N N 187 
LEU CG   C  N N 188 
LEU CD1  C  N N 189 
LEU CD2  C  N N 190 
LEU OXT  O  N N 191 
LEU H    H  N N 192 
LEU H2   H  N N 193 
LEU HA   H  N N 194 
LEU HB2  H  N N 195 
LEU HB3  H  N N 196 
LEU HG   H  N N 197 
LEU HD11 H  N N 198 
LEU HD12 H  N N 199 
LEU HD13 H  N N 200 
LEU HD21 H  N N 201 
LEU HD22 H  N N 202 
LEU HD23 H  N N 203 
LEU HXT  H  N N 204 
LYS N    N  N N 205 
LYS CA   C  N S 206 
LYS C    C  N N 207 
LYS O    O  N N 208 
LYS CB   C  N N 209 
LYS CG   C  N N 210 
LYS CD   C  N N 211 
LYS CE   C  N N 212 
LYS NZ   N  N N 213 
LYS OXT  O  N N 214 
LYS H    H  N N 215 
LYS H2   H  N N 216 
LYS HA   H  N N 217 
LYS HB2  H  N N 218 
LYS HB3  H  N N 219 
LYS HG2  H  N N 220 
LYS HG3  H  N N 221 
LYS HD2  H  N N 222 
LYS HD3  H  N N 223 
LYS HE2  H  N N 224 
LYS HE3  H  N N 225 
LYS HZ1  H  N N 226 
LYS HZ2  H  N N 227 
LYS HZ3  H  N N 228 
LYS HXT  H  N N 229 
MET N    N  N N 230 
MET CA   C  N S 231 
MET C    C  N N 232 
MET O    O  N N 233 
MET CB   C  N N 234 
MET CG   C  N N 235 
MET SD   S  N N 236 
MET CE   C  N N 237 
MET OXT  O  N N 238 
MET H    H  N N 239 
MET H2   H  N N 240 
MET HA   H  N N 241 
MET HB2  H  N N 242 
MET HB3  H  N N 243 
MET HG2  H  N N 244 
MET HG3  H  N N 245 
MET HE1  H  N N 246 
MET HE2  H  N N 247 
MET HE3  H  N N 248 
MET HXT  H  N N 249 
NA  NA   NA N N 250 
PHE N    N  N N 251 
PHE CA   C  N S 252 
PHE C    C  N N 253 
PHE O    O  N N 254 
PHE CB   C  N N 255 
PHE CG   C  Y N 256 
PHE CD1  C  Y N 257 
PHE CD2  C  Y N 258 
PHE CE1  C  Y N 259 
PHE CE2  C  Y N 260 
PHE CZ   C  Y N 261 
PHE OXT  O  N N 262 
PHE H    H  N N 263 
PHE H2   H  N N 264 
PHE HA   H  N N 265 
PHE HB2  H  N N 266 
PHE HB3  H  N N 267 
PHE HD1  H  N N 268 
PHE HD2  H  N N 269 
PHE HE1  H  N N 270 
PHE HE2  H  N N 271 
PHE HZ   H  N N 272 
PHE HXT  H  N N 273 
PRO N    N  N N 274 
PRO CA   C  N S 275 
PRO C    C  N N 276 
PRO O    O  N N 277 
PRO CB   C  N N 278 
PRO CG   C  N N 279 
PRO CD   C  N N 280 
PRO OXT  O  N N 281 
PRO H    H  N N 282 
PRO HA   H  N N 283 
PRO HB2  H  N N 284 
PRO HB3  H  N N 285 
PRO HG2  H  N N 286 
PRO HG3  H  N N 287 
PRO HD2  H  N N 288 
PRO HD3  H  N N 289 
PRO HXT  H  N N 290 
SER N    N  N N 291 
SER CA   C  N S 292 
SER C    C  N N 293 
SER O    O  N N 294 
SER CB   C  N N 295 
SER OG   O  N N 296 
SER OXT  O  N N 297 
SER H    H  N N 298 
SER H2   H  N N 299 
SER HA   H  N N 300 
SER HB2  H  N N 301 
SER HB3  H  N N 302 
SER HG   H  N N 303 
SER HXT  H  N N 304 
THR N    N  N N 305 
THR CA   C  N S 306 
THR C    C  N N 307 
THR O    O  N N 308 
THR CB   C  N R 309 
THR OG1  O  N N 310 
THR CG2  C  N N 311 
THR OXT  O  N N 312 
THR H    H  N N 313 
THR H2   H  N N 314 
THR HA   H  N N 315 
THR HB   H  N N 316 
THR HG1  H  N N 317 
THR HG21 H  N N 318 
THR HG22 H  N N 319 
THR HG23 H  N N 320 
THR HXT  H  N N 321 
TRP N    N  N N 322 
TRP CA   C  N S 323 
TRP C    C  N N 324 
TRP O    O  N N 325 
TRP CB   C  N N 326 
TRP CG   C  Y N 327 
TRP CD1  C  Y N 328 
TRP CD2  C  Y N 329 
TRP NE1  N  Y N 330 
TRP CE2  C  Y N 331 
TRP CE3  C  Y N 332 
TRP CZ2  C  Y N 333 
TRP CZ3  C  Y N 334 
TRP CH2  C  Y N 335 
TRP OXT  O  N N 336 
TRP H    H  N N 337 
TRP H2   H  N N 338 
TRP HA   H  N N 339 
TRP HB2  H  N N 340 
TRP HB3  H  N N 341 
TRP HD1  H  N N 342 
TRP HE1  H  N N 343 
TRP HE3  H  N N 344 
TRP HZ2  H  N N 345 
TRP HZ3  H  N N 346 
TRP HH2  H  N N 347 
TRP HXT  H  N N 348 
TYR N    N  N N 349 
TYR CA   C  N S 350 
TYR C    C  N N 351 
TYR O    O  N N 352 
TYR CB   C  N N 353 
TYR CG   C  Y N 354 
TYR CD1  C  Y N 355 
TYR CD2  C  Y N 356 
TYR CE1  C  Y N 357 
TYR CE2  C  Y N 358 
TYR CZ   C  Y N 359 
TYR OH   O  N N 360 
TYR OXT  O  N N 361 
TYR H    H  N N 362 
TYR H2   H  N N 363 
TYR HA   H  N N 364 
TYR HB2  H  N N 365 
TYR HB3  H  N N 366 
TYR HD1  H  N N 367 
TYR HD2  H  N N 368 
TYR HE1  H  N N 369 
TYR HE2  H  N N 370 
TYR HH   H  N N 371 
TYR HXT  H  N N 372 
VAL N    N  N N 373 
VAL CA   C  N S 374 
VAL C    C  N N 375 
VAL O    O  N N 376 
VAL CB   C  N N 377 
VAL CG1  C  N N 378 
VAL CG2  C  N N 379 
VAL OXT  O  N N 380 
VAL H    H  N N 381 
VAL H2   H  N N 382 
VAL HA   H  N N 383 
VAL HB   H  N N 384 
VAL HG11 H  N N 385 
VAL HG12 H  N N 386 
VAL HG13 H  N N 387 
VAL HG21 H  N N 388 
VAL HG22 H  N N 389 
VAL HG23 H  N N 390 
VAL HXT  H  N N 391 
# 
loop_
_chem_comp_bond.comp_id 
_chem_comp_bond.atom_id_1 
_chem_comp_bond.atom_id_2 
_chem_comp_bond.value_order 
_chem_comp_bond.pdbx_aromatic_flag 
_chem_comp_bond.pdbx_stereo_config 
_chem_comp_bond.pdbx_ordinal 
ALA N   CA   sing N N 1   
ALA N   H    sing N N 2   
ALA N   H2   sing N N 3   
ALA CA  C    sing N N 4   
ALA CA  CB   sing N N 5   
ALA CA  HA   sing N N 6   
ALA C   O    doub N N 7   
ALA C   OXT  sing N N 8   
ALA CB  HB1  sing N N 9   
ALA CB  HB2  sing N N 10  
ALA CB  HB3  sing N N 11  
ALA OXT HXT  sing N N 12  
ARG N   CA   sing N N 13  
ARG N   H    sing N N 14  
ARG N   H2   sing N N 15  
ARG CA  C    sing N N 16  
ARG CA  CB   sing N N 17  
ARG CA  HA   sing N N 18  
ARG C   O    doub N N 19  
ARG C   OXT  sing N N 20  
ARG CB  CG   sing N N 21  
ARG CB  HB2  sing N N 22  
ARG CB  HB3  sing N N 23  
ARG CG  CD   sing N N 24  
ARG CG  HG2  sing N N 25  
ARG CG  HG3  sing N N 26  
ARG CD  NE   sing N N 27  
ARG CD  HD2  sing N N 28  
ARG CD  HD3  sing N N 29  
ARG NE  CZ   sing N N 30  
ARG NE  HE   sing N N 31  
ARG CZ  NH1  sing N N 32  
ARG CZ  NH2  doub N N 33  
ARG NH1 HH11 sing N N 34  
ARG NH1 HH12 sing N N 35  
ARG NH2 HH21 sing N N 36  
ARG NH2 HH22 sing N N 37  
ARG OXT HXT  sing N N 38  
ASN N   CA   sing N N 39  
ASN N   H    sing N N 40  
ASN N   H2   sing N N 41  
ASN CA  C    sing N N 42  
ASN CA  CB   sing N N 43  
ASN CA  HA   sing N N 44  
ASN C   O    doub N N 45  
ASN C   OXT  sing N N 46  
ASN CB  CG   sing N N 47  
ASN CB  HB2  sing N N 48  
ASN CB  HB3  sing N N 49  
ASN CG  OD1  doub N N 50  
ASN CG  ND2  sing N N 51  
ASN ND2 HD21 sing N N 52  
ASN ND2 HD22 sing N N 53  
ASN OXT HXT  sing N N 54  
ASP N   CA   sing N N 55  
ASP N   H    sing N N 56  
ASP N   H2   sing N N 57  
ASP CA  C    sing N N 58  
ASP CA  CB   sing N N 59  
ASP CA  HA   sing N N 60  
ASP C   O    doub N N 61  
ASP C   OXT  sing N N 62  
ASP CB  CG   sing N N 63  
ASP CB  HB2  sing N N 64  
ASP CB  HB3  sing N N 65  
ASP CG  OD1  doub N N 66  
ASP CG  OD2  sing N N 67  
ASP OD2 HD2  sing N N 68  
ASP OXT HXT  sing N N 69  
CYS N   CA   sing N N 70  
CYS N   H    sing N N 71  
CYS N   H2   sing N N 72  
CYS CA  C    sing N N 73  
CYS CA  CB   sing N N 74  
CYS CA  HA   sing N N 75  
CYS C   O    doub N N 76  
CYS C   OXT  sing N N 77  
CYS CB  SG   sing N N 78  
CYS CB  HB2  sing N N 79  
CYS CB  HB3  sing N N 80  
CYS SG  HG   sing N N 81  
CYS OXT HXT  sing N N 82  
GLN N   CA   sing N N 83  
GLN N   H    sing N N 84  
GLN N   H2   sing N N 85  
GLN CA  C    sing N N 86  
GLN CA  CB   sing N N 87  
GLN CA  HA   sing N N 88  
GLN C   O    doub N N 89  
GLN C   OXT  sing N N 90  
GLN CB  CG   sing N N 91  
GLN CB  HB2  sing N N 92  
GLN CB  HB3  sing N N 93  
GLN CG  CD   sing N N 94  
GLN CG  HG2  sing N N 95  
GLN CG  HG3  sing N N 96  
GLN CD  OE1  doub N N 97  
GLN CD  NE2  sing N N 98  
GLN NE2 HE21 sing N N 99  
GLN NE2 HE22 sing N N 100 
GLN OXT HXT  sing N N 101 
GLU N   CA   sing N N 102 
GLU N   H    sing N N 103 
GLU N   H2   sing N N 104 
GLU CA  C    sing N N 105 
GLU CA  CB   sing N N 106 
GLU CA  HA   sing N N 107 
GLU C   O    doub N N 108 
GLU C   OXT  sing N N 109 
GLU CB  CG   sing N N 110 
GLU CB  HB2  sing N N 111 
GLU CB  HB3  sing N N 112 
GLU CG  CD   sing N N 113 
GLU CG  HG2  sing N N 114 
GLU CG  HG3  sing N N 115 
GLU CD  OE1  doub N N 116 
GLU CD  OE2  sing N N 117 
GLU OE2 HE2  sing N N 118 
GLU OXT HXT  sing N N 119 
GLY N   CA   sing N N 120 
GLY N   H    sing N N 121 
GLY N   H2   sing N N 122 
GLY CA  C    sing N N 123 
GLY CA  HA2  sing N N 124 
GLY CA  HA3  sing N N 125 
GLY C   O    doub N N 126 
GLY C   OXT  sing N N 127 
GLY OXT HXT  sing N N 128 
HIS N   CA   sing N N 129 
HIS N   H    sing N N 130 
HIS N   H2   sing N N 131 
HIS CA  C    sing N N 132 
HIS CA  CB   sing N N 133 
HIS CA  HA   sing N N 134 
HIS C   O    doub N N 135 
HIS C   OXT  sing N N 136 
HIS CB  CG   sing N N 137 
HIS CB  HB2  sing N N 138 
HIS CB  HB3  sing N N 139 
HIS CG  ND1  sing Y N 140 
HIS CG  CD2  doub Y N 141 
HIS ND1 CE1  doub Y N 142 
HIS ND1 HD1  sing N N 143 
HIS CD2 NE2  sing Y N 144 
HIS CD2 HD2  sing N N 145 
HIS CE1 NE2  sing Y N 146 
HIS CE1 HE1  sing N N 147 
HIS NE2 HE2  sing N N 148 
HIS OXT HXT  sing N N 149 
HOH O   H1   sing N N 150 
HOH O   H2   sing N N 151 
ILE N   CA   sing N N 152 
ILE N   H    sing N N 153 
ILE N   H2   sing N N 154 
ILE CA  C    sing N N 155 
ILE CA  CB   sing N N 156 
ILE CA  HA   sing N N 157 
ILE C   O    doub N N 158 
ILE C   OXT  sing N N 159 
ILE CB  CG1  sing N N 160 
ILE CB  CG2  sing N N 161 
ILE CB  HB   sing N N 162 
ILE CG1 CD1  sing N N 163 
ILE CG1 HG12 sing N N 164 
ILE CG1 HG13 sing N N 165 
ILE CG2 HG21 sing N N 166 
ILE CG2 HG22 sing N N 167 
ILE CG2 HG23 sing N N 168 
ILE CD1 HD11 sing N N 169 
ILE CD1 HD12 sing N N 170 
ILE CD1 HD13 sing N N 171 
ILE OXT HXT  sing N N 172 
LEU N   CA   sing N N 173 
LEU N   H    sing N N 174 
LEU N   H2   sing N N 175 
LEU CA  C    sing N N 176 
LEU CA  CB   sing N N 177 
LEU CA  HA   sing N N 178 
LEU C   O    doub N N 179 
LEU C   OXT  sing N N 180 
LEU CB  CG   sing N N 181 
LEU CB  HB2  sing N N 182 
LEU CB  HB3  sing N N 183 
LEU CG  CD1  sing N N 184 
LEU CG  CD2  sing N N 185 
LEU CG  HG   sing N N 186 
LEU CD1 HD11 sing N N 187 
LEU CD1 HD12 sing N N 188 
LEU CD1 HD13 sing N N 189 
LEU CD2 HD21 sing N N 190 
LEU CD2 HD22 sing N N 191 
LEU CD2 HD23 sing N N 192 
LEU OXT HXT  sing N N 193 
LYS N   CA   sing N N 194 
LYS N   H    sing N N 195 
LYS N   H2   sing N N 196 
LYS CA  C    sing N N 197 
LYS CA  CB   sing N N 198 
LYS CA  HA   sing N N 199 
LYS C   O    doub N N 200 
LYS C   OXT  sing N N 201 
LYS CB  CG   sing N N 202 
LYS CB  HB2  sing N N 203 
LYS CB  HB3  sing N N 204 
LYS CG  CD   sing N N 205 
LYS CG  HG2  sing N N 206 
LYS CG  HG3  sing N N 207 
LYS CD  CE   sing N N 208 
LYS CD  HD2  sing N N 209 
LYS CD  HD3  sing N N 210 
LYS CE  NZ   sing N N 211 
LYS CE  HE2  sing N N 212 
LYS CE  HE3  sing N N 213 
LYS NZ  HZ1  sing N N 214 
LYS NZ  HZ2  sing N N 215 
LYS NZ  HZ3  sing N N 216 
LYS OXT HXT  sing N N 217 
MET N   CA   sing N N 218 
MET N   H    sing N N 219 
MET N   H2   sing N N 220 
MET CA  C    sing N N 221 
MET CA  CB   sing N N 222 
MET CA  HA   sing N N 223 
MET C   O    doub N N 224 
MET C   OXT  sing N N 225 
MET CB  CG   sing N N 226 
MET CB  HB2  sing N N 227 
MET CB  HB3  sing N N 228 
MET CG  SD   sing N N 229 
MET CG  HG2  sing N N 230 
MET CG  HG3  sing N N 231 
MET SD  CE   sing N N 232 
MET CE  HE1  sing N N 233 
MET CE  HE2  sing N N 234 
MET CE  HE3  sing N N 235 
MET OXT HXT  sing N N 236 
PHE N   CA   sing N N 237 
PHE N   H    sing N N 238 
PHE N   H2   sing N N 239 
PHE CA  C    sing N N 240 
PHE CA  CB   sing N N 241 
PHE CA  HA   sing N N 242 
PHE C   O    doub N N 243 
PHE C   OXT  sing N N 244 
PHE CB  CG   sing N N 245 
PHE CB  HB2  sing N N 246 
PHE CB  HB3  sing N N 247 
PHE CG  CD1  doub Y N 248 
PHE CG  CD2  sing Y N 249 
PHE CD1 CE1  sing Y N 250 
PHE CD1 HD1  sing N N 251 
PHE CD2 CE2  doub Y N 252 
PHE CD2 HD2  sing N N 253 
PHE CE1 CZ   doub Y N 254 
PHE CE1 HE1  sing N N 255 
PHE CE2 CZ   sing Y N 256 
PHE CE2 HE2  sing N N 257 
PHE CZ  HZ   sing N N 258 
PHE OXT HXT  sing N N 259 
PRO N   CA   sing N N 260 
PRO N   CD   sing N N 261 
PRO N   H    sing N N 262 
PRO CA  C    sing N N 263 
PRO CA  CB   sing N N 264 
PRO CA  HA   sing N N 265 
PRO C   O    doub N N 266 
PRO C   OXT  sing N N 267 
PRO CB  CG   sing N N 268 
PRO CB  HB2  sing N N 269 
PRO CB  HB3  sing N N 270 
PRO CG  CD   sing N N 271 
PRO CG  HG2  sing N N 272 
PRO CG  HG3  sing N N 273 
PRO CD  HD2  sing N N 274 
PRO CD  HD3  sing N N 275 
PRO OXT HXT  sing N N 276 
SER N   CA   sing N N 277 
SER N   H    sing N N 278 
SER N   H2   sing N N 279 
SER CA  C    sing N N 280 
SER CA  CB   sing N N 281 
SER CA  HA   sing N N 282 
SER C   O    doub N N 283 
SER C   OXT  sing N N 284 
SER CB  OG   sing N N 285 
SER CB  HB2  sing N N 286 
SER CB  HB3  sing N N 287 
SER OG  HG   sing N N 288 
SER OXT HXT  sing N N 289 
THR N   CA   sing N N 290 
THR N   H    sing N N 291 
THR N   H2   sing N N 292 
THR CA  C    sing N N 293 
THR CA  CB   sing N N 294 
THR CA  HA   sing N N 295 
THR C   O    doub N N 296 
THR C   OXT  sing N N 297 
THR CB  OG1  sing N N 298 
THR CB  CG2  sing N N 299 
THR CB  HB   sing N N 300 
THR OG1 HG1  sing N N 301 
THR CG2 HG21 sing N N 302 
THR CG2 HG22 sing N N 303 
THR CG2 HG23 sing N N 304 
THR OXT HXT  sing N N 305 
TRP N   CA   sing N N 306 
TRP N   H    sing N N 307 
TRP N   H2   sing N N 308 
TRP CA  C    sing N N 309 
TRP CA  CB   sing N N 310 
TRP CA  HA   sing N N 311 
TRP C   O    doub N N 312 
TRP C   OXT  sing N N 313 
TRP CB  CG   sing N N 314 
TRP CB  HB2  sing N N 315 
TRP CB  HB3  sing N N 316 
TRP CG  CD1  doub Y N 317 
TRP CG  CD2  sing Y N 318 
TRP CD1 NE1  sing Y N 319 
TRP CD1 HD1  sing N N 320 
TRP CD2 CE2  doub Y N 321 
TRP CD2 CE3  sing Y N 322 
TRP NE1 CE2  sing Y N 323 
TRP NE1 HE1  sing N N 324 
TRP CE2 CZ2  sing Y N 325 
TRP CE3 CZ3  doub Y N 326 
TRP CE3 HE3  sing N N 327 
TRP CZ2 CH2  doub Y N 328 
TRP CZ2 HZ2  sing N N 329 
TRP CZ3 CH2  sing Y N 330 
TRP CZ3 HZ3  sing N N 331 
TRP CH2 HH2  sing N N 332 
TRP OXT HXT  sing N N 333 
TYR N   CA   sing N N 334 
TYR N   H    sing N N 335 
TYR N   H2   sing N N 336 
TYR CA  C    sing N N 337 
TYR CA  CB   sing N N 338 
TYR CA  HA   sing N N 339 
TYR C   O    doub N N 340 
TYR C   OXT  sing N N 341 
TYR CB  CG   sing N N 342 
TYR CB  HB2  sing N N 343 
TYR CB  HB3  sing N N 344 
TYR CG  CD1  doub Y N 345 
TYR CG  CD2  sing Y N 346 
TYR CD1 CE1  sing Y N 347 
TYR CD1 HD1  sing N N 348 
TYR CD2 CE2  doub Y N 349 
TYR CD2 HD2  sing N N 350 
TYR CE1 CZ   doub Y N 351 
TYR CE1 HE1  sing N N 352 
TYR CE2 CZ   sing Y N 353 
TYR CE2 HE2  sing N N 354 
TYR CZ  OH   sing N N 355 
TYR OH  HH   sing N N 356 
TYR OXT HXT  sing N N 357 
VAL N   CA   sing N N 358 
VAL N   H    sing N N 359 
VAL N   H2   sing N N 360 
VAL CA  C    sing N N 361 
VAL CA  CB   sing N N 362 
VAL CA  HA   sing N N 363 
VAL C   O    doub N N 364 
VAL C   OXT  sing N N 365 
VAL CB  CG1  sing N N 366 
VAL CB  CG2  sing N N 367 
VAL CB  HB   sing N N 368 
VAL CG1 HG11 sing N N 369 
VAL CG1 HG12 sing N N 370 
VAL CG1 HG13 sing N N 371 
VAL CG2 HG21 sing N N 372 
VAL CG2 HG22 sing N N 373 
VAL CG2 HG23 sing N N 374 
VAL OXT HXT  sing N N 375 
# 
_pdbx_audit_support.funding_organization   'National Institutes of Health/National Cancer Institute (NIH/NCI)' 
_pdbx_audit_support.country                'United States' 
_pdbx_audit_support.grant_number           R01CA243529 
_pdbx_audit_support.ordinal                1 
# 
_pdbx_initial_refinement_model.id               1 
_pdbx_initial_refinement_model.entity_id_list   ? 
_pdbx_initial_refinement_model.type             'experimental model' 
_pdbx_initial_refinement_model.source_name      PDB 
_pdbx_initial_refinement_model.accession_code   5JVT 
_pdbx_initial_refinement_model.details          ? 
# 
_atom_sites.entry_id                    9CP6 
_atom_sites.Cartn_transf_matrix[1][1]   ? 
_atom_sites.Cartn_transf_matrix[1][2]   ? 
_atom_sites.Cartn_transf_matrix[1][3]   ? 
_atom_sites.Cartn_transf_matrix[2][1]   ? 
_atom_sites.Cartn_transf_matrix[2][2]   ? 
_atom_sites.Cartn_transf_matrix[2][3]   ? 
_atom_sites.Cartn_transf_matrix[3][1]   ? 
_atom_sites.Cartn_transf_matrix[3][2]   ? 
_atom_sites.Cartn_transf_matrix[3][3]   ? 
_atom_sites.Cartn_transf_vector[1]      ? 
_atom_sites.Cartn_transf_vector[2]      ? 
_atom_sites.Cartn_transf_vector[3]      ? 
_atom_sites.Cartn_transform_axes        ? 
_atom_sites.fract_transf_matrix[1][1]   0.02443828 
_atom_sites.fract_transf_matrix[1][2]   -0.00802058 
_atom_sites.fract_transf_matrix[1][3]   0.00304111 
_atom_sites.fract_transf_matrix[2][1]   0.01666899 
_atom_sites.fract_transf_matrix[2][2]   0.01421210 
_atom_sites.fract_transf_matrix[2][3]   0.01381736 
_atom_sites.fract_transf_matrix[3][1]   -0.00150911 
_atom_sites.fract_transf_matrix[3][2]   -0.00281144 
_atom_sites.fract_transf_matrix[3][3]   0.00471231 
_atom_sites.fract_transf_vector[1]      -0.239551 
_atom_sites.fract_transf_vector[2]      -0.326393 
_atom_sites.fract_transf_vector[3]      -0.034538 
_atom_sites.solution_primary            ? 
_atom_sites.solution_secondary          ? 
_atom_sites.solution_hydrogens          ? 
_atom_sites.special_details             ? 
# 
loop_
_atom_type.symbol 
C  
N  
NA 
O  
S  
# 
loop_
_atom_site.group_PDB 
_atom_site.id 
_atom_site.type_symbol 
_atom_site.label_atom_id 
_atom_site.label_alt_id 
_atom_site.label_comp_id 
_atom_site.label_asym_id 
_atom_site.label_entity_id 
_atom_site.label_seq_id 
_atom_site.pdbx_PDB_ins_code 
_atom_site.Cartn_x 
_atom_site.Cartn_y 
_atom_site.Cartn_z 
_atom_site.occupancy 
_atom_site.B_iso_or_equiv 
_atom_site.pdbx_formal_charge 
_atom_site.auth_seq_id 
_atom_site.auth_comp_id 
_atom_site.auth_asym_id 
_atom_site.auth_atom_id 
_atom_site.pdbx_PDB_model_num 
ATOM   1   N  N   . ARG A 1 18  ? -4.478  7.974   -9.908  1.00 41.31 ? 272 ARG A N   1 
ATOM   2   C  CA  . ARG A 1 18  ? -5.689  8.837   -9.781  1.00 39.82 ? 272 ARG A CA  1 
ATOM   3   C  C   . ARG A 1 18  ? -6.060  8.983   -8.299  1.00 38.46 ? 272 ARG A C   1 
ATOM   4   O  O   . ARG A 1 18  ? -6.275  7.944   -7.631  1.00 37.54 ? 272 ARG A O   1 
ATOM   5   N  N   . LEU A 1 19  ? -6.140  10.229  -7.821  1.00 35.02 ? 273 LEU A N   1 
ATOM   6   C  CA  . LEU A 1 19  ? -6.421  10.580  -6.404  1.00 34.36 ? 273 LEU A CA  1 
ATOM   7   C  C   . LEU A 1 19  ? -7.918  10.441  -6.107  1.00 32.34 ? 273 LEU A C   1 
ATOM   8   O  O   . LEU A 1 19  ? -8.740  10.970  -6.890  1.00 32.31 ? 273 LEU A O   1 
ATOM   9   C  CB  . LEU A 1 19  ? -5.959  12.015  -6.150  1.00 36.31 ? 273 LEU A CB  1 
ATOM   10  C  CG  . LEU A 1 19  ? -6.027  12.474  -4.696  1.00 37.26 ? 273 LEU A CG  1 
ATOM   11  C  CD1 . LEU A 1 19  ? -4.949  11.802  -3.856  1.00 37.32 ? 273 LEU A CD1 1 
ATOM   12  C  CD2 . LEU A 1 19  ? -5.908  13.985  -4.608  1.00 39.50 ? 273 LEU A CD2 1 
ATOM   13  N  N   . ALA A 1 20  ? -8.250  9.793   -4.989  1.00 29.33 ? 274 ALA A N   1 
ATOM   14  C  CA  . ALA A 1 20  ? -9.627  9.612   -4.481  1.00 27.99 ? 274 ALA A CA  1 
ATOM   15  C  C   . ALA A 1 20  ? -9.812  10.454  -3.223  1.00 26.99 ? 274 ALA A C   1 
ATOM   16  O  O   . ALA A 1 20  ? -8.809  10.884  -2.633  1.00 25.47 ? 274 ALA A O   1 
ATOM   17  C  CB  . ALA A 1 20  ? -9.882  8.151   -4.203  1.00 27.01 ? 274 ALA A CB  1 
ATOM   18  N  N   . ASN A 1 21  ? -11.061 10.669  -2.814  1.00 27.65 ? 275 ASN A N   1 
ATOM   19  C  CA  . ASN A 1 21  ? -11.377 11.335  -1.529  1.00 29.34 ? 275 ASN A CA  1 
ATOM   20  C  C   . ASN A 1 21  ? -10.856 10.448  -0.405  1.00 28.44 ? 275 ASN A C   1 
ATOM   21  O  O   . ASN A 1 21  ? -10.986 9.227   -0.464  1.00 25.18 ? 275 ASN A O   1 
ATOM   22  C  CB  . ASN A 1 21  ? -12.874 11.639  -1.403  1.00 32.56 ? 275 ASN A CB  1 
ATOM   23  C  CG  . ASN A 1 21  ? -13.349 12.649  -2.431  1.00 35.71 ? 275 ASN A CG  1 
ATOM   24  O  OD1 . ASN A 1 21  ? -12.615 13.569  -2.791  1.00 39.86 ? 275 ASN A OD1 1 
ATOM   25  N  ND2 . ASN A 1 21  ? -14.571 12.489  -2.916  1.00 36.34 ? 275 ASN A ND2 1 
ATOM   26  N  N   . PRO A 1 22  ? -10.223 11.021  0.642   1.00 28.23 ? 276 PRO A N   1 
ATOM   27  C  CA  . PRO A 1 22  ? -9.730  10.231  1.767   1.00 27.56 ? 276 PRO A CA  1 
ATOM   28  C  C   . PRO A 1 22  ? -10.821 9.347   2.392   1.00 26.25 ? 276 PRO A C   1 
ATOM   29  O  O   . PRO A 1 22  ? -11.934 9.812   2.531   1.00 26.40 ? 276 PRO A O   1 
ATOM   30  C  CB  . PRO A 1 22  ? -9.248  11.291  2.771   1.00 29.45 ? 276 PRO A CB  1 
ATOM   31  C  CG  . PRO A 1 22  ? -8.892  12.469  1.898   1.00 30.18 ? 276 PRO A CG  1 
ATOM   32  C  CD  . PRO A 1 22  ? -9.937  12.461  0.801   1.00 30.24 ? 276 PRO A CD  1 
ATOM   33  N  N   . GLY A 1 23  ? -10.481 8.089   2.692   1.00 23.30 ? 277 GLY A N   1 
ATOM   34  C  CA  . GLY A 1 23  ? -11.343 7.129   3.394   1.00 21.16 ? 277 GLY A CA  1 
ATOM   35  C  C   . GLY A 1 23  ? -12.413 6.562   2.480   1.00 19.68 ? 277 GLY A C   1 
ATOM   36  O  O   . GLY A 1 23  ? -13.284 5.846   3.005   1.00 20.66 ? 277 GLY A O   1 
ATOM   37  N  N   . SER A 1 24  ? -12.331 6.821   1.171   1.00 19.37 ? 278 SER A N   1 
ATOM   38  C  CA  . SER A 1 24  ? -13.373 6.408   0.194   1.00 20.01 ? 278 SER A CA  1 
ATOM   39  C  C   . SER A 1 24  ? -13.218 4.932   -0.196  1.00 20.85 ? 278 SER A C   1 
ATOM   40  O  O   . SER A 1 24  ? -12.086 4.371   -0.135  1.00 18.72 ? 278 SER A O   1 
ATOM   41  C  CB  . SER A 1 24  ? -13.399 7.313   -1.007  1.00 21.24 ? 278 SER A CB  1 
ATOM   42  O  OG  . SER A 1 24  ? -12.203 7.210   -1.739  1.00 25.04 ? 278 SER A OG  1 
ATOM   43  N  N   . GLY A 1 25  ? -14.342 4.297   -0.536  1.00 19.21 ? 279 GLY A N   1 
ATOM   44  C  CA  . GLY A 1 25  ? -14.368 2.938   -1.106  1.00 20.07 ? 279 GLY A CA  1 
ATOM   45  C  C   . GLY A 1 25  ? -13.762 2.881   -2.498  1.00 20.23 ? 279 GLY A C   1 
ATOM   46  O  O   . GLY A 1 25  ? -13.277 1.809   -2.854  1.00 21.62 ? 279 GLY A O   1 
ATOM   47  N  N   . GLN A 1 26  ? -13.752 3.987   -3.249  1.00 20.69 ? 280 GLN A N   1 
ATOM   48  C  CA  . GLN A 1 26  ? -13.246 4.069   -4.650  1.00 23.50 ? 280 GLN A CA  1 
ATOM   49  C  C   . GLN A 1 26  ? -11.719 4.238   -4.664  1.00 22.12 ? 280 GLN A C   1 
ATOM   50  O  O   . GLN A 1 26  ? -11.144 4.276   -5.750  1.00 23.41 ? 280 GLN A O   1 
ATOM   51  C  CB  . GLN A 1 26  ? -13.917 5.231   -5.382  1.00 28.59 ? 280 GLN A CB  1 
ATOM   52  C  CG  . GLN A 1 26  ? -13.738 5.212   -6.894  1.00 35.17 ? 280 GLN A CG  1 
ATOM   53  C  CD  . GLN A 1 26  ? -14.699 6.144   -7.601  1.00 39.99 ? 280 GLN A CD  1 
ATOM   54  O  OE1 . GLN A 1 26  ? -15.905 6.128   -7.354  1.00 43.27 ? 280 GLN A OE1 1 
ATOM   55  N  NE2 . GLN A 1 26  ? -14.173 6.965   -8.499  1.00 42.34 ? 280 GLN A NE2 1 
ATOM   56  N  N   . ILE A 1 27  ? -11.084 4.300   -3.496  1.00 20.59 ? 281 ILE A N   1 
ATOM   57  C  CA  . ILE A 1 27  ? -9.625  4.558   -3.352  1.00 18.80 ? 281 ILE A CA  1 
ATOM   58  C  C   . ILE A 1 27  ? -8.808  3.476   -4.069  1.00 18.16 ? 281 ILE A C   1 
ATOM   59  O  O   . ILE A 1 27  ? -9.231  2.300   -4.093  1.00 17.62 ? 281 ILE A O   1 
ATOM   60  C  CB  . ILE A 1 27  ? -9.277  4.648   -1.858  1.00 19.43 ? 281 ILE A CB  1 
ATOM   61  C  CG1 . ILE A 1 27  ? -7.973  5.395   -1.605  1.00 18.79 ? 281 ILE A CG1 1 
ATOM   62  C  CG2 . ILE A 1 27  ? -9.269  3.279   -1.202  1.00 19.19 ? 281 ILE A CG2 1 
ATOM   63  C  CD1 . ILE A 1 27  ? -7.823  5.793   -0.179  1.00 19.51 ? 281 ILE A CD1 1 
ATOM   64  N  N   . GLN A 1 28  ? -7.653  3.859   -4.615  1.00 17.62 ? 282 GLN A N   1 
ATOM   65  C  CA  . GLN A 1 28  ? -6.675  2.901   -5.181  1.00 18.00 ? 282 GLN A CA  1 
ATOM   66  C  C   . GLN A 1 28  ? -5.744  2.408   -4.071  1.00 15.84 ? 282 GLN A C   1 
ATOM   67  O  O   . GLN A 1 28  ? -5.610  3.096   -3.054  1.00 15.72 ? 282 GLN A O   1 
ATOM   68  C  CB  . GLN A 1 28  ? -5.932  3.541   -6.348  1.00 20.39 ? 282 GLN A CB  1 
ATOM   69  C  CG  . GLN A 1 28  ? -6.827  3.624   -7.578  1.00 23.41 ? 282 GLN A CG  1 
ATOM   70  C  CD  . GLN A 1 28  ? -6.170  4.321   -8.738  1.00 27.81 ? 282 GLN A CD  1 
ATOM   71  O  OE1 . GLN A 1 28  ? -5.274  5.145   -8.566  1.00 31.12 ? 282 GLN A OE1 1 
ATOM   72  N  NE2 . GLN A 1 28  ? -6.640  4.010   -9.936  1.00 31.23 ? 282 GLN A NE2 1 
ATOM   73  N  N   . LEU A 1 29  ? -5.158  1.233   -4.278  1.00 14.72 ? 283 LEU A N   1 
ATOM   74  C  CA  . LEU A 1 29  ? -4.344  0.547   -3.248  1.00 14.63 ? 283 LEU A CA  1 
ATOM   75  C  C   . LEU A 1 29  ? -3.198  1.456   -2.786  1.00 14.32 ? 283 LEU A C   1 
ATOM   76  O  O   . LEU A 1 29  ? -2.949  1.539   -1.571  1.00 13.26 ? 283 LEU A O   1 
ATOM   77  C  CB  . LEU A 1 29  ? -3.820  -0.763  -3.831  1.00 14.67 ? 283 LEU A CB  1 
ATOM   78  C  CG  . LEU A 1 29  ? -2.892  -1.545  -2.912  1.00 15.59 ? 283 LEU A CG  1 
ATOM   79  C  CD1 . LEU A 1 29  ? -3.513  -1.761  -1.538  1.00 15.20 ? 283 LEU A CD1 1 
ATOM   80  C  CD2 . LEU A 1 29  ? -2.527  -2.865  -3.551  1.00 16.20 ? 283 LEU A CD2 1 
ATOM   81  N  N   . TRP A 1 30  ? -2.503  2.136   -3.696  1.00 15.10 ? 284 TRP A N   1 
ATOM   82  C  CA  . TRP A 1 30  ? -1.340  2.977   -3.302  1.00 15.89 ? 284 TRP A CA  1 
ATOM   83  C  C   . TRP A 1 30  ? -1.792  4.054   -2.310  1.00 15.42 ? 284 TRP A C   1 
ATOM   84  O  O   . TRP A 1 30  ? -1.070  4.325   -1.328  1.00 16.04 ? 284 TRP A O   1 
ATOM   85  C  CB  . TRP A 1 30  ? -0.634  3.571   -4.532  1.00 16.59 ? 284 TRP A CB  1 
ATOM   86  C  CG  . TRP A 1 30  ? -1.434  4.583   -5.290  1.00 17.37 ? 284 TRP A CG  1 
ATOM   87  C  CD1 . TRP A 1 30  ? -2.199  4.352   -6.398  1.00 19.18 ? 284 TRP A CD1 1 
ATOM   88  C  CD2 . TRP A 1 30  ? -1.552  5.987   -5.015  1.00 17.21 ? 284 TRP A CD2 1 
ATOM   89  N  NE1 . TRP A 1 30  ? -2.802  5.508   -6.805  1.00 19.76 ? 284 TRP A NE1 1 
ATOM   90  C  CE2 . TRP A 1 30  ? -2.419  6.529   -5.988  1.00 18.40 ? 284 TRP A CE2 1 
ATOM   91  C  CE3 . TRP A 1 30  ? -1.025  6.838   -4.039  1.00 17.10 ? 284 TRP A CE3 1 
ATOM   92  C  CZ2 . TRP A 1 30  ? -2.757  7.878   -6.011  1.00 19.43 ? 284 TRP A CZ2 1 
ATOM   93  C  CZ3 . TRP A 1 30  ? -1.361  8.169   -4.059  1.00 18.61 ? 284 TRP A CZ3 1 
ATOM   94  C  CH2 . TRP A 1 30  ? -2.227  8.680   -5.031  1.00 19.46 ? 284 TRP A CH2 1 
ATOM   95  N  N   . GLN A 1 31  ? -2.949  4.674   -2.539  1.00 14.93 ? 285 GLN A N   1 
ATOM   96  C  CA  . GLN A 1 31  ? -3.445  5.762   -1.669  1.00 14.21 ? 285 GLN A CA  1 
ATOM   97  C  C   . GLN A 1 31  ? -3.903  5.181   -0.329  1.00 13.24 ? 285 GLN A C   1 
ATOM   98  O  O   . GLN A 1 31  ? -3.701  5.824   0.707   1.00 12.70 ? 285 GLN A O   1 
ATOM   99  C  CB  . GLN A 1 31  ? -4.578  6.514   -2.357  1.00 15.45 ? 285 GLN A CB  1 
ATOM   100 C  CG  . GLN A 1 31  ? -4.855  7.848   -1.706  1.00 17.31 ? 285 GLN A CG  1 
ATOM   101 C  CD  . GLN A 1 31  ? -6.019  8.550   -2.352  1.00 18.27 ? 285 GLN A CD  1 
ATOM   102 O  OE1 . GLN A 1 31  ? -6.269  8.410   -3.546  1.00 19.63 ? 285 GLN A OE1 1 
ATOM   103 N  NE2 . GLN A 1 31  ? -6.754  9.289   -1.545  1.00 20.99 ? 285 GLN A NE2 1 
ATOM   104 N  N   . PHE A 1 32  ? -4.520  4.009   -0.360  1.00 12.53 ? 286 PHE A N   1 
ATOM   105 C  CA  . PHE A 1 32  ? -4.981  3.314   0.856   1.00 12.99 ? 286 PHE A CA  1 
ATOM   106 C  C   . PHE A 1 32  ? -3.784  3.023   1.758   1.00 12.36 ? 286 PHE A C   1 
ATOM   107 O  O   . PHE A 1 32  ? -3.866  3.248   2.976   1.00 12.44 ? 286 PHE A O   1 
ATOM   108 C  CB  . PHE A 1 32  ? -5.733  2.045   0.474   1.00 13.47 ? 286 PHE A CB  1 
ATOM   109 C  CG  . PHE A 1 32  ? -6.146  1.221   1.659   1.00 13.16 ? 286 PHE A CG  1 
ATOM   110 C  CD1 . PHE A 1 32  ? -7.205  1.623   2.461   1.00 13.66 ? 286 PHE A CD1 1 
ATOM   111 C  CD2 . PHE A 1 32  ? -5.470  0.054   1.976   1.00 13.31 ? 286 PHE A CD2 1 
ATOM   112 C  CE1 . PHE A 1 32  ? -7.580  0.864   3.554   1.00 13.89 ? 286 PHE A CE1 1 
ATOM   113 C  CE2 . PHE A 1 32  ? -5.867  -0.716  3.061   1.00 13.69 ? 286 PHE A CE2 1 
ATOM   114 C  CZ  . PHE A 1 32  ? -6.907  -0.297  3.853   1.00 13.53 ? 286 PHE A CZ  1 
ATOM   115 N  N   . LEU A 1 33  ? -2.686  2.556   1.175   1.00 12.73 ? 287 LEU A N   1 
ATOM   116 C  CA  . LEU A 1 33  ? -1.477  2.262   1.984   1.00 12.99 ? 287 LEU A CA  1 
ATOM   117 C  C   . LEU A 1 33  ? -0.933  3.559   2.592   1.00 12.62 ? 287 LEU A C   1 
ATOM   118 O  O   . LEU A 1 33  ? -0.588  3.551   3.784   1.00 11.41 ? 287 LEU A O   1 
ATOM   119 C  CB  . LEU A 1 33  ? -0.448  1.538   1.125   1.00 13.11 ? 287 LEU A CB  1 
ATOM   120 C  CG  . LEU A 1 33  ? -0.868  0.147   0.666   1.00 13.94 ? 287 LEU A CG  1 
ATOM   121 C  CD1 . LEU A 1 33  ? 0.196   -0.485  -0.202  1.00 15.34 ? 287 LEU A CD1 1 
ATOM   122 C  CD2 . LEU A 1 33  ? -1.225  -0.748  1.841   1.00 14.21 ? 287 LEU A CD2 1 
ATOM   123 N  N   . LEU A 1 34  ? -0.877  4.660   1.830   1.00 12.62 ? 288 LEU A N   1 
ATOM   124 C  CA  . LEU A 1 34  ? -0.476  5.971   2.404   1.00 13.43 ? 288 LEU A CA  1 
ATOM   125 C  C   . LEU A 1 34  ? -1.409  6.375   3.555   1.00 13.44 ? 288 LEU A C   1 
ATOM   126 O  O   . LEU A 1 34  ? -0.940  6.932   4.571   1.00 13.46 ? 288 LEU A O   1 
ATOM   127 C  CB  . LEU A 1 34  ? -0.472  7.043   1.314   1.00 14.94 ? 288 LEU A CB  1 
ATOM   128 C  CG  . LEU A 1 34  ? 0.719   7.014   0.370   1.00 16.84 ? 288 LEU A CG  1 
ATOM   129 C  CD1 . LEU A 1 34  ? 0.543   8.070   -0.715  1.00 17.93 ? 288 LEU A CD1 1 
ATOM   130 C  CD2 . LEU A 1 34  ? 2.023   7.252   1.118   1.00 17.14 ? 288 LEU A CD2 1 
ATOM   131 N  N   . GLU A 1 35  ? -2.707  6.123   3.412   1.00 13.69 ? 289 GLU A N   1 
ATOM   132 C  CA  . GLU A 1 35  ? -3.704  6.424   4.461   1.00 14.60 ? 289 GLU A CA  1 
ATOM   133 C  C   . GLU A 1 35  ? -3.352  5.637   5.736   1.00 13.25 ? 289 GLU A C   1 
ATOM   134 O  O   . GLU A 1 35  ? -3.345  6.231   6.825   1.00 13.95 ? 289 GLU A O   1 
ATOM   135 C  CB  . GLU A 1 35  ? -5.098  6.084   3.934   1.00 17.02 ? 289 GLU A CB  1 
ATOM   136 C  CG  . GLU A 1 35  ? -6.200  6.379   4.912   1.00 20.48 ? 289 GLU A CG  1 
ATOM   137 C  CD  . GLU A 1 35  ? -7.594  5.997   4.435   1.00 23.55 ? 289 GLU A CD  1 
ATOM   138 O  OE1 . GLU A 1 35  ? -7.868  6.070   3.201   1.00 23.46 ? 289 GLU A OE1 1 
ATOM   139 O  OE2 . GLU A 1 35  ? -8.404  5.626   5.305   1.00 29.11 ? 289 GLU A OE2 1 
ATOM   140 N  N   . LEU A 1 36  ? -3.029  4.350   5.621   1.00 13.01 ? 290 LEU A N   1 
ATOM   141 C  CA  . LEU A 1 36  ? -2.683  3.523   6.812   1.00 12.17 ? 290 LEU A CA  1 
ATOM   142 C  C   . LEU A 1 36  ? -1.377  4.050   7.416   1.00 12.07 ? 290 LEU A C   1 
ATOM   143 O  O   . LEU A 1 36  ? -1.300  4.183   8.629   1.00 12.26 ? 290 LEU A O   1 
ATOM   144 C  CB  . LEU A 1 36  ? -2.515  2.048   6.439   1.00 12.89 ? 290 LEU A CB  1 
ATOM   145 C  CG  . LEU A 1 36  ? -3.777  1.305   6.010   1.00 14.19 ? 290 LEU A CG  1 
ATOM   146 C  CD1 . LEU A 1 36  ? -3.472  -0.154  5.714   1.00 14.91 ? 290 LEU A CD1 1 
ATOM   147 C  CD2 . LEU A 1 36  ? -4.846  1.436   7.065   1.00 15.71 ? 290 LEU A CD2 1 
ATOM   148 N  N   . LEU A 1 37  ? -0.397  4.376   6.573   1.00 11.77 ? 291 LEU A N   1 
ATOM   149 C  CA  . LEU A 1 37  ? 0.935   4.822   7.048   1.00 12.31 ? 291 LEU A CA  1 
ATOM   150 C  C   . LEU A 1 37  ? 0.837   6.196   7.727   1.00 13.49 ? 291 LEU A C   1 
ATOM   151 O  O   . LEU A 1 37  ? 1.697   6.492   8.583   1.00 14.25 ? 291 LEU A O   1 
ATOM   152 C  CB  . LEU A 1 37  ? 1.887   4.838   5.853   1.00 12.09 ? 291 LEU A CB  1 
ATOM   153 C  CG  . LEU A 1 37  ? 2.410   3.470   5.416   1.00 12.47 ? 291 LEU A CG  1 
ATOM   154 C  CD1 . LEU A 1 37  ? 2.964   3.542   4.012   1.00 12.75 ? 291 LEU A CD1 1 
ATOM   155 C  CD2 . LEU A 1 37  ? 3.446   2.940   6.400   1.00 12.90 ? 291 LEU A CD2 1 
ATOM   156 N  N   . SER A 1 38  ? -0.145  7.022   7.369   1.00 13.57 ? 292 SER A N   1 
ATOM   157 C  CA  . SER A 1 38  ? -0.280  8.409   7.892   1.00 15.14 ? 292 SER A CA  1 
ATOM   158 C  C   . SER A 1 38  ? -0.556  8.379   9.399   1.00 16.00 ? 292 SER A C   1 
ATOM   159 O  O   . SER A 1 38  ? -0.345  9.403   10.076  1.00 17.22 ? 292 SER A O   1 
ATOM   160 C  CB  . SER A 1 38  ? -1.351  9.178   7.154   1.00 16.14 ? 292 SER A CB  1 
ATOM   161 O  OG  . SER A 1 38  ? -2.644  8.798   7.593   1.00 18.39 ? 292 SER A OG  1 
ATOM   162 N  N   . ASP A 1 39  ? -1.076  7.261   9.907   1.00 15.72 ? 293 ASP A N   1 
ATOM   163 C  CA  . ASP A 1 39  ? -1.475  7.143   11.326  1.00 16.81 ? 293 ASP A CA  1 
ATOM   164 C  C   . ASP A 1 39  ? -0.555  6.125   11.995  1.00 15.75 ? 293 ASP A C   1 
ATOM   165 O  O   . ASP A 1 39  ? -0.655  4.949   11.672  1.00 16.75 ? 293 ASP A O   1 
ATOM   166 C  CB  . ASP A 1 39  ? -2.959  6.781   11.441  1.00 18.51 ? 293 ASP A CB  1 
ATOM   167 C  CG  . ASP A 1 39  ? -3.480  6.747   12.867  1.00 21.79 ? 293 ASP A CG  1 
ATOM   168 O  OD1 . ASP A 1 39  ? -2.661  6.899   13.805  1.00 21.87 ? 293 ASP A OD1 1 
ATOM   169 O  OD2 . ASP A 1 39  ? -4.704  6.556   13.028  1.00 25.19 ? 293 ASP A OD2 1 
ATOM   170 N  N   . SER A 1 40  ? 0.325   6.573   12.895  1.00 14.86 ? 294 SER A N   1 
ATOM   171 C  CA  . SER A 1 40  ? 1.289   5.715   13.619  1.00 15.18 ? 294 SER A CA  1 
ATOM   172 C  C   . SER A 1 40  ? 0.542   4.622   14.401  1.00 14.66 ? 294 SER A C   1 
ATOM   173 O  O   . SER A 1 40  ? 1.178   3.591   14.711  1.00 14.35 ? 294 SER A O   1 
ATOM   174 C  CB  . SER A 1 40  ? 2.160   6.556   14.542  1.00 16.01 ? 294 SER A CB  1 
ATOM   175 O  OG  . SER A 1 40  ? 1.378   7.113   15.567  1.00 19.80 ? 294 SER A OG  1 
ATOM   176 N  N   . ALA A 1 41  ? -0.744  4.815   14.711  1.00 14.31 ? 295 ALA A N   1 
ATOM   177 C  CA  . ALA A 1 41  ? -1.552  3.826   15.471  1.00 14.99 ? 295 ALA A CA  1 
ATOM   178 C  C   . ALA A 1 41  ? -1.643  2.507   14.688  1.00 14.35 ? 295 ALA A C   1 
ATOM   179 O  O   . ALA A 1 41  ? -1.919  1.477   15.310  1.00 14.90 ? 295 ALA A O   1 
ATOM   180 C  CB  . ALA A 1 41  ? -2.926  4.366   15.779  1.00 15.88 ? 295 ALA A CB  1 
ATOM   181 N  N   . ASN A 1 42  ? -1.372  2.506   13.379  1.00 12.75 ? 296 ASN A N   1 
ATOM   182 C  CA  . ASN A 1 42  ? -1.480  1.292   12.523  1.00 13.17 ? 296 ASN A CA  1 
ATOM   183 C  C   . ASN A 1 42  ? -0.161  0.519   12.458  1.00 12.19 ? 296 ASN A C   1 
ATOM   184 O  O   . ASN A 1 42  ? -0.091  -0.451  11.689  1.00 11.38 ? 296 ASN A O   1 
ATOM   185 C  CB  . ASN A 1 42  ? -1.949  1.652   11.111  1.00 13.75 ? 296 ASN A CB  1 
ATOM   186 C  CG  . ASN A 1 42  ? -3.362  2.194   11.063  1.00 14.78 ? 296 ASN A CG  1 
ATOM   187 O  OD1 . ASN A 1 42  ? -4.267  1.669   11.713  1.00 15.83 ? 296 ASN A OD1 1 
ATOM   188 N  ND2 . ASN A 1 42  ? -3.562  3.242   10.298  1.00 14.90 ? 296 ASN A ND2 1 
ATOM   189 N  N   . ALA A 1 43  ? 0.861   0.865   13.254  1.00 11.66 ? 297 ALA A N   1 
ATOM   190 C  CA  . ALA A 1 43  ? 2.223   0.302   13.122  1.00 12.53 ? 297 ALA A CA  1 
ATOM   191 C  C   . ALA A 1 43  ? 2.241   -1.221  13.327  1.00 13.02 ? 297 ALA A C   1 
ATOM   192 O  O   . ALA A 1 43  ? 3.125   -1.872  12.784  1.00 13.68 ? 297 ALA A O   1 
ATOM   193 C  CB  . ALA A 1 43  ? 3.176   0.991   14.068  1.00 13.43 ? 297 ALA A CB  1 
ATOM   194 N  N   . SER A 1 44  ? 1.276   -1.801  14.056  1.00 13.89 ? 298 SER A N   1 
ATOM   195 C  CA  . SER A 1 44  ? 1.215   -3.271  14.231  1.00 15.38 ? 298 SER A CA  1 
ATOM   196 C  C   . SER A 1 44  ? 0.886   -3.965  12.902  1.00 15.09 ? 298 SER A C   1 
ATOM   197 O  O   . SER A 1 44  ? 1.066   -5.211  12.842  1.00 16.80 ? 298 SER A O   1 
ATOM   198 C  CB  . SER A 1 44  ? 0.226   -3.666  15.278  1.00 16.84 ? 298 SER A CB  1 
ATOM   199 O  OG  . SER A 1 44  ? -1.084  -3.475  14.773  1.00 21.53 ? 298 SER A OG  1 
ATOM   200 N  N   . CYS A 1 45  ? 0.445   -3.262  11.854  1.00 13.75 ? 299 CYS A N   1 
ATOM   201 C  CA  . CYS A 1 45  ? 0.277   -3.936  10.539  1.00 13.66 ? 299 CYS A CA  1 
ATOM   202 C  C   . CYS A 1 45  ? 1.120   -3.285  9.442   1.00 12.37 ? 299 CYS A C   1 
ATOM   203 O  O   . CYS A 1 45  ? 1.490   -3.996  8.525   1.00 12.71 ? 299 CYS A O   1 
ATOM   204 C  CB  . CYS A 1 45  ? -1.175  -4.088  10.111  1.00 15.38 ? 299 CYS A CB  1 
ATOM   205 S  SG  . CYS A 1 45  ? -2.046  -2.577  9.641   1.00 18.38 ? 299 CYS A SG  1 
ATOM   206 N  N   . ILE A 1 46  ? 1.412   -1.997  9.533   1.00 11.45 ? 300 ILE A N   1 
ATOM   207 C  CA  . ILE A 1 46  ? 2.174   -1.329  8.441   1.00 11.51 ? 300 ILE A CA  1 
ATOM   208 C  C   . ILE A 1 46  ? 2.874   -0.101  9.018   1.00 11.14 ? 300 ILE A C   1 
ATOM   209 O  O   . ILE A 1 46  ? 2.254   0.683   9.759   1.00 13.12 ? 300 ILE A O   1 
ATOM   210 C  CB  . ILE A 1 46  ? 1.263   -0.990  7.245   1.00 11.70 ? 300 ILE A CB  1 
ATOM   211 C  CG1 . ILE A 1 46  ? 2.091   -0.658  6.002   1.00 12.42 ? 300 ILE A CG1 1 
ATOM   212 C  CG2 . ILE A 1 46  ? 0.273   0.123   7.581   1.00 12.11 ? 300 ILE A CG2 1 
ATOM   213 C  CD1 . ILE A 1 46  ? 1.257   -0.518  4.756   1.00 12.70 ? 300 ILE A CD1 1 
ATOM   214 N  N   . THR A 1 47  ? 4.135   0.079   8.656   1.00 11.27 ? 301 THR A N   1 
ATOM   215 C  CA  . THR A 1 47  ? 4.958   1.141   9.266   1.00 11.92 ? 301 THR A CA  1 
ATOM   216 C  C   . THR A 1 47  ? 5.992   1.654   8.255   1.00 11.44 ? 301 THR A C   1 
ATOM   217 O  O   . THR A 1 47  ? 6.500   0.893   7.449   1.00 10.98 ? 301 THR A O   1 
ATOM   218 C  CB  . THR A 1 47  ? 5.555   0.634   10.579  1.00 13.64 ? 301 THR A CB  1 
ATOM   219 O  OG1 . THR A 1 47  ? 6.039   1.790   11.256  1.00 17.14 ? 301 THR A OG1 1 
ATOM   220 C  CG2 . THR A 1 47  ? 6.641   -0.390  10.372  1.00 13.47 ? 301 THR A CG2 1 
ATOM   221 N  N   . TRP A 1 48  ? 6.300   2.942   8.330   1.00 12.23 ? 302 TRP A N   1 
ATOM   222 C  CA  . TRP A 1 48  ? 7.433   3.531   7.569   1.00 12.28 ? 302 TRP A CA  1 
ATOM   223 C  C   . TRP A 1 48  ? 8.765   2.915   8.021   1.00 13.10 ? 302 TRP A C   1 
ATOM   224 O  O   . TRP A 1 48  ? 8.957   2.729   9.241   1.00 12.32 ? 302 TRP A O   1 
ATOM   225 C  CB  . TRP A 1 48  ? 7.456   5.043   7.776   1.00 12.15 ? 302 TRP A CB  1 
ATOM   226 C  CG  . TRP A 1 48  ? 6.362   5.836   7.130   1.00 12.13 ? 302 TRP A CG  1 
ATOM   227 C  CD1 . TRP A 1 48  ? 5.477   6.657   7.768   1.00 12.63 ? 302 TRP A CD1 1 
ATOM   228 C  CD2 . TRP A 1 48  ? 6.090   5.979   5.724   1.00 11.98 ? 302 TRP A CD2 1 
ATOM   229 N  NE1 . TRP A 1 48  ? 4.684   7.289   6.852   1.00 12.43 ? 302 TRP A NE1 1 
ATOM   230 C  CE2 . TRP A 1 48  ? 5.019   6.882   5.595   1.00 11.87 ? 302 TRP A CE2 1 
ATOM   231 C  CE3 . TRP A 1 48  ? 6.645   5.431   4.563   1.00 12.08 ? 302 TRP A CE3 1 
ATOM   232 C  CZ2 . TRP A 1 48  ? 4.519   7.265   4.348   1.00 12.26 ? 302 TRP A CZ2 1 
ATOM   233 C  CZ3 . TRP A 1 48  ? 6.149   5.810   3.330   1.00 12.89 ? 302 TRP A CZ3 1 
ATOM   234 C  CH2 . TRP A 1 48  ? 5.079   6.706   3.227   1.00 13.13 ? 302 TRP A CH2 1 
ATOM   235 N  N   . GLU A 1 49  ? 9.710   2.724   7.103   1.00 13.76 ? 303 GLU A N   1 
ATOM   236 C  CA  . GLU A 1 49  ? 11.067  2.234   7.442   1.00 15.26 ? 303 GLU A CA  1 
ATOM   237 C  C   . GLU A 1 49  ? 11.980  3.407   7.824   1.00 17.68 ? 303 GLU A C   1 
ATOM   238 O  O   . GLU A 1 49  ? 12.919  3.167   8.612   1.00 19.45 ? 303 GLU A O   1 
ATOM   239 C  CB  . GLU A 1 49  ? 11.609  1.402   6.292   1.00 16.00 ? 303 GLU A CB  1 
ATOM   240 C  CG  . GLU A 1 49  ? 10.996  0.017   6.288   1.00 18.37 ? 303 GLU A CG  1 
ATOM   241 N  N   . GLY A 1 50  ? 11.692  4.618   7.341   1.00 18.84 ? 304 GLY A N   1 
ATOM   242 C  CA  . GLY A 1 50  ? 12.399  5.851   7.747   1.00 19.96 ? 304 GLY A CA  1 
ATOM   243 C  C   . GLY A 1 50  ? 13.150  6.492   6.597   1.00 22.90 ? 304 GLY A C   1 
ATOM   244 O  O   . GLY A 1 50  ? 13.420  7.702   6.679   1.00 23.84 ? 304 GLY A O   1 
ATOM   245 N  N   . THR A 1 51  ? 13.455  5.747   5.536   1.00 24.91 ? 305 THR A N   1 
ATOM   246 C  CA  . THR A 1 51  ? 14.206  6.287   4.374   1.00 29.18 ? 305 THR A CA  1 
ATOM   247 C  C   . THR A 1 51  ? 13.393  6.149   3.084   1.00 31.07 ? 305 THR A C   1 
ATOM   248 O  O   . THR A 1 51  ? 12.829  5.066   2.853   1.00 30.59 ? 305 THR A O   1 
ATOM   249 C  CB  . THR A 1 51  ? 15.574  5.603   4.279   1.00 33.61 ? 305 THR A CB  1 
ATOM   250 O  OG1 . THR A 1 51  ? 15.376  4.189   4.278   1.00 35.24 ? 305 THR A OG1 1 
ATOM   251 C  CG2 . THR A 1 51  ? 16.478  5.980   5.431   1.00 35.41 ? 305 THR A CG2 1 
ATOM   252 N  N   . ASN A 1 52  ? 13.339  7.221   2.289   1.00 31.46 ? 306 ASN A N   1 
ATOM   253 C  CA  . ASN A 1 52  ? 13.126  7.171   0.816   1.00 30.79 ? 306 ASN A CA  1 
ATOM   254 C  C   . ASN A 1 52  ? 11.812  6.472   0.433   1.00 27.72 ? 306 ASN A C   1 
ATOM   255 O  O   . ASN A 1 52  ? 11.836  5.698   -0.559  1.00 31.58 ? 306 ASN A O   1 
ATOM   256 C  CB  . ASN A 1 52  ? 14.285  6.440   0.134   1.00 33.70 ? 306 ASN A CB  1 
ATOM   257 N  N   . GLY A 1 53  ? 10.719  6.731   1.150   1.00 25.84 ? 307 GLY A N   1 
ATOM   258 C  CA  . GLY A 1 53  ? 9.376   6.190   0.833   1.00 22.18 ? 307 GLY A CA  1 
ATOM   259 C  C   . GLY A 1 53  ? 9.239   4.688   1.087   1.00 19.50 ? 307 GLY A C   1 
ATOM   260 O  O   . GLY A 1 53  ? 8.245   4.091   0.632   1.00 15.96 ? 307 GLY A O   1 
ATOM   261 N  N   . GLU A 1 54  ? 10.188  4.075   1.784   1.00 17.03 ? 308 GLU A N   1 
ATOM   262 C  CA  . GLU A 1 54  ? 10.162  2.628   2.111   1.00 16.14 ? 308 GLU A CA  1 
ATOM   263 C  C   . GLU A 1 54  ? 9.223   2.365   3.291   1.00 13.74 ? 308 GLU A C   1 
ATOM   264 O  O   . GLU A 1 54  ? 9.226   3.135   4.256   1.00 12.21 ? 308 GLU A O   1 
ATOM   265 C  CB  . GLU A 1 54  ? 11.562  2.162   2.494   1.00 18.35 ? 308 GLU A CB  1 
ATOM   266 C  CG  . GLU A 1 54  ? 11.667  0.688   2.739   1.00 22.10 ? 308 GLU A CG  1 
ATOM   267 C  CD  . GLU A 1 54  ? 13.090  0.152   2.754   1.00 24.99 ? 308 GLU A CD  1 
ATOM   268 O  OE1 . GLU A 1 54  ? 13.928  0.679   1.986   1.00 29.95 ? 308 GLU A OE1 1 
ATOM   269 O  OE2 . GLU A 1 54  ? 13.343  -0.779  3.528   1.00 29.41 ? 308 GLU A OE2 1 
ATOM   270 N  N   . PHE A 1 55  ? 8.466   1.271   3.226   1.00 12.10 ? 309 PHE A N   1 
ATOM   271 C  CA  . PHE A 1 55  ? 7.596   0.826   4.342   1.00 12.23 ? 309 PHE A CA  1 
ATOM   272 C  C   . PHE A 1 55  ? 7.633   -0.697  4.413   1.00 12.60 ? 309 PHE A C   1 
ATOM   273 O  O   . PHE A 1 55  ? 8.128   -1.340  3.489   1.00 13.45 ? 309 PHE A O   1 
ATOM   274 C  CB  . PHE A 1 55  ? 6.167   1.338   4.165   1.00 12.73 ? 309 PHE A CB  1 
ATOM   275 C  CG  . PHE A 1 55  ? 5.440   0.829   2.949   1.00 12.15 ? 309 PHE A CG  1 
ATOM   276 C  CD1 . PHE A 1 55  ? 5.571   1.456   1.719   1.00 13.18 ? 309 PHE A CD1 1 
ATOM   277 C  CD2 . PHE A 1 55  ? 4.609   -0.282  3.047   1.00 13.38 ? 309 PHE A CD2 1 
ATOM   278 C  CE1 . PHE A 1 55  ? 4.866   0.989   0.621   1.00 13.46 ? 309 PHE A CE1 1 
ATOM   279 C  CE2 . PHE A 1 55  ? 3.900   -0.736  1.950   1.00 13.36 ? 309 PHE A CE2 1 
ATOM   280 C  CZ  . PHE A 1 55  ? 4.051   -0.113  0.737   1.00 13.70 ? 309 PHE A CZ  1 
ATOM   281 N  N   . LYS A 1 56  ? 7.167   -1.221  5.546   1.00 13.23 ? 310 LYS A N   1 
ATOM   282 C  CA  . LYS A 1 56  ? 7.171   -2.667  5.878   1.00 15.56 ? 310 LYS A CA  1 
ATOM   283 C  C   . LYS A 1 56  ? 5.746   -3.014  6.294   1.00 13.98 ? 310 LYS A C   1 
ATOM   284 O  O   . LYS A 1 56  ? 5.140   -2.239  7.044   1.00 12.36 ? 310 LYS A O   1 
ATOM   285 C  CB  . LYS A 1 56  ? 8.172   -2.923  7.013   1.00 19.54 ? 310 LYS A CB  1 
ATOM   286 C  CG  . LYS A 1 56  ? 8.427   -4.371  7.396   1.00 26.38 ? 310 LYS A CG  1 
ATOM   287 C  CD  . LYS A 1 56  ? 9.500   -4.492  8.463   1.00 29.07 ? 310 LYS A CD  1 
ATOM   288 C  CE  . LYS A 1 56  ? 9.560   -5.865  9.104   1.00 34.64 ? 310 LYS A CE  1 
ATOM   289 N  NZ  . LYS A 1 56  ? 10.684  -5.979  10.066  1.00 38.29 ? 310 LYS A NZ  1 
ATOM   290 N  N   . MET A 1 57  ? 5.194   -4.101  5.774   1.00 13.43 ? 311 MET A N   1 
ATOM   291 C  CA  . MET A 1 57  ? 3.945   -4.650  6.340   1.00 14.15 ? 311 MET A CA  1 
ATOM   292 C  C   . MET A 1 57  ? 4.339   -5.596  7.471   1.00 14.35 ? 311 MET A C   1 
ATOM   293 O  O   . MET A 1 57  ? 4.798   -6.726  7.222   1.00 15.75 ? 311 MET A O   1 
ATOM   294 C  CB  . MET A 1 57  ? 3.118   -5.366  5.279   1.00 15.17 ? 311 MET A CB  1 
ATOM   295 C  CG  . MET A 1 57  ? 2.696   -4.441  4.157   1.00 16.85 ? 311 MET A CG  1 
ATOM   296 S  SD  . MET A 1 57  ? 1.618   -5.299  3.012   1.00 19.95 ? 311 MET A SD  1 
ATOM   297 C  CE  . MET A 1 57  ? 1.443   -4.062  1.732   1.00 21.45 ? 311 MET A CE  1 
ATOM   298 N  N   . THR A 1 58  ? 4.164   -5.148  8.700   1.00 14.99 ? 312 THR A N   1 
ATOM   299 C  CA  . THR A 1 58  ? 4.461   -5.939  9.903   1.00 16.43 ? 312 THR A CA  1 
ATOM   300 C  C   . THR A 1 58  ? 3.404   -7.035  10.043  1.00 17.16 ? 312 THR A C   1 
ATOM   301 O  O   . THR A 1 58  ? 3.709   -8.045  10.678  1.00 19.07 ? 312 THR A O   1 
ATOM   302 C  CB  . THR A 1 58  ? 4.591   -5.009  11.106  1.00 18.59 ? 312 THR A CB  1 
ATOM   303 O  OG1 . THR A 1 58  ? 3.432   -4.178  11.043  1.00 20.31 ? 312 THR A OG1 1 
ATOM   304 C  CG2 . THR A 1 58  ? 5.853   -4.174  11.043  1.00 20.51 ? 312 THR A CG2 1 
ATOM   305 N  N   . ASP A 1 59  ? 2.211   -6.831  9.481   1.00 15.64 ? 313 ASP A N   1 
ATOM   306 C  CA  . ASP A 1 59  ? 1.140   -7.857  9.453   1.00 16.42 ? 313 ASP A CA  1 
ATOM   307 C  C   . ASP A 1 59  ? 0.452   -7.802  8.099   1.00 14.95 ? 313 ASP A C   1 
ATOM   308 O  O   . ASP A 1 59  ? -0.596  -7.177  7.939   1.00 13.97 ? 313 ASP A O   1 
ATOM   309 C  CB  . ASP A 1 59  ? 0.169   -7.706  10.615  1.00 17.21 ? 313 ASP A CB  1 
ATOM   310 C  CG  . ASP A 1 59  ? -0.740  -8.917  10.752  1.00 19.17 ? 313 ASP A CG  1 
ATOM   311 O  OD1 . ASP A 1 59  ? -0.900  -9.657  9.750   1.00 20.81 ? 313 ASP A OD1 1 
ATOM   312 O  OD2 . ASP A 1 59  ? -1.270  -9.101  11.850  1.00 23.03 ? 313 ASP A OD2 1 
ATOM   313 N  N   . PRO A 1 60  ? 1.043   -8.459  7.076   1.00 14.29 ? 314 PRO A N   1 
ATOM   314 C  CA  . PRO A 1 60  ? 0.509   -8.400  5.722   1.00 14.58 ? 314 PRO A CA  1 
ATOM   315 C  C   . PRO A 1 60  ? -0.913  -8.960  5.611   1.00 14.09 ? 314 PRO A C   1 
ATOM   316 O  O   . PRO A 1 60  ? -1.652  -8.497  4.788   1.00 13.72 ? 314 PRO A O   1 
ATOM   317 C  CB  . PRO A 1 60  ? 1.477   -9.255  4.877   1.00 15.49 ? 314 PRO A CB  1 
ATOM   318 C  CG  . PRO A 1 60  ? 2.292   -10.031 5.868   1.00 15.53 ? 314 PRO A CG  1 
ATOM   319 C  CD  . PRO A 1 60  ? 2.294   -9.231  7.153   1.00 15.45 ? 314 PRO A CD  1 
ATOM   320 N  N   . ASP A 1 61  ? -1.251  -9.957  6.426   1.00 14.48 ? 315 ASP A N   1 
ATOM   321 C  CA  . ASP A 1 61  ? -2.608  -10.549 6.373   1.00 15.17 ? 315 ASP A CA  1 
ATOM   322 C  C   . ASP A 1 61  ? -3.608  -9.509  6.894   1.00 14.80 ? 315 ASP A C   1 
ATOM   323 O  O   . ASP A 1 61  ? -4.716  -9.460  6.364   1.00 15.01 ? 315 ASP A O   1 
ATOM   324 C  CB  . ASP A 1 61  ? -2.649  -11.874 7.128   1.00 16.26 ? 315 ASP A CB  1 
ATOM   325 C  CG  . ASP A 1 61  ? -1.867  -12.975 6.425   1.00 18.54 ? 315 ASP A CG  1 
ATOM   326 O  OD1 . ASP A 1 61  ? -1.881  -12.992 5.177   1.00 19.04 ? 315 ASP A OD1 1 
ATOM   327 O  OD2 . ASP A 1 61  ? -1.251  -13.815 7.127   1.00 22.66 ? 315 ASP A OD2 1 
ATOM   328 N  N   . GLU A 1 62  ? -3.225  -8.703  7.882   1.00 14.44 ? 316 GLU A N   1 
ATOM   329 C  CA  . GLU A 1 62  ? -4.106  -7.641  8.429   1.00 14.33 ? 316 GLU A CA  1 
ATOM   330 C  C   . GLU A 1 62  ? -4.224  -6.514  7.396   1.00 13.35 ? 316 GLU A C   1 
ATOM   331 O  O   . GLU A 1 62  ? -5.335  -5.977  7.232   1.00 12.93 ? 316 GLU A O   1 
ATOM   332 C  CB  . GLU A 1 62  ? -3.599  -7.162  9.785   1.00 15.89 ? 316 GLU A CB  1 
ATOM   333 C  CG  . GLU A 1 62  ? -4.402  -6.020  10.381  1.00 17.17 ? 316 GLU A CG  1 
ATOM   334 C  CD  . GLU A 1 62  ? -5.846  -6.324  10.735  1.00 19.95 ? 316 GLU A CD  1 
ATOM   335 O  OE1 . GLU A 1 62  ? -6.251  -7.527  10.707  1.00 22.17 ? 316 GLU A OE1 1 
ATOM   336 O  OE2 . GLU A 1 62  ? -6.558  -5.357  11.070  1.00 21.29 ? 316 GLU A OE2 1 
ATOM   337 N  N   . VAL A 1 63  ? -3.139  -6.152  6.714   1.00 12.33 ? 317 VAL A N   1 
ATOM   338 C  CA  . VAL A 1 63  ? -3.229  -5.141  5.623   1.00 12.14 ? 317 VAL A CA  1 
ATOM   339 C  C   . VAL A 1 63  ? -4.214  -5.660  4.563   1.00 12.63 ? 317 VAL A C   1 
ATOM   340 O  O   . VAL A 1 63  ? -5.100  -4.900  4.136   1.00 12.25 ? 317 VAL A O   1 
ATOM   341 C  CB  . VAL A 1 63  ? -1.864  -4.792  5.006   1.00 12.55 ? 317 VAL A CB  1 
ATOM   342 C  CG1 . VAL A 1 63  ? -2.021  -3.800  3.872   1.00 13.04 ? 317 VAL A CG1 1 
ATOM   343 C  CG2 . VAL A 1 63  ? -0.894  -4.268  6.054   1.00 12.75 ? 317 VAL A CG2 1 
ATOM   344 N  N   . ALA A 1 64  ? -4.089  -6.930  4.164   1.00 12.20 ? 318 ALA A N   1 
ATOM   345 C  CA  . ALA A 1 64  ? -4.984  -7.513  3.132   1.00 13.57 ? 318 ALA A CA  1 
ATOM   346 C  C   . ALA A 1 64  ? -6.430  -7.488  3.646   1.00 13.42 ? 318 ALA A C   1 
ATOM   347 O  O   . ALA A 1 64  ? -7.339  -7.127  2.855   1.00 13.61 ? 318 ALA A O   1 
ATOM   348 C  CB  . ALA A 1 64  ? -4.542  -8.906  2.782   1.00 13.79 ? 318 ALA A CB  1 
ATOM   349 N  N   . ARG A 1 65  ? -6.647  -7.849  4.909   1.00 14.12 ? 319 ARG A N   1 
ATOM   350 C  CA  . ARG A 1 65  ? -8.003  -7.860  5.517   1.00 14.99 ? 319 ARG A CA  1 
ATOM   351 C  C   . ARG A 1 65  ? -8.584  -6.448  5.442   1.00 15.40 ? 319 ARG A C   1 
ATOM   352 O  O   . ARG A 1 65  ? -9.731  -6.297  4.988   1.00 15.13 ? 319 ARG A O   1 
ATOM   353 C  CB  . ARG A 1 65  ? -7.983  -8.378  6.954   1.00 16.45 ? 319 ARG A CB  1 
ATOM   354 C  CG  . ARG A 1 65  ? -9.377  -8.573  7.531   1.00 18.48 ? 319 ARG A CG  1 
ATOM   355 C  CD  . ARG A 1 65  ? -9.382  -8.765  9.030   1.00 20.11 ? 319 ARG A CD  1 
ATOM   356 N  NE  . ARG A 1 65  ? -8.992  -7.562  9.752   1.00 22.50 ? 319 ARG A NE  1 
ATOM   357 C  CZ  . ARG A 1 65  ? -9.761  -6.495  9.964   1.00 24.34 ? 319 ARG A CZ  1 
ATOM   358 N  NH1 . ARG A 1 65  ? -11.000 -6.452  9.500   1.00 26.35 ? 319 ARG A NH1 1 
ATOM   359 N  NH2 . ARG A 1 65  ? -9.271  -5.456  10.627  1.00 25.18 ? 319 ARG A NH2 1 
ATOM   360 N  N   . ARG A 1 66  ? -7.805  -5.434  5.822   1.00 14.85 ? 320 ARG A N   1 
ATOM   361 C  CA  . ARG A 1 66  ? -8.308  -4.039  5.830   1.00 15.47 ? 320 ARG A CA  1 
ATOM   362 C  C   . ARG A 1 66  ? -8.613  -3.567  4.407   1.00 14.36 ? 320 ARG A C   1 
ATOM   363 O  O   . ARG A 1 66  ? -9.622  -2.843  4.237   1.00 15.42 ? 320 ARG A O   1 
ATOM   364 C  CB  . ARG A 1 66  ? -7.308  -3.129  6.533   1.00 16.40 ? 320 ARG A CB  1 
ATOM   365 C  CG  . ARG A 1 66  ? -7.231  -3.400  8.023   1.00 17.92 ? 320 ARG A CG  1 
ATOM   366 C  CD  . ARG A 1 66  ? -6.349  -2.370  8.658   1.00 20.92 ? 320 ARG A CD  1 
ATOM   367 N  NE  . ARG A 1 66  ? -5.984  -2.756  10.006  1.00 26.05 ? 320 ARG A NE  1 
ATOM   368 C  CZ  . ARG A 1 66  ? -5.522  -1.913  10.915  1.00 28.26 ? 320 ARG A CZ  1 
ATOM   369 N  NH1 . ARG A 1 66  ? -5.433  -0.624  10.620  1.00 28.05 ? 320 ARG A NH1 1 
ATOM   370 N  NH2 . ARG A 1 66  ? -5.188  -2.363  12.110  1.00 29.48 ? 320 ARG A NH2 1 
ATOM   371 N  N   . TRP A 1 67  ? -7.778  -3.920  3.432   1.00 13.80 ? 321 TRP A N   1 
ATOM   372 C  CA  . TRP A 1 67  ? -8.003  -3.614  1.998   1.00 14.29 ? 321 TRP A CA  1 
ATOM   373 C  C   . TRP A 1 67  ? -9.304  -4.286  1.518   1.00 14.52 ? 321 TRP A C   1 
ATOM   374 O  O   . TRP A 1 67  ? -10.121 -3.599  0.891   1.00 14.38 ? 321 TRP A O   1 
ATOM   375 C  CB  . TRP A 1 67  ? -6.789  -4.045  1.175   1.00 14.60 ? 321 TRP A CB  1 
ATOM   376 C  CG  . TRP A 1 67  ? -6.925  -3.853  -0.301  1.00 14.88 ? 321 TRP A CG  1 
ATOM   377 C  CD1 . TRP A 1 67  ? -6.773  -4.830  -1.242  1.00 15.39 ? 321 TRP A CD1 1 
ATOM   378 C  CD2 . TRP A 1 67  ? -7.209  -2.637  -1.022  1.00 15.26 ? 321 TRP A CD2 1 
ATOM   379 N  NE1 . TRP A 1 67  ? -6.934  -4.309  -2.496  1.00 16.76 ? 321 TRP A NE1 1 
ATOM   380 C  CE2 . TRP A 1 67  ? -7.201  -2.970  -2.394  1.00 15.52 ? 321 TRP A CE2 1 
ATOM   381 C  CE3 . TRP A 1 67  ? -7.469  -1.308  -0.662  1.00 15.13 ? 321 TRP A CE3 1 
ATOM   382 C  CZ2 . TRP A 1 67  ? -7.431  -2.028  -3.393  1.00 16.23 ? 321 TRP A CZ2 1 
ATOM   383 C  CZ3 . TRP A 1 67  ? -7.698  -0.374  -1.652  1.00 15.71 ? 321 TRP A CZ3 1 
ATOM   384 C  CH2 . TRP A 1 67  ? -7.673  -0.732  -2.997  1.00 15.84 ? 321 TRP A CH2 1 
ATOM   385 N  N   . GLY A 1 68  ? -9.502  -5.561  1.849   1.00 16.13 ? 322 GLY A N   1 
ATOM   386 C  CA  . GLY A 1 68  ? -10.737 -6.307  1.530   1.00 16.62 ? 322 GLY A CA  1 
ATOM   387 C  C   . GLY A 1 68  ? -11.971 -5.625  2.107   1.00 17.85 ? 322 GLY A C   1 
ATOM   388 O  O   . GLY A 1 68  ? -12.979 -5.542  1.391   1.00 18.53 ? 322 GLY A O   1 
ATOM   389 N  N   . GLU A 1 69  ? -11.887 -5.136  3.347   1.00 18.50 ? 323 GLU A N   1 
ATOM   390 C  CA  . GLU A 1 69  ? -12.992 -4.441  4.063   1.00 20.44 ? 323 GLU A CA  1 
ATOM   391 C  C   . GLU A 1 69  ? -13.309 -3.122  3.341   1.00 20.33 ? 323 GLU A C   1 
ATOM   392 O  O   . GLU A 1 69  ? -14.509 -2.835  3.092   1.00 19.39 ? 323 GLU A O   1 
ATOM   393 C  CB  . GLU A 1 69  ? -12.542 -4.275  5.508   1.00 23.88 ? 323 GLU A CB  1 
ATOM   394 C  CG  . GLU A 1 69  ? -13.403 -3.408  6.397   1.00 28.41 ? 323 GLU A CG  1 
ATOM   395 C  CD  . GLU A 1 69  ? -12.890 -3.441  7.829   1.00 32.00 ? 323 GLU A CD  1 
ATOM   396 O  OE1 . GLU A 1 69  ? -13.260 -4.387  8.566   1.00 39.56 ? 323 GLU A OE1 1 
ATOM   397 O  OE2 . GLU A 1 69  ? -12.070 -2.559  8.195   1.00 34.18 ? 323 GLU A OE2 1 
ATOM   398 N  N   . ARG A 1 70  ? -12.282 -2.352  2.967   1.00 17.97 ? 324 ARG A N   1 
ATOM   399 C  CA  . ARG A 1 70  ? -12.453 -1.045  2.282   1.00 17.57 ? 324 ARG A CA  1 
ATOM   400 C  C   . ARG A 1 70  ? -13.100 -1.258  0.915   1.00 16.90 ? 324 ARG A C   1 
ATOM   401 O  O   . ARG A 1 70  ? -13.969 -0.472  0.554   1.00 17.16 ? 324 ARG A O   1 
ATOM   402 C  CB  . ARG A 1 70  ? -11.118 -0.307  2.111   1.00 17.29 ? 324 ARG A CB  1 
ATOM   403 C  CG  . ARG A 1 70  ? -11.245 1.033   1.398   1.00 17.63 ? 324 ARG A CG  1 
ATOM   404 C  CD  . ARG A 1 70  ? -12.064 2.048   2.173   1.00 18.15 ? 324 ARG A CD  1 
ATOM   405 N  NE  . ARG A 1 70  ? -11.335 2.461   3.352   1.00 19.02 ? 324 ARG A NE  1 
ATOM   406 C  CZ  . ARG A 1 70  ? -10.425 3.436   3.391   1.00 19.21 ? 324 ARG A CZ  1 
ATOM   407 N  NH1 . ARG A 1 70  ? -10.131 4.144   2.314   1.00 18.46 ? 324 ARG A NH1 1 
ATOM   408 N  NH2 . ARG A 1 70  ? -9.813  3.683   4.533   1.00 21.35 ? 324 ARG A NH2 1 
ATOM   409 N  N   . LYS A 1 71  ? -12.694 -2.292  0.184   1.00 16.62 ? 325 LYS A N   1 
ATOM   410 C  CA  . LYS A 1 71  ? -13.166 -2.526  -1.199  1.00 17.67 ? 325 LYS A CA  1 
ATOM   411 C  C   . LYS A 1 71  ? -14.346 -3.503  -1.200  1.00 18.60 ? 325 LYS A C   1 
ATOM   412 O  O   . LYS A 1 71  ? -14.822 -3.782  -2.299  1.00 20.75 ? 325 LYS A O   1 
ATOM   413 C  CB  . LYS A 1 71  ? -11.999 -3.037  -2.050  1.00 18.31 ? 325 LYS A CB  1 
ATOM   414 C  CG  . LYS A 1 71  ? -10.797 -2.099  -2.088  1.00 18.39 ? 325 LYS A CG  1 
ATOM   415 C  CD  . LYS A 1 71  ? -11.075 -0.717  -2.645  1.00 19.71 ? 325 LYS A CD  1 
ATOM   416 C  CE  . LYS A 1 71  ? -11.361 -0.708  -4.130  1.00 20.19 ? 325 LYS A CE  1 
ATOM   417 N  NZ  . LYS A 1 71  ? -11.491 0.673   -4.654  1.00 21.84 ? 325 LYS A NZ  1 
ATOM   418 N  N   . SER A 1 72  ? -14.749 -4.006  -0.028  1.00 21.22 ? 326 SER A N   1 
ATOM   419 C  CA  . SER A 1 72  ? -15.737 -5.100  0.155   1.00 22.93 ? 326 SER A CA  1 
ATOM   420 C  C   . SER A 1 72  ? -15.460 -6.184  -0.892  1.00 25.08 ? 326 SER A C   1 
ATOM   421 O  O   . SER A 1 72  ? -16.361 -6.535  -1.675  1.00 26.62 ? 326 SER A O   1 
ATOM   422 C  CB  . SER A 1 72  ? -17.140 -4.548  0.078   1.00 22.44 ? 326 SER A CB  1 
ATOM   423 O  OG  . SER A 1 72  ? -18.084 -5.528  0.459   1.00 21.90 ? 326 SER A OG  1 
ATOM   424 N  N   . LYS A 1 73  ? -14.215 -6.662  -0.942  1.00 26.72 ? 327 LYS A N   1 
ATOM   425 C  CA  . LYS A 1 73  ? -13.790 -7.733  -1.877  1.00 29.17 ? 327 LYS A CA  1 
ATOM   426 C  C   . LYS A 1 73  ? -13.751 -9.023  -1.074  1.00 30.24 ? 327 LYS A C   1 
ATOM   427 O  O   . LYS A 1 73  ? -12.918 -9.174  -0.187  1.00 26.62 ? 327 LYS A O   1 
ATOM   428 C  CB  . LYS A 1 73  ? -12.451 -7.398  -2.537  1.00 31.22 ? 327 LYS A CB  1 
ATOM   429 C  CG  . LYS A 1 73  ? -12.558 -6.437  -3.714  1.00 33.32 ? 327 LYS A CG  1 
ATOM   430 C  CD  . LYS A 1 73  ? -11.266 -6.221  -4.458  1.00 37.33 ? 327 LYS A CD  1 
ATOM   431 C  CE  . LYS A 1 73  ? -11.466 -6.050  -5.951  1.00 40.88 ? 327 LYS A CE  1 
ATOM   432 N  NZ  . LYS A 1 73  ? -12.337 -4.893  -6.265  1.00 42.22 ? 327 LYS A NZ  1 
ATOM   433 N  N   . PRO A 1 74  ? -14.678 -9.978  -1.320  1.00 33.99 ? 328 PRO A N   1 
ATOM   434 C  CA  . PRO A 1 74  ? -14.670 -11.227 -0.571  1.00 35.61 ? 328 PRO A CA  1 
ATOM   435 C  C   . PRO A 1 74  ? -13.374 -11.974 -0.909  1.00 33.28 ? 328 PRO A C   1 
ATOM   436 O  O   . PRO A 1 74  ? -12.926 -11.895 -2.036  1.00 33.35 ? 328 PRO A O   1 
ATOM   437 C  CB  . PRO A 1 74  ? -15.922 -11.972 -1.060  1.00 36.20 ? 328 PRO A CB  1 
ATOM   438 C  CG  . PRO A 1 74  ? -16.175 -11.397 -2.439  1.00 37.25 ? 328 PRO A CG  1 
ATOM   439 C  CD  . PRO A 1 74  ? -15.722 -9.951  -2.358  1.00 35.89 ? 328 PRO A CD  1 
ATOM   440 N  N   . ASN A 1 75  ? -12.789 -12.640 0.080   1.00 35.11 ? 329 ASN A N   1 
ATOM   441 C  CA  . ASN A 1 75  ? -11.638 -13.556 -0.122  1.00 35.92 ? 329 ASN A CA  1 
ATOM   442 C  C   . ASN A 1 75  ? -10.393 -12.748 -0.496  1.00 32.61 ? 329 ASN A C   1 
ATOM   443 O  O   . ASN A 1 75  ? -9.456  -13.343 -1.062  1.00 31.57 ? 329 ASN A O   1 
ATOM   444 C  CB  . ASN A 1 75  ? -11.938 -14.610 -1.195  1.00 38.20 ? 329 ASN A CB  1 
ATOM   445 C  CG  . ASN A 1 75  ? -13.190 -15.401 -0.889  1.00 39.16 ? 329 ASN A CG  1 
ATOM   446 O  OD1 . ASN A 1 75  ? -13.399 -15.809 0.249   1.00 39.46 ? 329 ASN A OD1 1 
ATOM   447 N  ND2 . ASN A 1 75  ? -14.014 -15.623 -1.898  1.00 40.91 ? 329 ASN A ND2 1 
ATOM   448 N  N   . MET A 1 76  ? -10.358 -11.446 -0.181  1.00 28.53 ? 330 MET A N   1 
ATOM   449 C  CA  . MET A 1 76  ? -9.093  -10.676 -0.267  1.00 25.42 ? 330 MET A CA  1 
ATOM   450 C  C   . MET A 1 76  ? -8.109  -11.356 0.687   1.00 24.11 ? 330 MET A C   1 
ATOM   451 O  O   . MET A 1 76  ? -8.522  -11.805 1.770   1.00 25.09 ? 330 MET A O   1 
ATOM   452 C  CB  . MET A 1 76  ? -9.267  -9.199  0.104   1.00 24.00 ? 330 MET A CB  1 
ATOM   453 C  CG  . MET A 1 76  ? -7.995  -8.366  -0.028  1.00 22.99 ? 330 MET A CG  1 
ATOM   454 S  SD  . MET A 1 76  ? -7.098  -8.549  -1.598  1.00 22.18 ? 330 MET A SD  1 
ATOM   455 C  CE  . MET A 1 76  ? -8.314  -7.895  -2.740  1.00 24.14 ? 330 MET A CE  1 
ATOM   456 N  N   . ASN A 1 77  ? -6.863  -11.485 0.258   1.00 22.47 ? 331 ASN A N   1 
ATOM   457 C  CA  . ASN A 1 77  ? -5.811  -12.193 1.022   1.00 21.31 ? 331 ASN A CA  1 
ATOM   458 C  C   . ASN A 1 77  ? -4.463  -11.661 0.543   1.00 18.98 ? 331 ASN A C   1 
ATOM   459 O  O   . ASN A 1 77  ? -4.438  -10.874 -0.427  1.00 18.22 ? 331 ASN A O   1 
ATOM   460 C  CB  . ASN A 1 77  ? -5.975  -13.711 0.889   1.00 22.15 ? 331 ASN A CB  1 
ATOM   461 C  CG  . ASN A 1 77  ? -5.920  -14.179 -0.547  1.00 22.36 ? 331 ASN A CG  1 
ATOM   462 O  OD1 . ASN A 1 77  ? -5.165  -13.636 -1.347  1.00 22.52 ? 331 ASN A OD1 1 
ATOM   463 N  ND2 . ASN A 1 77  ? -6.717  -15.180 -0.879  1.00 24.34 ? 331 ASN A ND2 1 
ATOM   464 N  N   . TYR A 1 78  ? -3.371  -12.087 1.170   1.00 18.99 ? 332 TYR A N   1 
ATOM   465 C  CA  . TYR A 1 78  ? -2.025  -11.556 0.842   1.00 19.84 ? 332 TYR A CA  1 
ATOM   466 C  C   . TYR A 1 78  ? -1.656  -11.926 -0.602  1.00 19.28 ? 332 TYR A C   1 
ATOM   467 O  O   . TYR A 1 78  ? -1.045  -11.105 -1.306  1.00 19.63 ? 332 TYR A O   1 
ATOM   468 C  CB  . TYR A 1 78  ? -0.945  -12.005 1.828   1.00 19.84 ? 332 TYR A CB  1 
ATOM   469 C  CG  . TYR A 1 78  ? 0.370   -11.393 1.442   1.00 20.37 ? 332 TYR A CG  1 
ATOM   470 C  CD1 . TYR A 1 78  ? 0.547   -10.019 1.503   1.00 20.80 ? 332 TYR A CD1 1 
ATOM   471 C  CD2 . TYR A 1 78  ? 1.378   -12.148 0.859   1.00 21.40 ? 332 TYR A CD2 1 
ATOM   472 C  CE1 . TYR A 1 78  ? 1.707   -9.414  1.054   1.00 21.79 ? 332 TYR A CE1 1 
ATOM   473 C  CE2 . TYR A 1 78  ? 2.548   -11.558 0.408   1.00 22.68 ? 332 TYR A CE2 1 
ATOM   474 C  CZ  . TYR A 1 78  ? 2.725   -10.191 0.525   1.00 22.80 ? 332 TYR A CZ  1 
ATOM   475 O  OH  . TYR A 1 78  ? 3.873   -9.602  0.078   1.00 26.57 ? 332 TYR A OH  1 
ATOM   476 N  N   . ASP A 1 79  ? -2.003  -13.138 -1.042  1.00 20.22 ? 333 ASP A N   1 
ATOM   477 C  CA  . ASP A 1 79  ? -1.744  -13.585 -2.431  1.00 21.44 ? 333 ASP A CA  1 
ATOM   478 C  C   . ASP A 1 79  ? -2.281  -12.524 -3.398  1.00 20.60 ? 333 ASP A C   1 
ATOM   479 O  O   . ASP A 1 79  ? -1.524  -12.071 -4.288  1.00 21.52 ? 333 ASP A O   1 
ATOM   480 C  CB  . ASP A 1 79  ? -2.382  -14.944 -2.708  1.00 24.04 ? 333 ASP A CB  1 
ATOM   481 C  CG  . ASP A 1 79  ? -2.173  -15.362 -4.152  1.00 27.84 ? 333 ASP A CG  1 
ATOM   482 O  OD1 . ASP A 1 79  ? -1.005  -15.519 -4.539  1.00 29.74 ? 333 ASP A OD1 1 
ATOM   483 O  OD2 . ASP A 1 79  ? -3.175  -15.443 -4.888  1.00 31.50 ? 333 ASP A OD2 1 
ATOM   484 N  N   . LYS A 1 80  ? -3.541  -12.130 -3.228  1.00 20.79 ? 334 LYS A N   1 
ATOM   485 C  CA  . LYS A 1 80  ? -4.192  -11.136 -4.124  1.00 21.78 ? 334 LYS A CA  1 
ATOM   486 C  C   . LYS A 1 80  ? -3.566  -9.750  -3.930  1.00 20.70 ? 334 LYS A C   1 
ATOM   487 O  O   . LYS A 1 80  ? -3.328  -9.067  -4.936  1.00 20.95 ? 334 LYS A O   1 
ATOM   488 C  CB  . LYS A 1 80  ? -5.700  -11.137 -3.882  1.00 23.27 ? 334 LYS A CB  1 
ATOM   489 C  CG  . LYS A 1 80  ? -6.394  -12.410 -4.334  1.00 26.44 ? 334 LYS A CG  1 
ATOM   490 C  CD  . LYS A 1 80  ? -7.876  -12.356 -4.119  1.00 29.01 ? 334 LYS A CD  1 
ATOM   491 C  CE  . LYS A 1 80  ? -8.528  -13.717 -4.213  1.00 30.85 ? 334 LYS A CE  1 
ATOM   492 N  NZ  . LYS A 1 80  ? -9.993  -13.608 -4.046  1.00 34.22 ? 334 LYS A NZ  1 
ATOM   493 N  N   . LEU A 1 81  ? -3.314  -9.333  -2.686  1.00 20.26 ? 335 LEU A N   1 
ATOM   494 C  CA  . LEU A 1 81  ? -2.693  -8.017  -2.384  1.00 20.43 ? 335 LEU A CA  1 
ATOM   495 C  C   . LEU A 1 81  ? -1.316  -7.958  -3.064  1.00 19.86 ? 335 LEU A C   1 
ATOM   496 O  O   . LEU A 1 81  ? -0.981  -6.920  -3.672  1.00 21.26 ? 335 LEU A O   1 
ATOM   497 C  CB  . LEU A 1 81  ? -2.575  -7.837  -0.865  1.00 20.07 ? 335 LEU A CB  1 
ATOM   498 C  CG  . LEU A 1 81  ? -1.904  -6.536  -0.424  1.00 20.70 ? 335 LEU A CG  1 
ATOM   499 C  CD1 . LEU A 1 81  ? -2.797  -5.356  -0.753  1.00 22.75 ? 335 LEU A CD1 1 
ATOM   500 C  CD2 . LEU A 1 81  ? -1.550  -6.539  1.057   1.00 20.60 ? 335 LEU A CD2 1 
ATOM   501 N  N   . SER A 1 82  ? -0.533  -9.028  -2.952  1.00 21.11 ? 336 SER A N   1 
ATOM   502 C  CA  . SER A 1 82  ? 0.848   -9.052  -3.490  1.00 22.36 ? 336 SER A CA  1 
ATOM   503 C  C   . SER A 1 82  ? 0.780   -8.933  -5.017  1.00 23.16 ? 336 SER A C   1 
ATOM   504 O  O   . SER A 1 82  ? 1.598   -8.185  -5.562  1.00 24.44 ? 336 SER A O   1 
ATOM   505 C  CB  . SER A 1 82  ? 1.625   -10.260 -3.018  1.00 22.63 ? 336 SER A CB  1 
ATOM   506 O  OG  . SER A 1 82  ? 1.164   -11.435 -3.644  1.00 25.17 ? 336 SER A OG  1 
ATOM   507 N  N   . ARG A 1 83  ? -0.185  -9.597  -5.664  1.00 25.17 ? 337 ARG A N   1 
ATOM   508 C  CA  . ARG A 1 83  ? -0.421  -9.482  -7.134  1.00 27.27 ? 337 ARG A CA  1 
ATOM   509 C  C   . ARG A 1 83  ? -0.711  -8.012  -7.469  1.00 27.41 ? 337 ARG A C   1 
ATOM   510 O  O   . ARG A 1 83  ? -0.082  -7.475  -8.421  1.00 27.80 ? 337 ARG A O   1 
ATOM   511 C  CB  . ARG A 1 83  ? -1.563  -10.393 -7.597  1.00 30.80 ? 337 ARG A CB  1 
ATOM   512 C  CG  . ARG A 1 83  ? -1.225  -11.880 -7.611  1.00 35.35 ? 337 ARG A CG  1 
ATOM   513 C  CD  . ARG A 1 83  ? -2.436  -12.751 -7.923  1.00 38.91 ? 337 ARG A CD  1 
ATOM   514 N  NE  . ARG A 1 83  ? -2.162  -14.176 -7.776  1.00 41.30 ? 337 ARG A NE  1 
ATOM   515 C  CZ  . ARG A 1 83  ? -1.469  -14.918 -8.644  1.00 46.20 ? 337 ARG A CZ  1 
ATOM   516 N  NH1 . ARG A 1 83  ? -0.956  -14.378 -9.740  1.00 45.74 ? 337 ARG A NH1 1 
ATOM   517 N  NH2 . ARG A 1 83  ? -1.288  -16.208 -8.411  1.00 45.50 ? 337 ARG A NH2 1 
ATOM   518 N  N   . ALA A 1 84  ? -1.583  -7.361  -6.694  1.00 25.72 ? 338 ALA A N   1 
ATOM   519 C  CA  . ALA A 1 84  ? -1.996  -5.955  -6.929  1.00 25.73 ? 338 ALA A CA  1 
ATOM   520 C  C   . ALA A 1 84  ? -0.781  -5.027  -6.811  1.00 24.48 ? 338 ALA A C   1 
ATOM   521 O  O   . ALA A 1 84  ? -0.642  -4.111  -7.655  1.00 26.28 ? 338 ALA A O   1 
ATOM   522 C  CB  . ALA A 1 84  ? -3.113  -5.560  -5.990  1.00 24.97 ? 338 ALA A CB  1 
ATOM   523 N  N   . LEU A 1 85  ? 0.097   -5.258  -5.829  1.00 24.38 ? 339 LEU A N   1 
ATOM   524 C  CA  . LEU A 1 85  ? 1.319   -4.438  -5.599  1.00 25.48 ? 339 LEU A CA  1 
ATOM   525 C  C   . LEU A 1 85  ? 2.306   -4.610  -6.758  1.00 26.90 ? 339 LEU A C   1 
ATOM   526 O  O   . LEU A 1 85  ? 2.940   -3.616  -7.116  1.00 26.56 ? 339 LEU A O   1 
ATOM   527 C  CB  . LEU A 1 85  ? 1.963   -4.838  -4.268  1.00 26.22 ? 339 LEU A CB  1 
ATOM   528 C  CG  . LEU A 1 85  ? 1.150   -4.462  -3.029  1.00 26.95 ? 339 LEU A CG  1 
ATOM   529 C  CD1 . LEU A 1 85  ? 1.688   -5.142  -1.788  1.00 27.96 ? 339 LEU A CD1 1 
ATOM   530 C  CD2 . LEU A 1 85  ? 1.100   -2.963  -2.823  1.00 27.79 ? 339 LEU A CD2 1 
ATOM   531 N  N   . ARG A 1 86  ? 2.449   -5.824  -7.296  1.00 28.86 ? 340 ARG A N   1 
ATOM   532 C  CA  . ARG A 1 86  ? 3.388   -6.128  -8.415  1.00 34.09 ? 340 ARG A CA  1 
ATOM   533 C  C   . ARG A 1 86  ? 2.978   -5.332  -9.666  1.00 32.02 ? 340 ARG A C   1 
ATOM   534 O  O   . ARG A 1 86  ? 3.885   -4.873  -10.378 1.00 33.13 ? 340 ARG A O   1 
ATOM   535 C  CB  . ARG A 1 86  ? 3.452   -7.638  -8.671  1.00 36.37 ? 340 ARG A CB  1 
ATOM   536 C  CG  . ARG A 1 86  ? 4.088   -8.420  -7.529  1.00 41.54 ? 340 ARG A CG  1 
ATOM   537 C  CD  . ARG A 1 86  ? 4.657   -9.769  -7.928  1.00 43.62 ? 340 ARG A CD  1 
ATOM   538 N  NE  . ARG A 1 86  ? 3.625   -10.753 -8.230  1.00 46.98 ? 340 ARG A NE  1 
ATOM   539 C  CZ  . ARG A 1 86  ? 2.906   -11.418 -7.325  1.00 49.56 ? 340 ARG A CZ  1 
ATOM   540 N  NH1 . ARG A 1 86  ? 2.001   -12.293 -7.725  1.00 52.18 ? 340 ARG A NH1 1 
ATOM   541 N  NH2 . ARG A 1 86  ? 3.084   -11.213 -6.031  1.00 51.22 ? 340 ARG A NH2 1 
ATOM   542 N  N   . TYR A 1 87  ? 1.674   -5.143  -9.890  1.00 31.29 ? 341 TYR A N   1 
ATOM   543 C  CA  . TYR A 1 87  ? 1.072   -4.312  -10.972 1.00 32.21 ? 341 TYR A CA  1 
ATOM   544 C  C   . TYR A 1 87  ? 1.687   -2.900  -10.961 1.00 30.65 ? 341 TYR A C   1 
ATOM   545 O  O   . TYR A 1 87  ? 1.852   -2.292  -12.033 1.00 31.16 ? 341 TYR A O   1 
ATOM   546 C  CB  . TYR A 1 87  ? -0.453  -4.316  -10.818 1.00 36.84 ? 341 TYR A CB  1 
ATOM   547 C  CG  . TYR A 1 87  ? -1.226  -3.355  -11.688 1.00 40.47 ? 341 TYR A CG  1 
ATOM   548 C  CD1 . TYR A 1 87  ? -1.597  -3.690  -12.981 1.00 44.54 ? 341 TYR A CD1 1 
ATOM   549 C  CD2 . TYR A 1 87  ? -1.639  -2.126  -11.194 1.00 43.63 ? 341 TYR A CD2 1 
ATOM   550 C  CE1 . TYR A 1 87  ? -2.321  -2.816  -13.776 1.00 45.69 ? 341 TYR A CE1 1 
ATOM   551 C  CE2 . TYR A 1 87  ? -2.372  -1.243  -11.970 1.00 46.98 ? 341 TYR A CE2 1 
ATOM   552 C  CZ  . TYR A 1 87  ? -2.712  -1.588  -13.268 1.00 47.96 ? 341 TYR A CZ  1 
ATOM   553 O  OH  . TYR A 1 87  ? -3.424  -0.717  -14.040 1.00 52.46 ? 341 TYR A OH  1 
ATOM   554 N  N   . TYR A 1 88  ? 2.052   -2.379  -9.789  1.00 23.40 ? 342 TYR A N   1 
ATOM   555 C  CA  . TYR A 1 88  ? 2.588   -1.001  -9.640  1.00 23.30 ? 342 TYR A CA  1 
ATOM   556 C  C   . TYR A 1 88  ? 4.062   -0.915  -10.054 1.00 23.40 ? 342 TYR A C   1 
ATOM   557 O  O   . TYR A 1 88  ? 4.508   0.225   -10.242 1.00 23.37 ? 342 TYR A O   1 
ATOM   558 C  CB  . TYR A 1 88  ? 2.454   -0.504  -8.199  1.00 21.05 ? 342 TYR A CB  1 
ATOM   559 C  CG  . TYR A 1 88  ? 1.058   -0.114  -7.782  1.00 19.82 ? 342 TYR A CG  1 
ATOM   560 C  CD1 . TYR A 1 88  ? 0.197   0.550   -8.641  1.00 19.52 ? 342 TYR A CD1 1 
ATOM   561 C  CD2 . TYR A 1 88  ? 0.608   -0.384  -6.497  1.00 20.34 ? 342 TYR A CD2 1 
ATOM   562 C  CE1 . TYR A 1 88  ? -1.072  0.932   -8.241  1.00 19.13 ? 342 TYR A CE1 1 
ATOM   563 C  CE2 . TYR A 1 88  ? -0.656  -0.008  -6.081  1.00 19.70 ? 342 TYR A CE2 1 
ATOM   564 C  CZ  . TYR A 1 88  ? -1.502  0.642   -6.959  1.00 19.40 ? 342 TYR A CZ  1 
ATOM   565 O  OH  . TYR A 1 88  ? -2.747  1.022   -6.555  1.00 20.10 ? 342 TYR A OH  1 
ATOM   566 N  N   . TYR A 1 89  ? 4.776   -2.040  -10.162 1.00 27.84 ? 343 TYR A N   1 
ATOM   567 C  CA  . TYR A 1 89  ? 6.232   -2.062  -10.470 1.00 31.92 ? 343 TYR A CA  1 
ATOM   568 C  C   . TYR A 1 89  ? 6.443   -1.386  -11.826 1.00 31.82 ? 343 TYR A C   1 
ATOM   569 O  O   . TYR A 1 89  ? 7.301   -0.496  -11.920 1.00 35.71 ? 343 TYR A O   1 
ATOM   570 C  CB  . TYR A 1 89  ? 6.830   -3.473  -10.474 1.00 36.24 ? 343 TYR A CB  1 
ATOM   571 C  CG  . TYR A 1 89  ? 6.714   -4.278  -9.198  1.00 42.50 ? 343 TYR A CG  1 
ATOM   572 C  CD1 . TYR A 1 89  ? 6.291   -3.717  -7.999  1.00 44.86 ? 343 TYR A CD1 1 
ATOM   573 C  CD2 . TYR A 1 89  ? 7.060   -5.620  -9.192  1.00 45.31 ? 343 TYR A CD2 1 
ATOM   574 C  CE1 . TYR A 1 89  ? 6.193   -4.475  -6.840  1.00 48.48 ? 343 TYR A CE1 1 
ATOM   575 C  CE2 . TYR A 1 89  ? 6.978   -6.390  -8.043  1.00 47.69 ? 343 TYR A CE2 1 
ATOM   576 C  CZ  . TYR A 1 89  ? 6.541   -5.817  -6.861  1.00 49.54 ? 343 TYR A CZ  1 
ATOM   577 O  OH  . TYR A 1 89  ? 6.447   -6.588  -5.738  1.00 54.67 ? 343 TYR A OH  1 
ATOM   578 N  N   . ASP A 1 90  ? 5.636   -1.743  -12.828 1.00 30.44 ? 344 ASP A N   1 
ATOM   579 C  CA  . ASP A 1 90  ? 5.821   -1.256  -14.223 1.00 31.80 ? 344 ASP A CA  1 
ATOM   580 C  C   . ASP A 1 90  ? 5.143   0.102   -14.414 1.00 27.71 ? 344 ASP A C   1 
ATOM   581 O  O   . ASP A 1 90  ? 5.278   0.660   -15.519 1.00 28.57 ? 344 ASP A O   1 
ATOM   582 C  CB  . ASP A 1 90  ? 5.333   -2.282  -15.247 1.00 37.68 ? 344 ASP A CB  1 
ATOM   583 C  CG  . ASP A 1 90  ? 6.308   -3.429  -15.433 1.00 42.59 ? 344 ASP A CG  1 
ATOM   584 O  OD1 . ASP A 1 90  ? 6.724   -4.013  -14.409 1.00 50.97 ? 344 ASP A OD1 1 
ATOM   585 O  OD2 . ASP A 1 90  ? 6.652   -3.724  -16.596 1.00 51.32 ? 344 ASP A OD2 1 
ATOM   586 N  N   . LYS A 1 91  ? 4.459   0.629   -13.394 1.00 25.86 ? 345 LYS A N   1 
ATOM   587 C  CA  . LYS A 1 91  ? 3.695   1.903   -13.460 1.00 25.96 ? 345 LYS A CA  1 
ATOM   588 C  C   . LYS A 1 91  ? 4.419   3.045   -12.732 1.00 23.09 ? 345 LYS A C   1 
ATOM   589 O  O   . LYS A 1 91  ? 3.817   4.137   -12.633 1.00 21.97 ? 345 LYS A O   1 
ATOM   590 C  CB  . LYS A 1 91  ? 2.319   1.735   -12.816 1.00 30.54 ? 345 LYS A CB  1 
ATOM   591 C  CG  . LYS A 1 91  ? 1.341   0.843   -13.565 1.00 34.49 ? 345 LYS A CG  1 
ATOM   592 C  CD  . LYS A 1 91  ? -0.011  0.790   -12.892 1.00 40.02 ? 345 LYS A CD  1 
ATOM   593 C  CE  . LYS A 1 91  ? -0.772  2.103   -12.945 1.00 43.23 ? 345 LYS A CE  1 
ATOM   594 N  NZ  . LYS A 1 91  ? -1.629  2.305   -11.750 1.00 43.95 ? 345 LYS A NZ  1 
ATOM   595 N  N   . ASN A 1 92  ? 5.640   2.819   -12.233 1.00 20.61 ? 346 ASN A N   1 
ATOM   596 C  CA  . ASN A 1 92  ? 6.441   3.840   -11.500 1.00 20.03 ? 346 ASN A CA  1 
ATOM   597 C  C   . ASN A 1 92  ? 5.664   4.339   -10.275 1.00 19.06 ? 346 ASN A C   1 
ATOM   598 O  O   . ASN A 1 92  ? 5.792   5.538   -9.938  1.00 17.50 ? 346 ASN A O   1 
ATOM   599 C  CB  . ASN A 1 92  ? 6.783   5.062   -12.368 1.00 21.88 ? 346 ASN A CB  1 
ATOM   600 C  CG  . ASN A 1 92  ? 7.526   4.728   -13.641 1.00 24.36 ? 346 ASN A CG  1 
ATOM   601 O  OD1 . ASN A 1 92  ? 7.107   5.115   -14.735 1.00 28.73 ? 346 ASN A OD1 1 
ATOM   602 N  ND2 . ASN A 1 92  ? 8.651   4.058   -13.496 1.00 24.10 ? 346 ASN A ND2 1 
ATOM   603 N  N   . ILE A 1 93  ? 4.897   3.467   -9.606  1.00 17.02 ? 347 ILE A N   1 
ATOM   604 C  CA  . ILE A 1 93  ? 4.138   3.827   -8.369  1.00 18.71 ? 347 ILE A CA  1 
ATOM   605 C  C   . ILE A 1 93  ? 4.835   3.211   -7.149  1.00 18.34 ? 347 ILE A C   1 
ATOM   606 O  O   . ILE A 1 93  ? 4.832   3.851   -6.074  1.00 18.20 ? 347 ILE A O   1 
ATOM   607 C  CB  . ILE A 1 93  ? 2.666   3.366   -8.484  1.00 20.08 ? 347 ILE A CB  1 
ATOM   608 C  CG1 . ILE A 1 93  ? 1.909   4.139   -9.564  1.00 22.75 ? 347 ILE A CG1 1 
ATOM   609 C  CG2 . ILE A 1 93  ? 1.942   3.431   -7.147  1.00 20.88 ? 347 ILE A CG2 1 
ATOM   610 C  CD1 . ILE A 1 93  ? 1.729   5.590   -9.245  1.00 23.35 ? 347 ILE A CD1 1 
ATOM   611 N  N   . MET A 1 94  ? 5.392   2.017   -7.304  1.00 18.86 ? 348 MET A N   1 
ATOM   612 C  CA  . MET A 1 94  ? 5.932   1.215   -6.174  1.00 23.67 ? 348 MET A CA  1 
ATOM   613 C  C   . MET A 1 94  ? 6.908   0.173   -6.709  1.00 28.57 ? 348 MET A C   1 
ATOM   614 O  O   . MET A 1 94  ? 6.734   -0.274  -7.865  1.00 30.12 ? 348 MET A O   1 
ATOM   615 C  CB  . MET A 1 94  ? 4.781   0.503   -5.454  1.00 26.49 ? 348 MET A CB  1 
ATOM   616 C  CG  . MET A 1 94  ? 5.035   0.234   -3.999  1.00 30.71 ? 348 MET A CG  1 
ATOM   617 S  SD  . MET A 1 94  ? 3.651   -0.691  -3.312  1.00 31.22 ? 348 MET A SD  1 
ATOM   618 C  CE  . MET A 1 94  ? 2.416   0.609   -3.235  1.00 28.90 ? 348 MET A CE  1 
ATOM   619 N  N   . THR A 1 95  ? 7.875   -0.230  -5.885  1.00 27.63 ? 349 THR A N   1 
ATOM   620 C  CA  . THR A 1 95  ? 8.708   -1.436  -6.124  1.00 28.87 ? 349 THR A CA  1 
ATOM   621 C  C   . THR A 1 95  ? 8.796   -2.264  -4.844  1.00 27.87 ? 349 THR A C   1 
ATOM   622 O  O   . THR A 1 95  ? 8.488   -1.725  -3.762  1.00 27.54 ? 349 THR A O   1 
ATOM   623 C  CB  . THR A 1 95  ? 10.104  -1.055  -6.613  1.00 30.15 ? 349 THR A CB  1 
ATOM   624 O  OG1 . THR A 1 95  ? 10.610  -0.134  -5.647  1.00 33.59 ? 349 THR A OG1 1 
ATOM   625 C  CG2 . THR A 1 95  ? 10.087  -0.448  -7.999  1.00 31.96 ? 349 THR A CG2 1 
ATOM   626 N  N   . LYS A 1 96  ? 9.189   -3.531  -4.994  1.00 29.10 ? 350 LYS A N   1 
ATOM   627 C  CA  . LYS A 1 96  ? 9.526   -4.448  -3.874  1.00 30.92 ? 350 LYS A CA  1 
ATOM   628 C  C   . LYS A 1 96  ? 10.944  -4.093  -3.432  1.00 30.48 ? 350 LYS A C   1 
ATOM   629 O  O   . LYS A 1 96  ? 11.773  -3.770  -4.292  1.00 30.06 ? 350 LYS A O   1 
ATOM   630 C  CB  . LYS A 1 96  ? 9.427   -5.910  -4.323  1.00 34.16 ? 350 LYS A CB  1 
ATOM   631 C  CG  . LYS A 1 96  ? 9.625   -6.967  -3.242  1.00 38.50 ? 350 LYS A CG  1 
ATOM   632 C  CD  . LYS A 1 96  ? 8.345   -7.427  -2.573  1.00 42.55 ? 350 LYS A CD  1 
ATOM   633 C  CE  . LYS A 1 96  ? 8.476   -8.780  -1.893  1.00 44.15 ? 350 LYS A CE  1 
ATOM   634 N  NZ  . LYS A 1 96  ? 7.639   -8.869  -0.669  1.00 44.45 ? 350 LYS A NZ  1 
ATOM   635 N  N   . VAL A 1 97  ? 11.200  -4.123  -2.130  1.00 29.44 ? 351 VAL A N   1 
ATOM   636 C  CA  . VAL A 1 97  ? 12.554  -3.868  -1.580  1.00 29.89 ? 351 VAL A CA  1 
ATOM   637 C  C   . VAL A 1 97  ? 13.183  -5.234  -1.307  1.00 33.70 ? 351 VAL A C   1 
ATOM   638 O  O   . VAL A 1 97  ? 12.623  -5.994  -0.481  1.00 32.43 ? 351 VAL A O   1 
ATOM   639 C  CB  . VAL A 1 97  ? 12.462  -2.965  -0.341  1.00 28.53 ? 351 VAL A CB  1 
ATOM   640 C  CG1 . VAL A 1 97  ? 13.782  -2.914  0.407   1.00 27.99 ? 351 VAL A CG1 1 
ATOM   641 C  CG2 . VAL A 1 97  ? 11.975  -1.573  -0.736  1.00 26.96 ? 351 VAL A CG2 1 
ATOM   642 N  N   . HIS A 1 98  ? 14.275  -5.537  -2.018  1.00 36.94 ? 352 HIS A N   1 
ATOM   643 C  CA  . HIS A 1 98  ? 14.996  -6.838  -1.967  1.00 40.78 ? 352 HIS A CA  1 
ATOM   644 C  C   . HIS A 1 98  ? 15.708  -6.968  -0.620  1.00 38.82 ? 352 HIS A C   1 
ATOM   645 O  O   . HIS A 1 98  ? 16.221  -5.945  -0.119  1.00 38.18 ? 352 HIS A O   1 
ATOM   646 C  CB  . HIS A 1 98  ? 15.983  -6.969  -3.136  1.00 44.37 ? 352 HIS A CB  1 
ATOM   647 C  CG  . HIS A 1 98  ? 15.360  -6.795  -4.481  1.00 49.66 ? 352 HIS A CG  1 
ATOM   648 N  ND1 . HIS A 1 98  ? 14.211  -7.468  -4.856  1.00 54.32 ? 352 HIS A ND1 1 
ATOM   649 C  CD2 . HIS A 1 98  ? 15.718  -6.034  -5.538  1.00 52.97 ? 352 HIS A CD2 1 
ATOM   650 C  CE1 . HIS A 1 98  ? 13.888  -7.127  -6.088  1.00 55.12 ? 352 HIS A CE1 1 
ATOM   651 N  NE2 . HIS A 1 98  ? 14.799  -6.248  -6.531  1.00 54.92 ? 352 HIS A NE2 1 
ATOM   652 N  N   . GLY A 1 99  ? 15.727  -8.183  -0.066  1.00 39.16 ? 353 GLY A N   1 
ATOM   653 C  CA  . GLY A 1 99  ? 16.489  -8.544  1.144   1.00 38.54 ? 353 GLY A CA  1 
ATOM   654 C  C   . GLY A 1 99  ? 15.784  -8.144  2.425   1.00 37.24 ? 353 GLY A C   1 
ATOM   655 O  O   . GLY A 1 99  ? 16.451  -8.144  3.477   1.00 40.38 ? 353 GLY A O   1 
ATOM   656 N  N   . LYS A 1 100 ? 14.486  -7.823  2.359   1.00 33.90 ? 354 LYS A N   1 
ATOM   657 C  CA  . LYS A 1 100 ? 13.667  -7.466  3.549   1.00 32.88 ? 354 LYS A CA  1 
ATOM   658 C  C   . LYS A 1 100 ? 12.338  -8.227  3.500   1.00 32.45 ? 354 LYS A C   1 
ATOM   659 O  O   . LYS A 1 100 ? 12.021  -8.775  2.427   1.00 34.58 ? 354 LYS A O   1 
ATOM   660 C  CB  . LYS A 1 100 ? 13.461  -5.951  3.609   1.00 33.45 ? 354 LYS A CB  1 
ATOM   661 C  CG  . LYS A 1 100 ? 14.716  -5.158  3.947   1.00 35.52 ? 354 LYS A CG  1 
ATOM   662 C  CD  . LYS A 1 100 ? 14.447  -3.691  4.161   1.00 37.32 ? 354 LYS A CD  1 
ATOM   663 C  CE  . LYS A 1 100 ? 15.694  -2.918  4.524   1.00 39.91 ? 354 LYS A CE  1 
ATOM   664 N  NZ  . LYS A 1 100 ? 15.461  -1.457  4.461   1.00 41.55 ? 354 LYS A NZ  1 
ATOM   665 N  N   . ARG A 1 101 ? 11.620  -8.275  4.628   1.00 29.23 ? 355 ARG A N   1 
ATOM   666 C  CA  . ARG A 1 101 ? 10.335  -9.006  4.783   1.00 27.30 ? 355 ARG A CA  1 
ATOM   667 C  C   . ARG A 1 101 ? 9.170   -8.036  4.557   1.00 22.65 ? 355 ARG A C   1 
ATOM   668 O  O   . ARG A 1 101 ? 8.971   -7.102  5.379   1.00 21.90 ? 355 ARG A O   1 
ATOM   669 C  CB  . ARG A 1 101 ? 10.205  -9.650  6.170   1.00 31.33 ? 355 ARG A CB  1 
ATOM   670 C  CG  . ARG A 1 101 ? 11.355  -10.564 6.577   1.00 35.06 ? 355 ARG A CG  1 
ATOM   671 C  CD  . ARG A 1 101 ? 11.411  -11.940 5.929   1.00 37.54 ? 355 ARG A CD  1 
ATOM   672 N  NE  . ARG A 1 101 ? 10.145  -12.677 5.860   1.00 39.30 ? 355 ARG A NE  1 
ATOM   673 C  CZ  . ARG A 1 101 ? 9.711   -13.586 6.738   1.00 40.57 ? 355 ARG A CZ  1 
ATOM   674 N  NH1 . ARG A 1 101 ? 10.422  -13.897 7.812   1.00 43.49 ? 355 ARG A NH1 1 
ATOM   675 N  NH2 . ARG A 1 101 ? 8.550   -14.190 6.536   1.00 39.69 ? 355 ARG A NH2 1 
ATOM   676 N  N   . TYR A 1 102 ? 8.401   -8.274  3.500   1.00 18.10 ? 356 TYR A N   1 
ATOM   677 C  CA  . TYR A 1 102 ? 7.143   -7.550  3.198   1.00 16.28 ? 356 TYR A CA  1 
ATOM   678 C  C   . TYR A 1 102 ? 7.457   -6.050  3.145   1.00 15.85 ? 356 TYR A C   1 
ATOM   679 O  O   . TYR A 1 102 ? 6.692   -5.265  3.684   1.00 16.58 ? 356 TYR A O   1 
ATOM   680 C  CB  . TYR A 1 102 ? 6.076   -7.907  4.230   1.00 15.83 ? 356 TYR A CB  1 
ATOM   681 C  CG  . TYR A 1 102 ? 5.701   -9.367  4.269   1.00 15.01 ? 356 TYR A CG  1 
ATOM   682 C  CD1 . TYR A 1 102 ? 4.984   -9.939  3.236   1.00 15.26 ? 356 TYR A CD1 1 
ATOM   683 C  CD2 . TYR A 1 102 ? 6.059   -10.173 5.328   1.00 15.31 ? 356 TYR A CD2 1 
ATOM   684 C  CE1 . TYR A 1 102 ? 4.650   -11.282 3.237   1.00 15.45 ? 356 TYR A CE1 1 
ATOM   685 C  CE2 . TYR A 1 102 ? 5.735   -11.520 5.344   1.00 15.12 ? 356 TYR A CE2 1 
ATOM   686 C  CZ  . TYR A 1 102 ? 5.013   -12.075 4.303   1.00 15.46 ? 356 TYR A CZ  1 
ATOM   687 O  OH  . TYR A 1 102 ? 4.623   -13.386 4.363   1.00 16.24 ? 356 TYR A OH  1 
ATOM   688 N  N   . ALA A 1 103 ? 8.558   -5.686  2.481   1.00 15.57 ? 357 ALA A N   1 
ATOM   689 C  CA  . ALA A 1 103 ? 9.020   -4.286  2.336   1.00 15.18 ? 357 ALA A CA  1 
ATOM   690 C  C   . ALA A 1 103 ? 8.796   -3.807  0.898   1.00 15.15 ? 357 ALA A C   1 
ATOM   691 O  O   . ALA A 1 103 ? 9.065   -4.567  -0.054  1.00 14.79 ? 357 ALA A O   1 
ATOM   692 C  CB  . ALA A 1 103 ? 10.466  -4.162  2.720   1.00 15.68 ? 357 ALA A CB  1 
ATOM   693 N  N   . TYR A 1 104 ? 8.285   -2.592  0.767   1.00 14.25 ? 358 TYR A N   1 
ATOM   694 C  CA  . TYR A 1 104 ? 7.956   -1.930  -0.512  1.00 15.52 ? 358 TYR A CA  1 
ATOM   695 C  C   . TYR A 1 104 ? 8.406   -0.478  -0.407  1.00 15.88 ? 358 TYR A C   1 
ATOM   696 O  O   . TYR A 1 104 ? 8.714   -0.010  0.674   1.00 14.80 ? 358 TYR A O   1 
ATOM   697 C  CB  . TYR A 1 104 ? 6.458   -2.038  -0.798  1.00 16.84 ? 358 TYR A CB  1 
ATOM   698 C  CG  . TYR A 1 104 ? 5.966   -3.446  -1.013  1.00 18.24 ? 358 TYR A CG  1 
ATOM   699 C  CD1 . TYR A 1 104 ? 5.581   -4.256  0.048   1.00 20.60 ? 358 TYR A CD1 1 
ATOM   700 C  CD2 . TYR A 1 104 ? 5.900   -3.969  -2.292  1.00 21.62 ? 358 TYR A CD2 1 
ATOM   701 C  CE1 . TYR A 1 104 ? 5.148   -5.559  -0.169  1.00 21.97 ? 358 TYR A CE1 1 
ATOM   702 C  CE2 . TYR A 1 104 ? 5.454   -5.259  -2.526  1.00 22.79 ? 358 TYR A CE2 1 
ATOM   703 C  CZ  . TYR A 1 104 ? 5.085   -6.056  -1.460  1.00 24.31 ? 358 TYR A CZ  1 
ATOM   704 O  OH  . TYR A 1 104 ? 4.648   -7.332  -1.706  1.00 29.73 ? 358 TYR A OH  1 
ATOM   705 N  N   . LYS A 1 105 ? 8.469   0.194   -1.542  1.00 17.56 ? 359 LYS A N   1 
ATOM   706 C  CA  . LYS A 1 105 ? 8.952   1.578   -1.608  1.00 18.84 ? 359 LYS A CA  1 
ATOM   707 C  C   . LYS A 1 105 ? 8.030   2.298   -2.579  1.00 17.93 ? 359 LYS A C   1 
ATOM   708 O  O   . LYS A 1 105 ? 7.883   1.799   -3.710  1.00 19.08 ? 359 LYS A O   1 
ATOM   709 C  CB  . LYS A 1 105 ? 10.409  1.553   -2.060  1.00 22.25 ? 359 LYS A CB  1 
ATOM   710 C  CG  . LYS A 1 105 ? 11.102  2.896   -2.165  1.00 26.60 ? 359 LYS A CG  1 
ATOM   711 C  CD  . LYS A 1 105 ? 12.345  2.819   -3.036  1.00 30.53 ? 359 LYS A CD  1 
ATOM   712 C  CE  . LYS A 1 105 ? 12.789  4.171   -3.556  1.00 35.09 ? 359 LYS A CE  1 
ATOM   713 N  NZ  . LYS A 1 105 ? 13.369  4.987   -2.465  1.00 38.91 ? 359 LYS A NZ  1 
ATOM   714 N  N   . PHE A 1 106 ? 7.403   3.374   -2.131  1.00 16.40 ? 360 PHE A N   1 
ATOM   715 C  CA  . PHE A 1 106 ? 6.654   4.268   -3.038  1.00 16.73 ? 360 PHE A CA  1 
ATOM   716 C  C   . PHE A 1 106 ? 7.636   4.959   -3.980  1.00 17.76 ? 360 PHE A C   1 
ATOM   717 O  O   . PHE A 1 106 ? 8.754   5.327   -3.547  1.00 16.69 ? 360 PHE A O   1 
ATOM   718 C  CB  . PHE A 1 106 ? 5.882   5.327   -2.269  1.00 16.42 ? 360 PHE A CB  1 
ATOM   719 C  CG  . PHE A 1 106 ? 4.719   4.794   -1.479  1.00 16.48 ? 360 PHE A CG  1 
ATOM   720 C  CD1 . PHE A 1 106 ? 3.533   4.442   -2.106  1.00 16.93 ? 360 PHE A CD1 1 
ATOM   721 C  CD2 . PHE A 1 106 ? 4.799   4.687   -0.105  1.00 16.94 ? 360 PHE A CD2 1 
ATOM   722 C  CE1 . PHE A 1 106 ? 2.464   3.969   -1.365  1.00 17.84 ? 360 PHE A CE1 1 
ATOM   723 C  CE2 . PHE A 1 106 ? 3.725   4.229   0.633   1.00 16.55 ? 360 PHE A CE2 1 
ATOM   724 C  CZ  . PHE A 1 106 ? 2.561   3.866   -0.001  1.00 17.76 ? 360 PHE A CZ  1 
ATOM   725 N  N   . ASP A 1 107 ? 7.199   5.113   -5.229  1.00 17.28 ? 361 ASP A N   1 
ATOM   726 C  CA  . ASP A 1 107 ? 7.855   5.987   -6.233  1.00 17.97 ? 361 ASP A CA  1 
ATOM   727 C  C   . ASP A 1 107 ? 7.069   7.298   -6.287  1.00 17.53 ? 361 ASP A C   1 
ATOM   728 O  O   . ASP A 1 107 ? 5.990   7.342   -6.905  1.00 18.30 ? 361 ASP A O   1 
ATOM   729 C  CB  . ASP A 1 107 ? 7.929   5.276   -7.578  1.00 17.71 ? 361 ASP A CB  1 
ATOM   730 C  CG  . ASP A 1 107 ? 8.805   6.020   -8.561  1.00 18.85 ? 361 ASP A CG  1 
ATOM   731 O  OD1 . ASP A 1 107 ? 9.424   5.350   -9.422  1.00 19.44 ? 361 ASP A OD1 1 
ATOM   732 O  OD2 . ASP A 1 107 ? 8.869   7.260   -8.432  1.00 19.66 ? 361 ASP A OD2 1 
ATOM   733 N  N   . PHE A 1 108 ? 7.588   8.352   -5.674  1.00 19.76 ? 362 PHE A N   1 
ATOM   734 C  CA  . PHE A 1 108 ? 6.837   9.621   -5.586  1.00 20.75 ? 362 PHE A CA  1 
ATOM   735 C  C   . PHE A 1 108 ? 6.906   10.365  -6.928  1.00 18.08 ? 362 PHE A C   1 
ATOM   736 O  O   . PHE A 1 108 ? 6.073   11.250  -7.149  1.00 17.78 ? 362 PHE A O   1 
ATOM   737 C  CB  . PHE A 1 108 ? 7.285   10.356  -4.328  1.00 24.87 ? 362 PHE A CB  1 
ATOM   738 C  CG  . PHE A 1 108 ? 6.844   9.680   -3.050  1.00 28.43 ? 362 PHE A CG  1 
ATOM   739 C  CD1 . PHE A 1 108 ? 5.509   9.677   -2.676  1.00 30.29 ? 362 PHE A CD1 1 
ATOM   740 C  CD2 . PHE A 1 108 ? 7.763   9.076   -2.206  1.00 31.11 ? 362 PHE A CD2 1 
ATOM   741 C  CE1 . PHE A 1 108 ? 5.101   9.082   -1.489  1.00 30.95 ? 362 PHE A CE1 1 
ATOM   742 C  CE2 . PHE A 1 108 ? 7.356   8.497   -1.014  1.00 29.86 ? 362 PHE A CE2 1 
ATOM   743 C  CZ  . PHE A 1 108 ? 6.026   8.480   -0.668  1.00 31.75 ? 362 PHE A CZ  1 
ATOM   744 N  N   . HIS A 1 109 ? 7.777   9.960   -7.854  1.00 16.43 ? 363 HIS A N   1 
ATOM   745 C  CA  . HIS A 1 109 ? 7.742   10.475  -9.254  1.00 15.26 ? 363 HIS A CA  1 
ATOM   746 C  C   . HIS A 1 109 ? 6.424   10.060  -9.927  1.00 15.14 ? 363 HIS A C   1 
ATOM   747 O  O   . HIS A 1 109 ? 5.765   10.928  -10.539 1.00 15.69 ? 363 HIS A O   1 
ATOM   748 C  CB  . HIS A 1 109 ? 8.976   10.041  -10.058 1.00 15.77 ? 363 HIS A CB  1 
ATOM   749 C  CG  . HIS A 1 109 ? 10.252  10.249  -9.319  1.00 16.59 ? 363 HIS A CG  1 
ATOM   750 N  ND1 . HIS A 1 109 ? 11.198  9.254   -9.173  1.00 18.45 ? 363 HIS A ND1 1 
ATOM   751 C  CD2 . HIS A 1 109 ? 10.733  11.323  -8.655  1.00 18.29 ? 363 HIS A CD2 1 
ATOM   752 C  CE1 . HIS A 1 109 ? 12.214  9.719   -8.458  1.00 19.22 ? 363 HIS A CE1 1 
ATOM   753 N  NE2 . HIS A 1 109 ? 11.958  10.988  -8.135  1.00 18.79 ? 363 HIS A NE2 1 
ATOM   754 N  N   . GLY A 1 110 ? 6.027   8.783   -9.822  1.00 15.60 ? 364 GLY A N   1 
ATOM   755 C  CA  . GLY A 1 110 ? 4.710   8.345   -10.328 1.00 16.09 ? 364 GLY A CA  1 
ATOM   756 C  C   . GLY A 1 110 ? 3.557   8.923   -9.527  1.00 17.05 ? 364 GLY A C   1 
ATOM   757 O  O   . GLY A 1 110 ? 2.554   9.348   -10.147 1.00 19.19 ? 364 GLY A O   1 
ATOM   758 N  N   . ILE A 1 111 ? 3.669   8.959   -8.205  1.00 18.99 ? 365 ILE A N   1 
ATOM   759 C  CA  . ILE A 1 111 ? 2.557   9.439   -7.332  1.00 20.83 ? 365 ILE A CA  1 
ATOM   760 C  C   . ILE A 1 111 ? 2.329   10.941  -7.558  1.00 20.61 ? 365 ILE A C   1 
ATOM   761 O  O   . ILE A 1 111 ? 1.155   11.343  -7.606  1.00 20.89 ? 365 ILE A O   1 
ATOM   762 C  CB  . ILE A 1 111 ? 2.788   9.047   -5.864  1.00 22.61 ? 365 ILE A CB  1 
ATOM   763 C  CG1 . ILE A 1 111 ? 2.618   7.532   -5.703  1.00 24.43 ? 365 ILE A CG1 1 
ATOM   764 C  CG2 . ILE A 1 111 ? 1.845   9.815   -4.944  1.00 23.74 ? 365 ILE A CG2 1 
ATOM   765 C  CD1 . ILE A 1 111 ? 3.114   6.994   -4.400  1.00 24.15 ? 365 ILE A CD1 1 
ATOM   766 N  N   . ALA A 1 112 ? 3.379   11.737  -7.797  1.00 19.57 ? 366 ALA A N   1 
ATOM   767 C  CA  . ALA A 1 112 ? 3.223   13.172  -8.139  1.00 20.18 ? 366 ALA A CA  1 
ATOM   768 C  C   . ALA A 1 112 ? 2.275   13.333  -9.332  1.00 20.68 ? 366 ALA A C   1 
ATOM   769 O  O   . ALA A 1 112 ? 1.497   14.303  -9.360  1.00 21.99 ? 366 ALA A O   1 
ATOM   770 C  CB  . ALA A 1 112 ? 4.562   13.807  -8.437  1.00 20.89 ? 366 ALA A CB  1 
ATOM   771 N  N   . GLN A 1 113 ? 2.357   12.466  -10.340 1.00 20.59 ? 367 GLN A N   1 
ATOM   772 C  CA  . GLN A 1 113 ? 1.439   12.541  -11.506 1.00 24.25 ? 367 GLN A CA  1 
ATOM   773 C  C   . GLN A 1 113 ? 0.027   12.137  -11.094 1.00 26.48 ? 367 GLN A C   1 
ATOM   774 O  O   . GLN A 1 113 ? -0.917  12.801  -11.550 1.00 26.85 ? 367 GLN A O   1 
ATOM   775 C  CB  . GLN A 1 113 ? 1.913   11.642  -12.636 1.00 25.45 ? 367 GLN A CB  1 
ATOM   776 C  CG  . GLN A 1 113 ? 3.264   12.073  -13.172 1.00 25.66 ? 367 GLN A CG  1 
ATOM   777 C  CD  . GLN A 1 113 ? 3.527   11.382  -14.480 1.00 26.90 ? 367 GLN A CD  1 
ATOM   778 O  OE1 . GLN A 1 113 ? 2.938   10.339  -14.768 1.00 29.04 ? 367 GLN A OE1 1 
ATOM   779 N  NE2 . GLN A 1 113 ? 4.418   11.956  -15.269 1.00 26.52 ? 367 GLN A NE2 1 
ATOM   780 N  N   . ALA A 1 114 ? -0.081  11.074  -10.286 1.00 30.60 ? 368 ALA A N   1 
ATOM   781 C  CA  . ALA A 1 114 ? -1.355  10.478  -9.815  1.00 33.14 ? 368 ALA A CA  1 
ATOM   782 C  C   . ALA A 1 114 ? -2.146  11.525  -9.025  1.00 35.12 ? 368 ALA A C   1 
ATOM   783 O  O   . ALA A 1 114 ? -3.381  11.422  -8.981  1.00 37.72 ? 368 ALA A O   1 
ATOM   784 C  CB  . ALA A 1 114 ? -1.088  9.236   -8.993  1.00 31.93 ? 368 ALA A CB  1 
ATOM   785 N  N   . LEU A 1 115 ? -1.455  12.505  -8.436  1.00 38.36 ? 369 LEU A N   1 
ATOM   786 C  CA  . LEU A 1 115 ? -2.087  13.643  -7.717  1.00 40.91 ? 369 LEU A CA  1 
ATOM   787 C  C   . LEU A 1 115 ? -2.818  14.552  -8.713  1.00 42.09 ? 369 LEU A C   1 
ATOM   788 O  O   . LEU A 1 115 ? -3.756  15.242  -8.283  1.00 45.48 ? 369 LEU A O   1 
ATOM   789 C  CB  . LEU A 1 115 ? -1.024  14.425  -6.935  1.00 42.80 ? 369 LEU A CB  1 
ATOM   790 C  CG  . LEU A 1 115 ? -0.842  14.032  -5.470  1.00 45.53 ? 369 LEU A CG  1 
ATOM   791 C  CD1 . LEU A 1 115 ? -0.474  12.563  -5.312  1.00 45.70 ? 369 LEU A CD1 1 
ATOM   792 C  CD2 . LEU A 1 115 ? 0.213   14.913  -4.817  1.00 46.31 ? 369 LEU A CD2 1 
ATOM   793 N  N   . GLN A 1 116 ? -2.400  14.571  -9.981  1.00 42.19 ? 370 GLN A N   1 
ATOM   794 C  CA  . GLN A 1 116 ? -2.948  15.483  -11.024 1.00 44.78 ? 370 GLN A CA  1 
ATOM   795 C  C   . GLN A 1 116 ? -4.214  14.869  -11.630 1.00 45.04 ? 370 GLN A C   1 
ATOM   796 O  O   . GLN A 1 116 ? -4.181  13.707  -12.043 1.00 46.38 ? 370 GLN A O   1 
ATOM   797 C  CB  . GLN A 1 116 ? -1.896  15.742  -12.105 1.00 47.35 ? 370 GLN A CB  1 
ATOM   798 C  CG  . GLN A 1 116 ? -0.603  16.324  -11.560 1.00 47.23 ? 370 GLN A CG  1 
ATOM   799 C  CD  . GLN A 1 116 ? -0.824  17.728  -11.061 1.00 49.65 ? 370 GLN A CD  1 
ATOM   800 O  OE1 . GLN A 1 116 ? -0.926  18.674  -11.841 1.00 57.53 ? 370 GLN A OE1 1 
ATOM   801 N  NE2 . GLN A 1 116 ? -0.930  17.865  -9.752  1.00 47.49 ? 370 GLN A NE2 1 
HETATM 802 NA NA  . NA  B 2 .   ? -7.215  8.144   2.156   1.00 54.52 ? 401 NA  A NA  1 
HETATM 803 O  O   . HOH C 3 .   ? 14.233  2.802   5.364   0.50 24.29 ? 501 HOH A O   1 
HETATM 804 O  O   . HOH C 3 .   ? -16.842 7.101   -5.348  1.00 56.38 ? 502 HOH A O   1 
HETATM 805 O  O   . HOH C 3 .   ? 0.859   -13.409 -5.082  1.00 41.00 ? 503 HOH A O   1 
HETATM 806 O  O   . HOH C 3 .   ? 5.522   -10.745 -1.423  1.00 31.91 ? 504 HOH A O   1 
HETATM 807 O  O   . HOH C 3 .   ? -1.063  -0.872  15.780  1.00 20.02 ? 505 HOH A O   1 
HETATM 808 O  O   . HOH C 3 .   ? 0.261   -11.538 8.484   1.00 32.60 ? 506 HOH A O   1 
HETATM 809 O  O   . HOH C 3 .   ? -6.733  6.470   -5.152  1.00 19.78 ? 507 HOH A O   1 
HETATM 810 O  O   . HOH C 3 .   ? -5.427  7.064   15.442  1.00 37.09 ? 508 HOH A O   1 
HETATM 811 O  O   . HOH C 3 .   ? -5.016  -8.938  -6.933  1.00 28.49 ? 509 HOH A O   1 
HETATM 812 O  O   . HOH C 3 .   ? -4.360  1.473   -8.569  1.00 34.04 ? 510 HOH A O   1 
HETATM 813 O  O   . HOH C 3 .   ? 1.909   -7.145  14.407  1.00 40.38 ? 511 HOH A O   1 
HETATM 814 O  O   . HOH C 3 .   ? 10.753  6.930   -2.918  1.00 37.85 ? 512 HOH A O   1 
HETATM 815 O  O   . HOH C 3 .   ? -9.965  -13.765 2.812   1.00 57.04 ? 513 HOH A O   1 
HETATM 816 O  O   . HOH C 3 .   ? -6.103  12.117  -9.705  1.00 50.60 ? 514 HOH A O   1 
HETATM 817 O  O   . HOH C 3 .   ? 6.617   13.321  -11.389 1.00 12.70 ? 515 HOH A O   1 
HETATM 818 O  O   . HOH C 3 .   ? -4.177  -12.921 3.800   1.00 21.11 ? 516 HOH A O   1 
HETATM 819 O  O   . HOH C 3 .   ? -6.106  -11.363 5.083   1.00 25.41 ? 517 HOH A O   1 
HETATM 820 O  O   . HOH C 3 .   ? 7.319   -7.447  7.829   1.00 31.11 ? 518 HOH A O   1 
HETATM 821 O  O   . HOH C 3 .   ? 1.626   5.579   -13.240 1.00 37.74 ? 519 HOH A O   1 
HETATM 822 O  O   . HOH C 3 .   ? 1.639   7.964   -12.271 1.00 33.06 ? 520 HOH A O   1 
HETATM 823 O  O   . HOH C 3 .   ? 5.264   4.264   10.519  1.00 33.94 ? 521 HOH A O   1 
HETATM 824 O  O   . HOH C 3 .   ? 1.225   3.045   10.562  1.00 22.50 ? 522 HOH A O   1 
HETATM 825 O  O   . HOH C 3 .   ? 13.974  12.588  -7.292  1.00 15.43 ? 523 HOH A O   1 
HETATM 826 O  O   . HOH C 3 .   ? -2.757  -1.885  13.346  1.00 40.88 ? 524 HOH A O   1 
HETATM 827 O  O   . HOH C 3 .   ? 4.754   6.156   -15.663 1.00 43.95 ? 525 HOH A O   1 
HETATM 828 O  O   . HOH C 3 .   ? -8.519  -11.008 4.388   1.00 38.81 ? 526 HOH A O   1 
HETATM 829 O  O   . HOH C 3 .   ? 11.392  -10.569 0.456   1.00 41.77 ? 527 HOH A O   1 
HETATM 830 O  O   . HOH C 3 .   ? -10.457 -1.049  6.141   1.00 23.26 ? 528 HOH A O   1 
HETATM 831 O  O   . HOH C 3 .   ? -11.624 0.249   -7.371  1.00 53.35 ? 529 HOH A O   1 
HETATM 832 O  O   . HOH C 3 .   ? 10.175  2.554   -6.201  1.00 36.73 ? 530 HOH A O   1 
HETATM 833 O  O   . HOH C 3 .   ? -14.195 10.030  0.919   1.00 39.36 ? 531 HOH A O   1 
HETATM 834 O  O   . HOH C 3 .   ? -6.104  9.882   1.110   1.00 32.47 ? 532 HOH A O   1 
HETATM 835 O  O   . HOH C 3 .   ? 9.720   -7.358  0.458   1.00 27.40 ? 533 HOH A O   1 
HETATM 836 O  O   . HOH C 3 .   ? -12.646 11.980  4.174   1.00 34.50 ? 534 HOH A O   1 
HETATM 837 O  O   . HOH C 3 .   ? -12.456 0.881   5.398   1.00 28.52 ? 535 HOH A O   1 
HETATM 838 O  O   . HOH C 3 .   ? 2.926   4.927   10.590  1.00 33.24 ? 536 HOH A O   1 
HETATM 839 O  O   . HOH C 3 .   ? -11.679 -8.317  4.638   1.00 29.42 ? 537 HOH A O   1 
HETATM 840 O  O   . HOH C 3 .   ? -5.271  5.529   8.800   1.00 31.91 ? 538 HOH A O   1 
HETATM 841 O  O   . HOH C 3 .   ? 3.453   -13.700 6.947   1.00 37.19 ? 539 HOH A O   1 
HETATM 842 O  O   . HOH C 3 .   ? -3.099  -11.207 10.810  1.00 31.46 ? 540 HOH A O   1 
HETATM 843 O  O   . HOH C 3 .   ? 0.577   9.483   13.172  0.50 15.56 ? 541 HOH A O   1 
HETATM 844 O  O   . HOH C 3 .   ? 4.505   3.772   12.786  1.00 37.23 ? 542 HOH A O   1 
HETATM 845 O  O   . HOH C 3 .   ? -3.602  10.247  9.967   1.00 39.42 ? 543 HOH A O   1 
HETATM 846 O  O   . HOH C 3 .   ? -1.791  -6.534  13.193  1.00 37.99 ? 544 HOH A O   1 
HETATM 847 O  O   . HOH C 3 .   ? -6.854  -5.057  -5.348  1.00 30.59 ? 545 HOH A O   1 
HETATM 848 O  O   . HOH C 3 .   ? -5.887  -16.052 -3.872  1.00 35.93 ? 546 HOH A O   1 
HETATM 849 O  O   . HOH C 3 .   ? -5.492  -10.316 10.040  1.00 29.07 ? 547 HOH A O   1 
HETATM 850 O  O   . HOH C 3 .   ? 4.973   -9.765  -4.235  1.00 53.49 ? 548 HOH A O   1 
HETATM 851 O  O   . HOH C 3 .   ? 10.118  0.521   10.880  0.50 20.08 ? 549 HOH A O   1 
HETATM 852 O  O   . HOH C 3 .   ? -13.365 9.654   -4.442  1.00 33.68 ? 550 HOH A O   1 
HETATM 853 O  O   . HOH C 3 .   ? -10.658 -10.688 -3.879  1.00 40.12 ? 551 HOH A O   1 
HETATM 854 O  O   . HOH C 3 .   ? 10.486  8.283   -4.823  1.00 25.50 ? 552 HOH A O   1 
HETATM 855 O  O   . HOH C 3 .   ? -6.174  -0.349  -6.660  1.00 22.59 ? 553 HOH A O   1 
HETATM 856 O  O   . HOH C 3 .   ? -3.594  8.831   1.214   1.00 31.88 ? 554 HOH A O   1 
HETATM 857 O  O   . HOH C 3 .   ? -3.855  -15.097 8.376   1.00 39.90 ? 555 HOH A O   1 
HETATM 858 O  O   . HOH C 3 .   ? 11.720  6.736   -6.794  1.00 33.38 ? 556 HOH A O   1 
HETATM 859 O  O   . HOH C 3 .   ? -8.902  -0.398  -6.790  1.00 36.01 ? 557 HOH A O   1 
HETATM 860 O  O   . HOH C 3 .   ? 14.617  -10.463 5.424   1.00 57.95 ? 558 HOH A O   1 
HETATM 861 O  O   . HOH C 3 .   ? -15.364 -7.886  2.730   1.00 46.78 ? 559 HOH A O   1 
HETATM 862 O  O   . HOH C 3 .   ? 3.746   13.431  -18.687 0.50 35.26 ? 560 HOH A O   1 
HETATM 863 O  O   . HOH C 3 .   ? -7.113  -7.524  -6.196  1.00 39.76 ? 561 HOH A O   1 
HETATM 864 O  O   . HOH C 3 .   ? -5.599  -3.152  -6.763  1.00 35.60 ? 562 HOH A O   1 
# 
